data_1GJ2
# 
_entry.id   1GJ2 
# 
_audit_conform.dict_name       mmcif_pdbx.dic 
_audit_conform.dict_version    5.395 
_audit_conform.dict_location   http://mmcif.pdb.org/dictionaries/ascii/mmcif_pdbx.dic 
# 
loop_
_database_2.database_id 
_database_2.database_code 
_database_2.pdbx_database_accession 
_database_2.pdbx_DOI 
PDB   1GJ2         pdb_00001gj2 10.2210/pdb1gj2/pdb 
RCSB  RCSB001568   ?            ?                   
WWPDB D_1000001568 ?            ?                   
# 
loop_
_pdbx_audit_revision_history.ordinal 
_pdbx_audit_revision_history.data_content_type 
_pdbx_audit_revision_history.major_revision 
_pdbx_audit_revision_history.minor_revision 
_pdbx_audit_revision_history.revision_date 
1 'Structure model' 1 0 2001-06-06 
2 'Structure model' 1 1 2007-10-16 
3 'Structure model' 1 2 2011-07-13 
4 'Structure model' 1 3 2022-02-23 
5 'Structure model' 1 4 2023-12-27 
6 'Structure model' 1 5 2024-07-10 
# 
_pdbx_audit_revision_details.ordinal             1 
_pdbx_audit_revision_details.revision_ordinal    1 
_pdbx_audit_revision_details.data_content_type   'Structure model' 
_pdbx_audit_revision_details.provider            repository 
_pdbx_audit_revision_details.type                'Initial release' 
_pdbx_audit_revision_details.description         ? 
_pdbx_audit_revision_details.details             ? 
# 
loop_
_pdbx_audit_revision_group.ordinal 
_pdbx_audit_revision_group.revision_ordinal 
_pdbx_audit_revision_group.data_content_type 
_pdbx_audit_revision_group.group 
1 2 'Structure model' 'Version format compliance' 
2 3 'Structure model' 'Version format compliance' 
3 4 'Structure model' 'Data collection'           
4 4 'Structure model' 'Database references'       
5 4 'Structure model' 'Derived calculations'      
6 5 'Structure model' 'Data collection'           
7 6 'Structure model' 'Data collection'           
# 
loop_
_pdbx_audit_revision_category.ordinal 
_pdbx_audit_revision_category.revision_ordinal 
_pdbx_audit_revision_category.data_content_type 
_pdbx_audit_revision_category.category 
1  4 'Structure model' database_2            
2  4 'Structure model' pdbx_nmr_software     
3  4 'Structure model' pdbx_struct_assembly  
4  4 'Structure model' pdbx_struct_oper_list 
5  4 'Structure model' struct_conn           
6  4 'Structure model' struct_conn_type      
7  4 'Structure model' struct_site           
8  5 'Structure model' chem_comp_atom        
9  5 'Structure model' chem_comp_bond        
10 6 'Structure model' pdbx_nmr_spectrometer 
# 
loop_
_pdbx_audit_revision_item.ordinal 
_pdbx_audit_revision_item.revision_ordinal 
_pdbx_audit_revision_item.data_content_type 
_pdbx_audit_revision_item.item 
1  4 'Structure model' '_database_2.pdbx_DOI'                
2  4 'Structure model' '_database_2.pdbx_database_accession' 
3  4 'Structure model' '_pdbx_nmr_software.name'             
4  4 'Structure model' '_struct_conn.conn_type_id'           
5  4 'Structure model' '_struct_conn.id'                     
6  4 'Structure model' '_struct_conn.pdbx_dist_value'        
7  4 'Structure model' '_struct_conn.pdbx_leaving_atom_flag' 
8  4 'Structure model' '_struct_conn.ptnr1_auth_asym_id'     
9  4 'Structure model' '_struct_conn.ptnr1_auth_comp_id'     
10 4 'Structure model' '_struct_conn.ptnr1_auth_seq_id'      
11 4 'Structure model' '_struct_conn.ptnr1_label_asym_id'    
12 4 'Structure model' '_struct_conn.ptnr1_label_atom_id'    
13 4 'Structure model' '_struct_conn.ptnr1_label_comp_id'    
14 4 'Structure model' '_struct_conn.ptnr1_label_seq_id'     
15 4 'Structure model' '_struct_conn.ptnr2_auth_asym_id'     
16 4 'Structure model' '_struct_conn.ptnr2_auth_comp_id'     
17 4 'Structure model' '_struct_conn.ptnr2_auth_seq_id'      
18 4 'Structure model' '_struct_conn.ptnr2_label_asym_id'    
19 4 'Structure model' '_struct_conn.ptnr2_label_atom_id'    
20 4 'Structure model' '_struct_conn.ptnr2_label_comp_id'    
21 4 'Structure model' '_struct_conn_type.id'                
22 4 'Structure model' '_struct_site.pdbx_auth_asym_id'      
23 4 'Structure model' '_struct_site.pdbx_auth_comp_id'      
24 4 'Structure model' '_struct_site.pdbx_auth_seq_id'       
25 6 'Structure model' '_pdbx_nmr_spectrometer.model'        
# 
_pdbx_database_status.status_code                     REL 
_pdbx_database_status.entry_id                        1GJ2 
_pdbx_database_status.recvd_initial_deposition_date   2000-11-01 
_pdbx_database_status.deposit_site                    RCSB 
_pdbx_database_status.process_site                    RCSB 
_pdbx_database_status.SG_entry                        . 
_pdbx_database_status.pdb_format_compatible           Y 
_pdbx_database_status.status_code_mr                  ? 
_pdbx_database_status.status_code_sf                  ? 
_pdbx_database_status.status_code_cs                  ? 
_pdbx_database_status.status_code_nmr_data            ? 
_pdbx_database_status.methods_development_category    ? 
# 
loop_
_pdbx_database_related.db_name 
_pdbx_database_related.db_id 
_pdbx_database_related.details 
_pdbx_database_related.content_type 
PDB 1G5D 'Ensemble: 1G5D has the same sequence and contains an abasic site (alpha anomer) instead of the phosphoglycolate lesion' 
unspecified 
PDB 1GIZ 
;Minimized Average Structure: 1GIZ has the same sequence and contains an abasic site (alpha anomer) instead of the phosphoglycolate lesion
;
unspecified 
PDB 1G5E 'Ensemble: 1G5E has the same sequence and contains an abasic site (beta anomer) instead of the phosphoglycolate lesion' 
unspecified 
PDB 1GJ0 
;Minimized Average Structure: 1GJ0 has the same sequence and contains an abasic site (beta anomer) instead of the phosphoglycolate lesion
;
unspecified 
PDB 1G5K 
'Ensemble: 1G5K is the structure of the oligonucleotide containing the phosphoglycolate lesion without the bleomycin bound.' 
unspecified 
PDB 1GJ1 
;Minimized Average Structure: 1GJ1 is the structure of the oligonucleotide containing the phosphoglycolate lesion without the bleomycin bound.
;
unspecified 
PDB 1G5L 'Ensemble: 1G5L is Co(III)-Bleomycin-OOH bound to an oligonucleotide containing a phosphoglycolate lesion' unspecified 
# 
loop_
_audit_author.name 
_audit_author.pdbx_ordinal 
'Hoehn, S.T.'   1 
'Junker, H.-D.' 2 
'Bunt, R.C.'    3 
'Turner, C.J.'  4 
'Stubbe, J.'    5 
# 
_citation.id                        primary 
_citation.title                     
;Solution structure of Co(III)-bleomycin-OOH bound to a phosphoglycolate lesion containing oligonucleotide: implications for bleomycin-induced double-strand DNA cleavage.
;
_citation.journal_abbrev            Biochemistry 
_citation.journal_volume            40 
_citation.page_first                5894 
_citation.page_last                 5905 
_citation.year                      2001 
_citation.journal_id_ASTM           BICHAW 
_citation.country                   US 
_citation.journal_id_ISSN           0006-2960 
_citation.journal_id_CSD            0033 
_citation.book_publisher            ? 
_citation.pdbx_database_id_PubMed   11352724 
_citation.pdbx_database_id_DOI      10.1021/bi002635g 
# 
loop_
_citation_author.citation_id 
_citation_author.name 
_citation_author.ordinal 
_citation_author.identifier_ORCID 
primary 'Hoehn, S.T.'  1 ? 
primary 'Junker, H.D.' 2 ? 
primary 'Bunt, R.C.'   3 ? 
primary 'Turner, C.J.' 4 ? 
primary 'Stubbe, J.'   5 ? 
# 
loop_
_entity.id 
_entity.type 
_entity.src_method 
_entity.pdbx_description 
_entity.formula_weight 
_entity.pdbx_number_of_molecules 
_entity.pdbx_ec 
_entity.pdbx_mutation 
_entity.pdbx_fragment 
_entity.details 
1 polymer     syn "5'-D(*CP*CP*AP*AP*AP*G)-3'"                      1802.232 1 ? ? ? ? 
2 polymer     syn "5'-D(P*AP*CP*TP*GP*GP*G)-3'"                     1849.241 1 ? ? ? ? 
3 polymer     syn "5'-D(*CP*CP*CP*AP*GP*TP*AP*CP*TP*TP*TP*GP*G)-3'" 3942.572 1 ? ? ? ? 
4 non-polymer man '2-PHOSPHOGLYCOLIC ACID'                          156.031  1 ? ? ? ? 
5 non-polymer syn 'COBALT (III) ION'                                58.933   1 ? ? ? ? 
6 non-polymer syn 'OXYGEN ATOM'                                     15.999   1 ? ? ? ? 
7 non-polymer syn 'BLEOMYCIN B2'                                    1426.515 1 ? ? ? ? 
8 non-polymer syn 'HYDROGEN PEROXIDE'                               34.015   1 ? ? ? ? 
# 
loop_
_entity_poly.entity_id 
_entity_poly.type 
_entity_poly.nstd_linkage 
_entity_poly.nstd_monomer 
_entity_poly.pdbx_seq_one_letter_code 
_entity_poly.pdbx_seq_one_letter_code_can 
_entity_poly.pdbx_strand_id 
_entity_poly.pdbx_target_identifier 
1 polydeoxyribonucleotide no no '(DC)(DC)(DA)(DA)(DA)(DG)'                             CCAAAG        A ? 
2 polydeoxyribonucleotide no no '(DA)(DC)(DT)(DG)(DG)(DG)'                             ACTGGG        B ? 
3 polydeoxyribonucleotide no no '(DC)(DC)(DC)(DA)(DG)(DT)(DA)(DC)(DT)(DT)(DT)(DG)(DG)' CCCAGTACTTTGG C ? 
# 
loop_
_pdbx_entity_nonpoly.entity_id 
_pdbx_entity_nonpoly.name 
_pdbx_entity_nonpoly.comp_id 
4 '2-PHOSPHOGLYCOLIC ACID' PGA 
5 'COBALT (III) ION'       3CO 
6 'OXYGEN ATOM'            O   
7 'BLEOMYCIN B2'           BLB 
8 'HYDROGEN PEROXIDE'      PEO 
# 
loop_
_entity_poly_seq.entity_id 
_entity_poly_seq.num 
_entity_poly_seq.mon_id 
_entity_poly_seq.hetero 
1 1  DC n 
1 2  DC n 
1 3  DA n 
1 4  DA n 
1 5  DA n 
1 6  DG n 
2 1  DA n 
2 2  DC n 
2 3  DT n 
2 4  DG n 
2 5  DG n 
2 6  DG n 
3 1  DC n 
3 2  DC n 
3 3  DC n 
3 4  DA n 
3 5  DG n 
3 6  DT n 
3 7  DA n 
3 8  DC n 
3 9  DT n 
3 10 DT n 
3 11 DT n 
3 12 DG n 
3 13 DG n 
# 
loop_
_chem_comp.id 
_chem_comp.type 
_chem_comp.mon_nstd_flag 
_chem_comp.name 
_chem_comp.pdbx_synonyms 
_chem_comp.formula 
_chem_comp.formula_weight 
3CO non-polymer   . 'COBALT (III) ION'                   ? 'Co 3'                 58.933   
BLB non-polymer   . 'BLEOMYCIN B2'                       ? 'C55 H85 N20 O21 S2 1' 1426.515 
DA  'DNA linking' y "2'-DEOXYADENOSINE-5'-MONOPHOSPHATE" ? 'C10 H14 N5 O6 P'      331.222  
DC  'DNA linking' y "2'-DEOXYCYTIDINE-5'-MONOPHOSPHATE"  ? 'C9 H14 N3 O7 P'       307.197  
DG  'DNA linking' y "2'-DEOXYGUANOSINE-5'-MONOPHOSPHATE" ? 'C10 H14 N5 O7 P'      347.221  
DT  'DNA linking' y "THYMIDINE-5'-MONOPHOSPHATE"         ? 'C10 H15 N2 O8 P'      322.208  
O   non-polymer   . 'OXYGEN ATOM'                        ? O                      15.999   
PEO non-polymer   . 'HYDROGEN PEROXIDE'                  ? 'H2 O2'                34.015   
PGA non-polymer   . '2-PHOSPHOGLYCOLIC ACID'             ? 'C2 H5 O6 P'           156.031  
# 
loop_
_pdbx_poly_seq_scheme.asym_id 
_pdbx_poly_seq_scheme.entity_id 
_pdbx_poly_seq_scheme.seq_id 
_pdbx_poly_seq_scheme.mon_id 
_pdbx_poly_seq_scheme.ndb_seq_num 
_pdbx_poly_seq_scheme.pdb_seq_num 
_pdbx_poly_seq_scheme.auth_seq_num 
_pdbx_poly_seq_scheme.pdb_mon_id 
_pdbx_poly_seq_scheme.auth_mon_id 
_pdbx_poly_seq_scheme.pdb_strand_id 
_pdbx_poly_seq_scheme.pdb_ins_code 
_pdbx_poly_seq_scheme.hetero 
A 1 1  DC 1  1  1  DC C A . n 
A 1 2  DC 2  2  2  DC C A . n 
A 1 3  DA 3  3  3  DA A A . n 
A 1 4  DA 4  4  4  DA A A . n 
A 1 5  DA 5  5  5  DA A A . n 
A 1 6  DG 6  6  6  DG G A . n 
B 2 1  DA 1  8  8  DA A B . n 
B 2 2  DC 2  9  9  DC C B . n 
B 2 3  DT 3  10 10 DT T B . n 
B 2 4  DG 4  11 11 DG G B . n 
B 2 5  DG 5  12 12 DG G B . n 
B 2 6  DG 6  13 13 DG G B . n 
C 3 1  DC 1  14 14 DC C C . n 
C 3 2  DC 2  15 15 DC C C . n 
C 3 3  DC 3  16 16 DC C C . n 
C 3 4  DA 4  17 17 DA A C . n 
C 3 5  DG 5  18 18 DG G C . n 
C 3 6  DT 6  19 19 DT T C . n 
C 3 7  DA 7  20 20 DA A C . n 
C 3 8  DC 8  21 21 DC C C . n 
C 3 9  DT 9  22 22 DT T C . n 
C 3 10 DT 10 23 23 DT T C . n 
C 3 11 DT 11 24 24 DT T C . n 
C 3 12 DG 12 25 25 DG G C . n 
C 3 13 DG 13 26 26 DG G C . n 
# 
loop_
_pdbx_nonpoly_scheme.asym_id 
_pdbx_nonpoly_scheme.entity_id 
_pdbx_nonpoly_scheme.mon_id 
_pdbx_nonpoly_scheme.ndb_seq_num 
_pdbx_nonpoly_scheme.pdb_seq_num 
_pdbx_nonpoly_scheme.auth_seq_num 
_pdbx_nonpoly_scheme.pdb_mon_id 
_pdbx_nonpoly_scheme.auth_mon_id 
_pdbx_nonpoly_scheme.pdb_strand_id 
_pdbx_nonpoly_scheme.pdb_ins_code 
D 4 PGA 1 7  6  PGA 2PL A . 
E 5 3CO 1 14 10 3CO 3CO B . 
F 6 O   1 15 8  O   O   B . 
G 7 BLB 1 1  1  BLB BLB C . 
H 8 PEO 1 11 11 PEO PEO C . 
# 
_cell.entry_id           1GJ2 
_cell.length_a           1.000 
_cell.length_b           1.000 
_cell.length_c           1.000 
_cell.angle_alpha        90.00 
_cell.angle_beta         90.00 
_cell.angle_gamma        90.00 
_cell.Z_PDB              1 
_cell.pdbx_unique_axis   ? 
# 
_symmetry.entry_id                         1GJ2 
_symmetry.space_group_name_H-M             'P 1' 
_symmetry.pdbx_full_space_group_name_H-M   ? 
_symmetry.cell_setting                     ? 
_symmetry.Int_Tables_number                1 
# 
_exptl.entry_id          1GJ2 
_exptl.method            'SOLUTION NMR' 
_exptl.crystals_number   ? 
# 
_struct.entry_id                  1GJ2 
_struct.title                     'CO(III)-BLEOMYCIN-OOH BOUND TO AN OLIGONUCLEOTIDE CONTAINING A PHOSPHOGLYCOLATE LESION' 
_struct.pdbx_model_details        ? 
_struct.pdbx_CASP_flag            ? 
_struct.pdbx_model_type_details   ? 
# 
_struct_keywords.entry_id        1GJ2 
_struct_keywords.pdbx_keywords   DNA 
_struct_keywords.text            'DAMAGED DNA, DNA-DRUG COMPLEX, INTERCALATION, DNA' 
# 
loop_
_struct_asym.id 
_struct_asym.pdbx_blank_PDB_chainid_flag 
_struct_asym.pdbx_modified 
_struct_asym.entity_id 
_struct_asym.details 
A N N 1 ? 
B N N 2 ? 
C N N 3 ? 
D N N 4 ? 
E N N 5 ? 
F N N 6 ? 
G N N 7 ? 
H N N 8 ? 
# 
loop_
_struct_ref.id 
_struct_ref.entity_id 
_struct_ref.db_name 
_struct_ref.db_code 
_struct_ref.pdbx_db_accession 
_struct_ref.pdbx_db_isoform 
_struct_ref.pdbx_seq_one_letter_code 
_struct_ref.pdbx_align_begin 
1 1 PDB 1GJ2 1GJ2 ? ? ? 
2 2 PDB 1GJ2 1GJ2 ? ? ? 
3 3 PDB 1GJ2 1GJ2 ? ? ? 
# 
loop_
_struct_ref_seq.align_id 
_struct_ref_seq.ref_id 
_struct_ref_seq.pdbx_PDB_id_code 
_struct_ref_seq.pdbx_strand_id 
_struct_ref_seq.seq_align_beg 
_struct_ref_seq.pdbx_seq_align_beg_ins_code 
_struct_ref_seq.seq_align_end 
_struct_ref_seq.pdbx_seq_align_end_ins_code 
_struct_ref_seq.pdbx_db_accession 
_struct_ref_seq.db_align_beg 
_struct_ref_seq.pdbx_db_align_beg_ins_code 
_struct_ref_seq.db_align_end 
_struct_ref_seq.pdbx_db_align_end_ins_code 
_struct_ref_seq.pdbx_auth_seq_align_beg 
_struct_ref_seq.pdbx_auth_seq_align_end 
1 1 1GJ2 A 1 ? 6  ? 1GJ2 1  ? 6  ? 1  6  
2 2 1GJ2 B 1 ? 6  ? 1GJ2 8  ? 13 ? 8  13 
3 3 1GJ2 C 1 ? 13 ? 1GJ2 14 ? 26 ? 14 26 
# 
_pdbx_struct_assembly.id                   1 
_pdbx_struct_assembly.details              author_defined_assembly 
_pdbx_struct_assembly.method_details       ? 
_pdbx_struct_assembly.oligomeric_details   trimeric 
_pdbx_struct_assembly.oligomeric_count     3 
# 
_pdbx_struct_assembly_gen.assembly_id       1 
_pdbx_struct_assembly_gen.oper_expression   1 
_pdbx_struct_assembly_gen.asym_id_list      A,B,C,D,E,F,G,H 
# 
_pdbx_struct_oper_list.id                   1 
_pdbx_struct_oper_list.type                 'identity operation' 
_pdbx_struct_oper_list.name                 1_555 
_pdbx_struct_oper_list.symmetry_operation   x,y,z 
_pdbx_struct_oper_list.matrix[1][1]         1.0000000000 
_pdbx_struct_oper_list.matrix[1][2]         0.0000000000 
_pdbx_struct_oper_list.matrix[1][3]         0.0000000000 
_pdbx_struct_oper_list.vector[1]            0.0000000000 
_pdbx_struct_oper_list.matrix[2][1]         0.0000000000 
_pdbx_struct_oper_list.matrix[2][2]         1.0000000000 
_pdbx_struct_oper_list.matrix[2][3]         0.0000000000 
_pdbx_struct_oper_list.vector[2]            0.0000000000 
_pdbx_struct_oper_list.matrix[3][1]         0.0000000000 
_pdbx_struct_oper_list.matrix[3][2]         0.0000000000 
_pdbx_struct_oper_list.matrix[3][3]         1.0000000000 
_pdbx_struct_oper_list.vector[3]            0.0000000000 
# 
_struct_biol.id                    1 
_struct_biol.pdbx_parent_biol_id   ? 
_struct_biol.details               ? 
# 
loop_
_struct_conn.id 
_struct_conn.conn_type_id 
_struct_conn.pdbx_leaving_atom_flag 
_struct_conn.pdbx_PDB_id 
_struct_conn.ptnr1_label_asym_id 
_struct_conn.ptnr1_label_comp_id 
_struct_conn.ptnr1_label_seq_id 
_struct_conn.ptnr1_label_atom_id 
_struct_conn.pdbx_ptnr1_label_alt_id 
_struct_conn.pdbx_ptnr1_PDB_ins_code 
_struct_conn.pdbx_ptnr1_standard_comp_id 
_struct_conn.ptnr1_symmetry 
_struct_conn.ptnr2_label_asym_id 
_struct_conn.ptnr2_label_comp_id 
_struct_conn.ptnr2_label_seq_id 
_struct_conn.ptnr2_label_atom_id 
_struct_conn.pdbx_ptnr2_label_alt_id 
_struct_conn.pdbx_ptnr2_PDB_ins_code 
_struct_conn.ptnr1_auth_asym_id 
_struct_conn.ptnr1_auth_comp_id 
_struct_conn.ptnr1_auth_seq_id 
_struct_conn.ptnr2_auth_asym_id 
_struct_conn.ptnr2_auth_comp_id 
_struct_conn.ptnr2_auth_seq_id 
_struct_conn.ptnr2_symmetry 
_struct_conn.pdbx_ptnr3_label_atom_id 
_struct_conn.pdbx_ptnr3_label_seq_id 
_struct_conn.pdbx_ptnr3_label_comp_id 
_struct_conn.pdbx_ptnr3_label_asym_id 
_struct_conn.pdbx_ptnr3_label_alt_id 
_struct_conn.pdbx_ptnr3_PDB_ins_code 
_struct_conn.details 
_struct_conn.pdbx_dist_value 
_struct_conn.pdbx_value_order 
_struct_conn.pdbx_role 
covale1  covale one  ? A DG  6 "O3'" ? ? ? 1_555 D PGA .  P  ? ? A DG  6  A PGA 7  1_555 ? ? ? ? ? ? ?            1.600 ? ? 
covale2  covale both ? B DA  1 P     ? ? ? 1_555 F O   .  O  ? ? B DA  8  B O   15 1_555 ? ? ? ? ? ? ?            1.481 ? ? 
metalc1  metalc ?    ? E 3CO . CO    ? ? ? 1_555 G BLB .  NC ? ? B 3CO 14 C BLB 1  1_555 ? ? ? ? ? ? ?            2.000 ? ? 
metalc2  metalc ?    ? E 3CO . CO    ? ? ? 1_555 G BLB .  NB ? ? B 3CO 14 C BLB 1  1_555 ? ? ? ? ? ? ?            1.950 ? ? 
metalc3  metalc ?    ? E 3CO . CO    ? ? ? 1_555 G BLB .  NG ? ? B 3CO 14 C BLB 1  1_555 ? ? ? ? ? ? ?            1.854 ? ? 
metalc4  metalc ?    ? E 3CO . CO    ? ? ? 1_555 G BLB .  NH ? ? B 3CO 14 C BLB 1  1_555 ? ? ? ? ? ? ?            1.926 ? ? 
metalc5  metalc ?    ? E 3CO . CO    ? ? ? 1_555 G BLB .  NJ ? ? B 3CO 14 C BLB 1  1_555 ? ? ? ? ? ? ?            1.918 ? ? 
metalc6  metalc ?    ? E 3CO . CO    ? ? ? 1_555 H PEO .  O1 ? ? B 3CO 14 C PEO 11 1_555 ? ? ? ? ? ? ?            2.033 ? ? 
hydrog1  hydrog ?    ? A DC  1 N3    ? ? ? 1_555 C DG  13 N1 ? ? A DC  1  C DG  26 1_555 ? ? ? ? ? ? WATSON-CRICK ?     ? ? 
hydrog2  hydrog ?    ? A DC  1 N4    ? ? ? 1_555 C DG  13 O6 ? ? A DC  1  C DG  26 1_555 ? ? ? ? ? ? WATSON-CRICK ?     ? ? 
hydrog3  hydrog ?    ? A DC  1 O2    ? ? ? 1_555 C DG  13 N2 ? ? A DC  1  C DG  26 1_555 ? ? ? ? ? ? WATSON-CRICK ?     ? ? 
hydrog4  hydrog ?    ? A DC  2 N3    ? ? ? 1_555 C DG  12 N1 ? ? A DC  2  C DG  25 1_555 ? ? ? ? ? ? WATSON-CRICK ?     ? ? 
hydrog5  hydrog ?    ? A DC  2 N4    ? ? ? 1_555 C DG  12 O6 ? ? A DC  2  C DG  25 1_555 ? ? ? ? ? ? WATSON-CRICK ?     ? ? 
hydrog6  hydrog ?    ? A DC  2 O2    ? ? ? 1_555 C DG  12 N2 ? ? A DC  2  C DG  25 1_555 ? ? ? ? ? ? WATSON-CRICK ?     ? ? 
hydrog7  hydrog ?    ? A DA  3 N1    ? ? ? 1_555 C DT  11 N3 ? ? A DA  3  C DT  24 1_555 ? ? ? ? ? ? WATSON-CRICK ?     ? ? 
hydrog8  hydrog ?    ? A DA  3 N6    ? ? ? 1_555 C DT  11 O4 ? ? A DA  3  C DT  24 1_555 ? ? ? ? ? ? WATSON-CRICK ?     ? ? 
hydrog9  hydrog ?    ? A DA  4 N1    ? ? ? 1_555 C DT  10 N3 ? ? A DA  4  C DT  23 1_555 ? ? ? ? ? ? WATSON-CRICK ?     ? ? 
hydrog10 hydrog ?    ? A DA  4 N6    ? ? ? 1_555 C DT  10 O4 ? ? A DA  4  C DT  23 1_555 ? ? ? ? ? ? WATSON-CRICK ?     ? ? 
hydrog11 hydrog ?    ? A DA  5 N1    ? ? ? 1_555 C DT  9  N3 ? ? A DA  5  C DT  22 1_555 ? ? ? ? ? ? WATSON-CRICK ?     ? ? 
hydrog12 hydrog ?    ? A DA  5 N6    ? ? ? 1_555 C DT  9  O4 ? ? A DA  5  C DT  22 1_555 ? ? ? ? ? ? WATSON-CRICK ?     ? ? 
hydrog13 hydrog ?    ? A DG  6 N1    ? ? ? 1_555 C DC  8  N3 ? ? A DG  6  C DC  21 1_555 ? ? ? ? ? ? WATSON-CRICK ?     ? ? 
hydrog14 hydrog ?    ? A DG  6 N2    ? ? ? 1_555 C DC  8  O2 ? ? A DG  6  C DC  21 1_555 ? ? ? ? ? ? WATSON-CRICK ?     ? ? 
hydrog15 hydrog ?    ? A DG  6 O6    ? ? ? 1_555 C DC  8  N4 ? ? A DG  6  C DC  21 1_555 ? ? ? ? ? ? WATSON-CRICK ?     ? ? 
hydrog16 hydrog ?    ? B DA  1 N1    ? ? ? 1_555 C DT  6  N3 ? ? B DA  8  C DT  19 1_555 ? ? ? ? ? ? WATSON-CRICK ?     ? ? 
hydrog17 hydrog ?    ? B DA  1 N6    ? ? ? 1_555 C DT  6  O4 ? ? B DA  8  C DT  19 1_555 ? ? ? ? ? ? WATSON-CRICK ?     ? ? 
hydrog18 hydrog ?    ? B DC  2 N3    ? ? ? 1_555 C DG  5  N1 ? ? B DC  9  C DG  18 1_555 ? ? ? ? ? ? WATSON-CRICK ?     ? ? 
hydrog19 hydrog ?    ? B DC  2 N4    ? ? ? 1_555 C DG  5  O6 ? ? B DC  9  C DG  18 1_555 ? ? ? ? ? ? WATSON-CRICK ?     ? ? 
hydrog20 hydrog ?    ? B DC  2 O2    ? ? ? 1_555 C DG  5  N2 ? ? B DC  9  C DG  18 1_555 ? ? ? ? ? ? WATSON-CRICK ?     ? ? 
hydrog21 hydrog ?    ? B DT  3 N3    ? ? ? 1_555 C DA  4  N1 ? ? B DT  10 C DA  17 1_555 ? ? ? ? ? ? WATSON-CRICK ?     ? ? 
hydrog22 hydrog ?    ? B DT  3 O4    ? ? ? 1_555 C DA  4  N6 ? ? B DT  10 C DA  17 1_555 ? ? ? ? ? ? WATSON-CRICK ?     ? ? 
hydrog23 hydrog ?    ? B DG  4 N1    ? ? ? 1_555 C DC  3  N3 ? ? B DG  11 C DC  16 1_555 ? ? ? ? ? ? WATSON-CRICK ?     ? ? 
hydrog24 hydrog ?    ? B DG  4 N2    ? ? ? 1_555 C DC  3  O2 ? ? B DG  11 C DC  16 1_555 ? ? ? ? ? ? WATSON-CRICK ?     ? ? 
hydrog25 hydrog ?    ? B DG  4 O6    ? ? ? 1_555 C DC  3  N4 ? ? B DG  11 C DC  16 1_555 ? ? ? ? ? ? WATSON-CRICK ?     ? ? 
hydrog26 hydrog ?    ? B DG  5 N1    ? ? ? 1_555 C DC  2  N3 ? ? B DG  12 C DC  15 1_555 ? ? ? ? ? ? WATSON-CRICK ?     ? ? 
hydrog27 hydrog ?    ? B DG  5 N2    ? ? ? 1_555 C DC  2  O2 ? ? B DG  12 C DC  15 1_555 ? ? ? ? ? ? WATSON-CRICK ?     ? ? 
hydrog28 hydrog ?    ? B DG  5 O6    ? ? ? 1_555 C DC  2  N4 ? ? B DG  12 C DC  15 1_555 ? ? ? ? ? ? WATSON-CRICK ?     ? ? 
hydrog29 hydrog ?    ? B DG  6 N1    ? ? ? 1_555 C DC  1  N3 ? ? B DG  13 C DC  14 1_555 ? ? ? ? ? ? WATSON-CRICK ?     ? ? 
hydrog30 hydrog ?    ? B DG  6 N2    ? ? ? 1_555 C DC  1  O2 ? ? B DG  13 C DC  14 1_555 ? ? ? ? ? ? WATSON-CRICK ?     ? ? 
hydrog31 hydrog ?    ? B DG  6 O6    ? ? ? 1_555 C DC  1  N4 ? ? B DG  13 C DC  14 1_555 ? ? ? ? ? ? WATSON-CRICK ?     ? ? 
# 
loop_
_struct_conn_type.id 
_struct_conn_type.criteria 
_struct_conn_type.reference 
covale ? ? 
metalc ? ? 
hydrog ? ? 
# 
loop_
_pdbx_struct_conn_angle.id 
_pdbx_struct_conn_angle.ptnr1_label_atom_id 
_pdbx_struct_conn_angle.ptnr1_label_alt_id 
_pdbx_struct_conn_angle.ptnr1_label_asym_id 
_pdbx_struct_conn_angle.ptnr1_label_comp_id 
_pdbx_struct_conn_angle.ptnr1_label_seq_id 
_pdbx_struct_conn_angle.ptnr1_auth_atom_id 
_pdbx_struct_conn_angle.ptnr1_auth_asym_id 
_pdbx_struct_conn_angle.ptnr1_auth_comp_id 
_pdbx_struct_conn_angle.ptnr1_auth_seq_id 
_pdbx_struct_conn_angle.ptnr1_PDB_ins_code 
_pdbx_struct_conn_angle.ptnr1_symmetry 
_pdbx_struct_conn_angle.ptnr2_label_atom_id 
_pdbx_struct_conn_angle.ptnr2_label_alt_id 
_pdbx_struct_conn_angle.ptnr2_label_asym_id 
_pdbx_struct_conn_angle.ptnr2_label_comp_id 
_pdbx_struct_conn_angle.ptnr2_label_seq_id 
_pdbx_struct_conn_angle.ptnr2_auth_atom_id 
_pdbx_struct_conn_angle.ptnr2_auth_asym_id 
_pdbx_struct_conn_angle.ptnr2_auth_comp_id 
_pdbx_struct_conn_angle.ptnr2_auth_seq_id 
_pdbx_struct_conn_angle.ptnr2_PDB_ins_code 
_pdbx_struct_conn_angle.ptnr2_symmetry 
_pdbx_struct_conn_angle.ptnr3_label_atom_id 
_pdbx_struct_conn_angle.ptnr3_label_alt_id 
_pdbx_struct_conn_angle.ptnr3_label_asym_id 
_pdbx_struct_conn_angle.ptnr3_label_comp_id 
_pdbx_struct_conn_angle.ptnr3_label_seq_id 
_pdbx_struct_conn_angle.ptnr3_auth_atom_id 
_pdbx_struct_conn_angle.ptnr3_auth_asym_id 
_pdbx_struct_conn_angle.ptnr3_auth_comp_id 
_pdbx_struct_conn_angle.ptnr3_auth_seq_id 
_pdbx_struct_conn_angle.ptnr3_PDB_ins_code 
_pdbx_struct_conn_angle.ptnr3_symmetry 
_pdbx_struct_conn_angle.value 
_pdbx_struct_conn_angle.value_esd 
1  NC ? G BLB . ? C BLB 1 ? 1_555 CO ? E 3CO . ? B 3CO 14 ? 1_555 NB ? G BLB . ? C BLB 1  ? 1_555 84.5  ? 
2  NC ? G BLB . ? C BLB 1 ? 1_555 CO ? E 3CO . ? B 3CO 14 ? 1_555 NG ? G BLB . ? C BLB 1  ? 1_555 77.6  ? 
3  NB ? G BLB . ? C BLB 1 ? 1_555 CO ? E 3CO . ? B 3CO 14 ? 1_555 NG ? G BLB . ? C BLB 1  ? 1_555 93.5  ? 
4  NC ? G BLB . ? C BLB 1 ? 1_555 CO ? E 3CO . ? B 3CO 14 ? 1_555 NH ? G BLB . ? C BLB 1  ? 1_555 154.8 ? 
5  NB ? G BLB . ? C BLB 1 ? 1_555 CO ? E 3CO . ? B 3CO 14 ? 1_555 NH ? G BLB . ? C BLB 1  ? 1_555 86.9  ? 
6  NG ? G BLB . ? C BLB 1 ? 1_555 CO ? E 3CO . ? B 3CO 14 ? 1_555 NH ? G BLB . ? C BLB 1  ? 1_555 79.3  ? 
7  NC ? G BLB . ? C BLB 1 ? 1_555 CO ? E 3CO . ? B 3CO 14 ? 1_555 NJ ? G BLB . ? C BLB 1  ? 1_555 114.6 ? 
8  NB ? G BLB . ? C BLB 1 ? 1_555 CO ? E 3CO . ? B 3CO 14 ? 1_555 NJ ? G BLB . ? C BLB 1  ? 1_555 93.5  ? 
9  NG ? G BLB . ? C BLB 1 ? 1_555 CO ? E 3CO . ? B 3CO 14 ? 1_555 NJ ? G BLB . ? C BLB 1  ? 1_555 166.5 ? 
10 NH ? G BLB . ? C BLB 1 ? 1_555 CO ? E 3CO . ? B 3CO 14 ? 1_555 NJ ? G BLB . ? C BLB 1  ? 1_555 89.6  ? 
11 NC ? G BLB . ? C BLB 1 ? 1_555 CO ? E 3CO . ? B 3CO 14 ? 1_555 O1 ? H PEO . ? C PEO 11 ? 1_555 93.6  ? 
12 NB ? G BLB . ? C BLB 1 ? 1_555 CO ? E 3CO . ? B 3CO 14 ? 1_555 O1 ? H PEO . ? C PEO 11 ? 1_555 174.2 ? 
13 NG ? G BLB . ? C BLB 1 ? 1_555 CO ? E 3CO . ? B 3CO 14 ? 1_555 O1 ? H PEO . ? C PEO 11 ? 1_555 91.5  ? 
14 NH ? G BLB . ? C BLB 1 ? 1_555 CO ? E 3CO . ? B 3CO 14 ? 1_555 O1 ? H PEO . ? C PEO 11 ? 1_555 97.0  ? 
15 NJ ? G BLB . ? C BLB 1 ? 1_555 CO ? E 3CO . ? B 3CO 14 ? 1_555 O1 ? H PEO . ? C PEO 11 ? 1_555 82.3  ? 
# 
loop_
_struct_site.id 
_struct_site.pdbx_evidence_code 
_struct_site.pdbx_auth_asym_id 
_struct_site.pdbx_auth_comp_id 
_struct_site.pdbx_auth_seq_id 
_struct_site.pdbx_auth_ins_code 
_struct_site.pdbx_num_residues 
_struct_site.details 
AC1 Software A PGA 7  ? 2  'BINDING SITE FOR RESIDUE PGA A 7'  
AC2 Software B 3CO 14 ? 2  'BINDING SITE FOR RESIDUE 3CO B 14' 
AC3 Software B O   15 ? 1  'BINDING SITE FOR RESIDUE O B 15'   
AC4 Software C BLB 1  ? 13 'BINDING SITE FOR RESIDUE BLB C 1'  
AC5 Software C PEO 11 ? 3  'BINDING SITE FOR RESIDUE PEO C 11' 
# 
loop_
_struct_site_gen.id 
_struct_site_gen.site_id 
_struct_site_gen.pdbx_num_res 
_struct_site_gen.label_comp_id 
_struct_site_gen.label_asym_id 
_struct_site_gen.label_seq_id 
_struct_site_gen.pdbx_auth_ins_code 
_struct_site_gen.auth_comp_id 
_struct_site_gen.auth_asym_id 
_struct_site_gen.auth_seq_id 
_struct_site_gen.label_atom_id 
_struct_site_gen.label_alt_id 
_struct_site_gen.symmetry 
_struct_site_gen.details 
1  AC1 2  DG  A 6 ? DG  A 6  . ? 1_555 ? 
2  AC1 2  BLB G . ? BLB C 1  . ? 1_555 ? 
3  AC2 2  BLB G . ? BLB C 1  . ? 1_555 ? 
4  AC2 2  PEO H . ? PEO C 11 . ? 1_555 ? 
5  AC3 1  DA  B 1 ? DA  B 8  . ? 1_555 ? 
6  AC4 13 DG  A 6 ? DG  A 6  . ? 1_555 ? 
7  AC4 13 PGA D . ? PGA A 7  . ? 1_555 ? 
8  AC4 13 DA  B 1 ? DA  B 8  . ? 1_555 ? 
9  AC4 13 DC  B 2 ? DC  B 9  . ? 1_555 ? 
10 AC4 13 DT  B 3 ? DT  B 10 . ? 1_555 ? 
11 AC4 13 DG  B 4 ? DG  B 11 . ? 1_555 ? 
12 AC4 13 DG  B 5 ? DG  B 12 . ? 1_555 ? 
13 AC4 13 DG  B 6 ? DG  B 13 . ? 1_555 ? 
14 AC4 13 3CO E . ? 3CO B 14 . ? 1_555 ? 
15 AC4 13 PEO H . ? PEO C 11 . ? 1_555 ? 
16 AC4 13 DG  C 5 ? DG  C 18 . ? 1_555 ? 
17 AC4 13 DT  C 6 ? DT  C 19 . ? 1_555 ? 
18 AC4 13 DA  C 7 ? DA  C 20 . ? 1_555 ? 
19 AC5 3  3CO E . ? 3CO B 14 . ? 1_555 ? 
20 AC5 3  BLB G . ? BLB C 1  . ? 1_555 ? 
21 AC5 3  DT  C 6 ? DT  C 19 . ? 1_555 ? 
# 
loop_
_pdbx_validate_close_contact.id 
_pdbx_validate_close_contact.PDB_model_num 
_pdbx_validate_close_contact.auth_atom_id_1 
_pdbx_validate_close_contact.auth_asym_id_1 
_pdbx_validate_close_contact.auth_comp_id_1 
_pdbx_validate_close_contact.auth_seq_id_1 
_pdbx_validate_close_contact.PDB_ins_code_1 
_pdbx_validate_close_contact.label_alt_id_1 
_pdbx_validate_close_contact.auth_atom_id_2 
_pdbx_validate_close_contact.auth_asym_id_2 
_pdbx_validate_close_contact.auth_comp_id_2 
_pdbx_validate_close_contact.auth_seq_id_2 
_pdbx_validate_close_contact.PDB_ins_code_2 
_pdbx_validate_close_contact.label_alt_id_2 
_pdbx_validate_close_contact.dist 
1 1 CO  B 3CO 14 ? ? HB2 C BLB 1 ? ? 1.41 
2 1 OP1 C DA  20 ? ? HO2 C BLB 1 ? ? 1.50 
# 
_pdbx_validate_rmsd_bond.id                        1 
_pdbx_validate_rmsd_bond.PDB_model_num             1 
_pdbx_validate_rmsd_bond.auth_atom_id_1            N9 
_pdbx_validate_rmsd_bond.auth_asym_id_1            C 
_pdbx_validate_rmsd_bond.auth_comp_id_1            DA 
_pdbx_validate_rmsd_bond.auth_seq_id_1             17 
_pdbx_validate_rmsd_bond.PDB_ins_code_1            ? 
_pdbx_validate_rmsd_bond.label_alt_id_1            ? 
_pdbx_validate_rmsd_bond.auth_atom_id_2            C4 
_pdbx_validate_rmsd_bond.auth_asym_id_2            C 
_pdbx_validate_rmsd_bond.auth_comp_id_2            DA 
_pdbx_validate_rmsd_bond.auth_seq_id_2             17 
_pdbx_validate_rmsd_bond.PDB_ins_code_2            ? 
_pdbx_validate_rmsd_bond.label_alt_id_2            ? 
_pdbx_validate_rmsd_bond.bond_value                1.410 
_pdbx_validate_rmsd_bond.bond_target_value         1.374 
_pdbx_validate_rmsd_bond.bond_deviation            0.036 
_pdbx_validate_rmsd_bond.bond_standard_deviation   0.006 
_pdbx_validate_rmsd_bond.linker_flag               N 
# 
loop_
_pdbx_validate_rmsd_angle.id 
_pdbx_validate_rmsd_angle.PDB_model_num 
_pdbx_validate_rmsd_angle.auth_atom_id_1 
_pdbx_validate_rmsd_angle.auth_asym_id_1 
_pdbx_validate_rmsd_angle.auth_comp_id_1 
_pdbx_validate_rmsd_angle.auth_seq_id_1 
_pdbx_validate_rmsd_angle.PDB_ins_code_1 
_pdbx_validate_rmsd_angle.label_alt_id_1 
_pdbx_validate_rmsd_angle.auth_atom_id_2 
_pdbx_validate_rmsd_angle.auth_asym_id_2 
_pdbx_validate_rmsd_angle.auth_comp_id_2 
_pdbx_validate_rmsd_angle.auth_seq_id_2 
_pdbx_validate_rmsd_angle.PDB_ins_code_2 
_pdbx_validate_rmsd_angle.label_alt_id_2 
_pdbx_validate_rmsd_angle.auth_atom_id_3 
_pdbx_validate_rmsd_angle.auth_asym_id_3 
_pdbx_validate_rmsd_angle.auth_comp_id_3 
_pdbx_validate_rmsd_angle.auth_seq_id_3 
_pdbx_validate_rmsd_angle.PDB_ins_code_3 
_pdbx_validate_rmsd_angle.label_alt_id_3 
_pdbx_validate_rmsd_angle.angle_value 
_pdbx_validate_rmsd_angle.angle_target_value 
_pdbx_validate_rmsd_angle.angle_deviation 
_pdbx_validate_rmsd_angle.angle_standard_deviation 
_pdbx_validate_rmsd_angle.linker_flag 
1  1 "O4'" A DC 1  ? ? "C1'" A DC 1  ? ? N1    A DC 1  ? ? 112.93 108.30 4.63   0.30 N 
2  1 N1    A DC 2  ? ? C2    A DC 2  ? ? O2    A DC 2  ? ? 122.98 118.90 4.08   0.60 N 
3  1 N1    A DA 4  ? ? C6    A DA 4  ? ? N6    A DA 4  ? ? 122.89 118.60 4.29   0.60 N 
4  1 N1    A DA 5  ? ? C6    A DA 5  ? ? N6    A DA 5  ? ? 122.63 118.60 4.03   0.60 N 
5  1 N3    A DG 6  ? ? C2    A DG 6  ? ? N2    A DG 6  ? ? 126.91 119.90 7.01   0.70 N 
6  1 "O4'" B DA 8  ? ? "C1'" B DA 8  ? ? N9    B DA 8  ? ? 102.98 108.00 -5.02  0.70 N 
7  1 N1    B DA 8  ? ? C6    B DA 8  ? ? N6    B DA 8  ? ? 122.75 118.60 4.15   0.60 N 
8  1 "O4'" B DC 9  ? ? "C1'" B DC 9  ? ? N1    B DC 9  ? ? 111.37 108.30 3.07   0.30 N 
9  1 N3    B DC 9  ? ? C4    B DC 9  ? ? C5    B DC 9  ? ? 119.23 121.90 -2.67  0.40 N 
10 1 N3    B DC 9  ? ? C4    B DC 9  ? ? N4    B DC 9  ? ? 122.32 118.00 4.32   0.70 N 
11 1 "O4'" B DT 10 ? ? "C1'" B DT 10 ? ? N1    B DT 10 ? ? 112.16 108.30 3.86   0.30 N 
12 1 C6    B DT 10 ? ? C5    B DT 10 ? ? C7    B DT 10 ? ? 118.32 122.90 -4.58  0.60 N 
13 1 N1    B DG 11 ? ? C2    B DG 11 ? ? N3    B DG 11 ? ? 120.23 123.90 -3.67  0.60 N 
14 1 N3    B DG 11 ? ? C2    B DG 11 ? ? N2    B DG 11 ? ? 125.90 119.90 6.00   0.70 N 
15 1 N3    B DG 12 ? ? C2    B DG 12 ? ? N2    B DG 12 ? ? 125.87 119.90 5.97   0.70 N 
16 1 N3    B DG 13 ? ? C2    B DG 13 ? ? N2    B DG 13 ? ? 125.88 119.90 5.98   0.70 N 
17 1 "O4'" C DC 14 ? ? "C1'" C DC 14 ? ? N1    C DC 14 ? ? 112.21 108.30 3.91   0.30 N 
18 1 P     C DC 15 ? ? "O5'" C DC 15 ? ? "C5'" C DC 15 ? ? 133.88 120.90 12.98  1.60 N 
19 1 N1    C DC 15 ? ? C2    C DC 15 ? ? O2    C DC 15 ? ? 122.61 118.90 3.71   0.60 N 
20 1 N3    C DC 15 ? ? C2    C DC 15 ? ? O2    C DC 15 ? ? 117.21 121.90 -4.69  0.70 N 
21 1 "O4'" C DC 16 ? ? "C1'" C DC 16 ? ? N1    C DC 16 ? ? 110.50 108.30 2.20   0.30 N 
22 1 N1    C DC 16 ? ? C2    C DC 16 ? ? O2    C DC 16 ? ? 122.72 118.90 3.82   0.60 N 
23 1 N1    C DA 17 ? ? C6    C DA 17 ? ? N6    C DA 17 ? ? 124.58 118.60 5.98   0.60 N 
24 1 C5    C DA 17 ? ? C6    C DA 17 ? ? N6    C DA 17 ? ? 118.11 123.70 -5.59  0.80 N 
25 1 "C3'" C DA 17 ? ? "O3'" C DA 17 ? ? P     C DG 18 ? ? 127.22 119.70 7.52   1.20 Y 
26 1 C8    C DG 18 ? ? N9    C DG 18 ? ? C4    C DG 18 ? ? 103.87 106.40 -2.53  0.40 N 
27 1 "O4'" C DT 19 ? ? "C1'" C DT 19 ? ? "C2'" C DT 19 ? ? 100.97 105.90 -4.93  0.80 N 
28 1 C4    C DT 19 ? ? C5    C DT 19 ? ? C7    C DT 19 ? ? 123.88 119.00 4.88   0.60 N 
29 1 C6    C DT 19 ? ? C5    C DT 19 ? ? C7    C DT 19 ? ? 117.11 122.90 -5.79  0.60 N 
30 1 "O4'" C DA 20 ? ? "C1'" C DA 20 ? ? "C2'" C DA 20 ? ? 100.69 105.90 -5.21  0.80 N 
31 1 "O4'" C DA 20 ? ? "C1'" C DA 20 ? ? N9    C DA 20 ? ? 102.95 108.00 -5.05  0.70 N 
32 1 "C3'" C DC 21 ? ? "O3'" C DC 21 ? ? P     C DT 22 ? ? 129.67 119.70 9.97   1.20 Y 
33 1 C4    C DT 22 ? ? C5    C DT 22 ? ? C7    C DT 22 ? ? 129.45 119.00 10.45  0.60 N 
34 1 C6    C DT 22 ? ? C5    C DT 22 ? ? C7    C DT 22 ? ? 110.29 122.90 -12.61 0.60 N 
35 1 "C3'" C DT 22 ? ? "O3'" C DT 22 ? ? P     C DT 23 ? ? 131.67 119.70 11.97  1.20 Y 
36 1 C4    C DT 23 ? ? C5    C DT 23 ? ? C7    C DT 23 ? ? 123.38 119.00 4.38   0.60 N 
37 1 C6    C DT 23 ? ? C5    C DT 23 ? ? C7    C DT 23 ? ? 115.79 122.90 -7.11  0.60 N 
38 1 C4    C DT 24 ? ? C5    C DT 24 ? ? C7    C DT 24 ? ? 130.35 119.00 11.35  0.60 N 
39 1 C6    C DT 24 ? ? C5    C DT 24 ? ? C7    C DT 24 ? ? 109.29 122.90 -13.61 0.60 N 
40 1 "C3'" C DT 24 ? ? "O3'" C DT 24 ? ? P     C DG 25 ? ? 128.12 119.70 8.42   1.20 Y 
41 1 N3    C DG 25 ? ? C2    C DG 25 ? ? N2    C DG 25 ? ? 124.41 119.90 4.51   0.70 N 
42 1 N3    C DG 26 ? ? C2    C DG 26 ? ? N2    C DG 26 ? ? 125.72 119.90 5.82   0.70 N 
# 
_pdbx_nmr_ensemble.entry_id                             1GJ2 
_pdbx_nmr_ensemble.conformers_calculated_total_number   ? 
_pdbx_nmr_ensemble.conformers_submitted_total_number    1 
_pdbx_nmr_ensemble.conformer_selection_criteria         ? 
# 
loop_
_pdbx_nmr_sample_details.solution_id 
_pdbx_nmr_sample_details.contents 
_pdbx_nmr_sample_details.solvent_system 
1 '1.25 mM drug-DNA complex; 40 mM sodium phosphate buffer' D2O               
2 '1.25 mM drug-DNA complex; 40 mM sodium phosphate buffer' '90% H2O/10% D2O' 
# 
loop_
_pdbx_nmr_exptl_sample_conditions.conditions_id 
_pdbx_nmr_exptl_sample_conditions.temperature 
_pdbx_nmr_exptl_sample_conditions.pressure 
_pdbx_nmr_exptl_sample_conditions.pH 
_pdbx_nmr_exptl_sample_conditions.ionic_strength 
_pdbx_nmr_exptl_sample_conditions.pressure_units 
_pdbx_nmr_exptl_sample_conditions.temperature_units 
1 293 ambient 6.8 '40 mM sodium phosphate buffer' ? K 
2 278 ambient 6.8 '40 mM sodium phosphate buffer' ? K 
# 
loop_
_pdbx_nmr_exptl.experiment_id 
_pdbx_nmr_exptl.conditions_id 
_pdbx_nmr_exptl.type 
_pdbx_nmr_exptl.solution_id 
1 1 NOESY           1 
2 1 TOCSY           1 
3 1 PE-COSY         1 
4 1 WATERGATE-NOESY 1 
5 1 '31P- HCOSY'    1 
6 1 13C-HSQC        1 
7 1 ROESY           1 
# 
_pdbx_nmr_details.entry_id   1GJ2 
_pdbx_nmr_details.text       
;DNA WAS SYNTHESIZED AS A DOUBLE HAIRPIN, BUT FOR MODELING PURPOSED WAS TREATED AS TWO STRANDS OF DNA; THE HEXAETHYLENE GLYCOL SPACERS WERE NOT INCLUDED IN THE MODELING
;
# 
_pdbx_nmr_refine.entry_id           1GJ2 
_pdbx_nmr_refine.method             'molecular dynamics' 
_pdbx_nmr_refine.details            
'THE STRUCTURES ARE BASED ON 729 NOE-DERIVED DISTANCE CONSTRAINTS AND 96 DIHEDRAL ANGLE RESTRAINTS.' 
_pdbx_nmr_refine.software_ordinal   1 
# 
loop_
_pdbx_nmr_software.name 
_pdbx_nmr_software.version 
_pdbx_nmr_software.classification 
_pdbx_nmr_software.authors 
_pdbx_nmr_software.ordinal 
Felix  95.0  processing           MSI     1 
X-PLOR 3.851 'structure solution' Brunger 2 
Felix  95.0  'data analysis'      MSI     3 
X-PLOR 3.851 refinement           Brunger 4 
# 
loop_
_chem_comp_atom.comp_id 
_chem_comp_atom.atom_id 
_chem_comp_atom.type_symbol 
_chem_comp_atom.pdbx_aromatic_flag 
_chem_comp_atom.pdbx_stereo_config 
_chem_comp_atom.pdbx_ordinal 
3CO CO     CO N N 1   
BLB NA     N  N N 2   
BLB C2     C  N S 3   
BLB C1     C  N N 4   
BLB O1     O  N N 5   
BLB NC     N  N N 6   
BLB C3     C  N N 7   
BLB NB     N  N N 8   
BLB ND     N  N N 9   
BLB C5     C  N N 10  
BLB C4     C  N N 11  
BLB O4     O  N N 12  
BLB C8     C  Y N 13  
BLB C9     C  Y N 14  
BLB C10    C  Y N 15  
BLB NG     N  Y N 16  
BLB C7     C  Y N 17  
BLB NE     N  Y N 18  
BLB C6     C  N S 19  
BLB NF     N  N N 20  
BLB CA     C  N N 21  
BLB C12    C  N N 22  
BLB O12    O  N N 23  
BLB NH     N  N N 24  
BLB C13    C  N S 25  
BLB C30    C  N N 26  
BLB O30    O  N N 27  
BLB C14    C  N R 28  
BLB C27    C  Y N 29  
BLB OH1    O  N N 30  
BLB NJ     N  Y N 31  
BLB C28    C  Y N 32  
BLB C29    C  Y N 33  
BLB NI     N  Y N 34  
BLB NK     N  N N 35  
BLB C34    C  N S 36  
BLB C36    C  N N 37  
BLB O36    O  N N 38  
BLB OH2    O  N N 39  
BLB C31    C  N R 40  
BLB CB     C  N N 41  
BLB C33    C  N S 42  
BLB CC     C  N N 43  
BLB NL     N  N N 44  
BLB C37    C  N S 45  
BLB C40    C  N N 46  
BLB O40    O  N N 47  
BLB C38    C  N R 48  
BLB OH3    O  N N 49  
BLB CD     C  N N 50  
BLB NM     N  N N 51  
BLB C42    C  N N 52  
BLB C49    C  N N 53  
BLB O49    O  N N 54  
BLB C43    C  Y N 55  
BLB C41    C  N N 56  
BLB S43    S  Y N 57  
BLB C44    C  Y N 58  
BLB C45    C  Y N 59  
BLB NN     N  Y N 60  
BLB C47    C  Y N 61  
BLB C48    C  Y N 62  
BLB NO     N  Y N 63  
BLB C46    C  Y N 64  
BLB S46    S  Y N 65  
BLB NP     N  N N 66  
BLB C50    C  N N 67  
BLB C51    C  N N 68  
BLB C52    C  N N 69  
BLB C53    C  N N 70  
BLB C54    C  N N 71  
BLB NR     N  N N 72  
BLB NS     N  N N 73  
BLB NT     N  N N 74  
BLB O59    O  N N 75  
BLB O58    O  N N 76  
BLB C61    C  N N 77  
BLB O61    O  N N 78  
BLB O56    O  N N 79  
BLB C60    C  N S 80  
BLB O62    O  N N 81  
BLB C63    C  N R 82  
BLB C57    C  N S 83  
BLB C58    C  N S 84  
BLB C59    C  N S 85  
BLB C69    C  N S 86  
BLB C68    C  N S 87  
BLB C67    C  N R 88  
BLB C65    C  N R 89  
BLB O64    O  N N 90  
BLB C64    C  N R 91  
BLB O68    O  N N 92  
BLB O67    O  N N 93  
BLB O69    O  N N 94  
BLB NQ     N  N N 95  
BLB C70    C  N N 96  
BLB O70    O  N N 97  
BLB O66    O  N N 98  
BLB C66    C  N N 99  
BLB HA2    H  N N 100 
BLB HA1    H  N N 101 
BLB H2     H  N N 102 
BLB HNC    H  N N 103 
BLB H3E    H  N N 104 
BLB H3X    H  N N 105 
BLB HB1    H  N N 106 
BLB HB2    H  N N 107 
BLB HD2    H  N N 108 
BLB HD1    H  N N 109 
BLB H5E    H  N N 110 
BLB H5X    H  N N 111 
BLB H6     H  N N 112 
BLB HF2    H  N N 113 
BLB HF1    H  N N 114 
BLB HAA    H  N N 115 
BLB HAB    H  N N 116 
BLB HAC    H  N N 117 
BLB HNH    H  N N 118 
BLB H13    H  N N 119 
BLB H14    H  N N 120 
BLB H28    H  N N 121 
BLB H29    H  N N 122 
BLB HNI    H  N N 123 
BLB HNK    H  N N 124 
BLB H34    H  N N 125 
BLB HO2    H  N N 126 
BLB H31    H  N N 127 
BLB HBA    H  N N 128 
BLB HBB    H  N N 129 
BLB HBC    H  N N 130 
BLB H33    H  N N 131 
BLB HCB    H  N N 132 
BLB HCC    H  N N 133 
BLB HCA    H  N N 134 
BLB HNL    H  N N 135 
BLB H37    H  N N 136 
BLB H38    H  N N 137 
BLB HO3    H  N N 138 
BLB HDB    H  N N 139 
BLB HDC    H  N N 140 
BLB HDA    H  N N 141 
BLB HNM    H  N N 142 
BLB H2E    H  N N 143 
BLB H2X    H  N N 144 
BLB H1E    H  N N 145 
BLB H1X    H  N N 146 
BLB H44    H  N N 147 
BLB H47    H  N N 148 
BLB HNP    H  N N 149 
BLB H501   H  N N 150 
BLB H502   H  N N 151 
BLB H511   H  N N 152 
BLB H512   H  N N 153 
BLB H521   H  N N 154 
BLB H522   H  N N 155 
BLB H531   H  N N 156 
BLB H532   H  N N 157 
BLB HNR    H  N N 158 
BLB HNS1   H  N N 159 
BLB HNS2   H  N N 160 
BLB HNT1   H  N N 161 
BLB HNT2   H  N N 162 
BLB HO59   H  N N 163 
BLB HO58   H  N N 164 
BLB H611   H  N N 165 
BLB H612   H  N N 166 
BLB HO61   H  N N 167 
BLB H60    H  N N 168 
BLB H63    H  N N 169 
BLB H57    H  N N 170 
BLB H58    H  N N 171 
BLB H59    H  N N 172 
BLB H69    H  N N 173 
BLB H68    H  N N 174 
BLB H67    H  N N 175 
BLB H65    H  N N 176 
BLB H64    H  N N 177 
BLB HO67   H  N N 178 
BLB HO69   H  N N 179 
BLB HNQ1   H  N N 180 
BLB HNQ2   H  N N 181 
BLB HO66   H  N N 182 
BLB H661   H  N N 183 
BLB H662   H  N N 184 
DA  OP3    O  N N 185 
DA  P      P  N N 186 
DA  OP1    O  N N 187 
DA  OP2    O  N N 188 
DA  "O5'"  O  N N 189 
DA  "C5'"  C  N N 190 
DA  "C4'"  C  N R 191 
DA  "O4'"  O  N N 192 
DA  "C3'"  C  N S 193 
DA  "O3'"  O  N N 194 
DA  "C2'"  C  N N 195 
DA  "C1'"  C  N R 196 
DA  N9     N  Y N 197 
DA  C8     C  Y N 198 
DA  N7     N  Y N 199 
DA  C5     C  Y N 200 
DA  C6     C  Y N 201 
DA  N6     N  N N 202 
DA  N1     N  Y N 203 
DA  C2     C  Y N 204 
DA  N3     N  Y N 205 
DA  C4     C  Y N 206 
DA  HOP3   H  N N 207 
DA  HOP2   H  N N 208 
DA  "H5'"  H  N N 209 
DA  "H5''" H  N N 210 
DA  "H4'"  H  N N 211 
DA  "H3'"  H  N N 212 
DA  "HO3'" H  N N 213 
DA  "H2'"  H  N N 214 
DA  "H2''" H  N N 215 
DA  "H1'"  H  N N 216 
DA  H8     H  N N 217 
DA  H61    H  N N 218 
DA  H62    H  N N 219 
DA  H2     H  N N 220 
DC  OP3    O  N N 221 
DC  P      P  N N 222 
DC  OP1    O  N N 223 
DC  OP2    O  N N 224 
DC  "O5'"  O  N N 225 
DC  "C5'"  C  N N 226 
DC  "C4'"  C  N R 227 
DC  "O4'"  O  N N 228 
DC  "C3'"  C  N S 229 
DC  "O3'"  O  N N 230 
DC  "C2'"  C  N N 231 
DC  "C1'"  C  N R 232 
DC  N1     N  N N 233 
DC  C2     C  N N 234 
DC  O2     O  N N 235 
DC  N3     N  N N 236 
DC  C4     C  N N 237 
DC  N4     N  N N 238 
DC  C5     C  N N 239 
DC  C6     C  N N 240 
DC  HOP3   H  N N 241 
DC  HOP2   H  N N 242 
DC  "H5'"  H  N N 243 
DC  "H5''" H  N N 244 
DC  "H4'"  H  N N 245 
DC  "H3'"  H  N N 246 
DC  "HO3'" H  N N 247 
DC  "H2'"  H  N N 248 
DC  "H2''" H  N N 249 
DC  "H1'"  H  N N 250 
DC  H41    H  N N 251 
DC  H42    H  N N 252 
DC  H5     H  N N 253 
DC  H6     H  N N 254 
DG  OP3    O  N N 255 
DG  P      P  N N 256 
DG  OP1    O  N N 257 
DG  OP2    O  N N 258 
DG  "O5'"  O  N N 259 
DG  "C5'"  C  N N 260 
DG  "C4'"  C  N R 261 
DG  "O4'"  O  N N 262 
DG  "C3'"  C  N S 263 
DG  "O3'"  O  N N 264 
DG  "C2'"  C  N N 265 
DG  "C1'"  C  N R 266 
DG  N9     N  Y N 267 
DG  C8     C  Y N 268 
DG  N7     N  Y N 269 
DG  C5     C  Y N 270 
DG  C6     C  N N 271 
DG  O6     O  N N 272 
DG  N1     N  N N 273 
DG  C2     C  N N 274 
DG  N2     N  N N 275 
DG  N3     N  N N 276 
DG  C4     C  Y N 277 
DG  HOP3   H  N N 278 
DG  HOP2   H  N N 279 
DG  "H5'"  H  N N 280 
DG  "H5''" H  N N 281 
DG  "H4'"  H  N N 282 
DG  "H3'"  H  N N 283 
DG  "HO3'" H  N N 284 
DG  "H2'"  H  N N 285 
DG  "H2''" H  N N 286 
DG  "H1'"  H  N N 287 
DG  H8     H  N N 288 
DG  H1     H  N N 289 
DG  H21    H  N N 290 
DG  H22    H  N N 291 
DT  OP3    O  N N 292 
DT  P      P  N N 293 
DT  OP1    O  N N 294 
DT  OP2    O  N N 295 
DT  "O5'"  O  N N 296 
DT  "C5'"  C  N N 297 
DT  "C4'"  C  N R 298 
DT  "O4'"  O  N N 299 
DT  "C3'"  C  N S 300 
DT  "O3'"  O  N N 301 
DT  "C2'"  C  N N 302 
DT  "C1'"  C  N R 303 
DT  N1     N  N N 304 
DT  C2     C  N N 305 
DT  O2     O  N N 306 
DT  N3     N  N N 307 
DT  C4     C  N N 308 
DT  O4     O  N N 309 
DT  C5     C  N N 310 
DT  C7     C  N N 311 
DT  C6     C  N N 312 
DT  HOP3   H  N N 313 
DT  HOP2   H  N N 314 
DT  "H5'"  H  N N 315 
DT  "H5''" H  N N 316 
DT  "H4'"  H  N N 317 
DT  "H3'"  H  N N 318 
DT  "HO3'" H  N N 319 
DT  "H2'"  H  N N 320 
DT  "H2''" H  N N 321 
DT  "H1'"  H  N N 322 
DT  H3     H  N N 323 
DT  H71    H  N N 324 
DT  H72    H  N N 325 
DT  H73    H  N N 326 
DT  H6     H  N N 327 
O   O      O  N N 328 
PEO O1     O  N N 329 
PEO O2     O  N N 330 
PEO HO1    H  N N 331 
PEO HO2    H  N N 332 
PGA P      P  N N 333 
PGA O1P    O  N N 334 
PGA O2P    O  N N 335 
PGA O3P    O  N N 336 
PGA O4P    O  N N 337 
PGA C2     C  N N 338 
PGA C1     C  N N 339 
PGA O1     O  N N 340 
PGA O2     O  N N 341 
PGA HOP3   H  N N 342 
PGA HOP4   H  N N 343 
PGA H21    H  N N 344 
PGA H22    H  N N 345 
PGA HO2    H  N N 346 
# 
loop_
_chem_comp_bond.comp_id 
_chem_comp_bond.atom_id_1 
_chem_comp_bond.atom_id_2 
_chem_comp_bond.value_order 
_chem_comp_bond.pdbx_aromatic_flag 
_chem_comp_bond.pdbx_stereo_config 
_chem_comp_bond.pdbx_ordinal 
BLB NA    C1     sing N N 1   
BLB NA    HA2    sing N N 2   
BLB NA    HA1    sing N N 3   
BLB C2    C1     sing N N 4   
BLB C2    C3     sing N N 5   
BLB C2    NB     sing N N 6   
BLB C2    H2     sing N N 7   
BLB C1    O1     doub N N 8   
BLB NC    C3     sing N N 9   
BLB NC    C6     sing N N 10  
BLB NC    HNC    sing N N 11  
BLB C3    H3E    sing N N 12  
BLB C3    H3X    sing N N 13  
BLB NB    HB1    sing N N 14  
BLB NB    HB2    sing N N 15  
BLB ND    C4     sing N N 16  
BLB ND    HD2    sing N N 17  
BLB ND    HD1    sing N N 18  
BLB C5    C4     sing N N 19  
BLB C5    C6     sing N N 20  
BLB C5    H5E    sing N N 21  
BLB C5    H5X    sing N N 22  
BLB C4    O4     doub N N 23  
BLB C8    C9     doub Y N 24  
BLB C8    NE     sing Y N 25  
BLB C8    NF     sing N N 26  
BLB C9    C10    sing Y N 27  
BLB C9    CA     sing N N 28  
BLB C10   NG     doub Y N 29  
BLB C10   C12    sing N N 30  
BLB NG    C7     sing Y N 31  
BLB C7    NE     doub Y N 32  
BLB C7    C6     sing N N 33  
BLB C6    H6     sing N N 34  
BLB NF    HF2    sing N N 35  
BLB NF    HF1    sing N N 36  
BLB CA    HAA    sing N N 37  
BLB CA    HAB    sing N N 38  
BLB CA    HAC    sing N N 39  
BLB C12   O12    doub N N 40  
BLB C12   NH     sing N N 41  
BLB NH    C13    sing N N 42  
BLB NH    HNH    sing N N 43  
BLB C13   C30    sing N N 44  
BLB C13   C14    sing N N 45  
BLB C13   H13    sing N N 46  
BLB C30   O30    doub N N 47  
BLB C30   NK     sing N N 48  
BLB C14   C27    sing N N 49  
BLB C14   OH1    sing N N 50  
BLB C14   H14    sing N N 51  
BLB C27   NJ     sing Y N 52  
BLB C27   C28    doub Y N 53  
BLB OH1   C63    sing N N 54  
BLB NJ    C29    doub Y N 55  
BLB C28   NI     sing Y N 56  
BLB C28   H28    sing N N 57  
BLB C29   NI     sing Y N 58  
BLB C29   H29    sing N N 59  
BLB NI    HNI    sing N N 60  
BLB NK    C31    sing N N 61  
BLB NK    HNK    sing N N 62  
BLB C34   C36    sing N N 63  
BLB C34   C33    sing N N 64  
BLB C34   CC     sing N N 65  
BLB C34   H34    sing N N 66  
BLB C36   O36    doub N N 67  
BLB C36   NL     sing N N 68  
BLB OH2   C33    sing N N 69  
BLB OH2   HO2    sing N N 70  
BLB C31   CB     sing N N 71  
BLB C31   C33    sing N N 72  
BLB C31   H31    sing N N 73  
BLB CB    HBA    sing N N 74  
BLB CB    HBB    sing N N 75  
BLB CB    HBC    sing N N 76  
BLB C33   H33    sing N N 77  
BLB CC    HCB    sing N N 78  
BLB CC    HCC    sing N N 79  
BLB CC    HCA    sing N N 80  
BLB NL    C37    sing N N 81  
BLB NL    HNL    sing N N 82  
BLB C37   C40    sing N N 83  
BLB C37   C38    sing N N 84  
BLB C37   H37    sing N N 85  
BLB C40   O40    doub N N 86  
BLB C40   NM     sing N N 87  
BLB C38   OH3    sing N N 88  
BLB C38   CD     sing N N 89  
BLB C38   H38    sing N N 90  
BLB OH3   HO3    sing N N 91  
BLB CD    HDB    sing N N 92  
BLB CD    HDC    sing N N 93  
BLB CD    HDA    sing N N 94  
BLB NM    C41    sing N N 95  
BLB NM    HNM    sing N N 96  
BLB C42   C43    sing N N 97  
BLB C42   C41    sing N N 98  
BLB C42   H2E    sing N N 99  
BLB C42   H2X    sing N N 100 
BLB C49   O49    doub N N 101 
BLB C49   C48    sing N N 102 
BLB C49   NP     sing N N 103 
BLB C43   S43    sing Y N 104 
BLB C43   NN     doub Y N 105 
BLB C41   H1E    sing N N 106 
BLB C41   H1X    sing N N 107 
BLB S43   C44    sing Y N 108 
BLB C44   C45    doub Y N 109 
BLB C44   H44    sing N N 110 
BLB C45   NN     sing Y N 111 
BLB C45   C46    sing Y N 112 
BLB C47   C48    doub Y N 113 
BLB C47   S46    sing Y N 114 
BLB C47   H47    sing N N 115 
BLB C48   NO     sing Y N 116 
BLB NO    C46    doub Y N 117 
BLB C46   S46    sing Y N 118 
BLB NP    C50    sing N N 119 
BLB NP    HNP    sing N N 120 
BLB C50   C51    sing N N 121 
BLB C50   H501   sing N N 122 
BLB C50   H502   sing N N 123 
BLB C51   C52    sing N N 124 
BLB C51   H511   sing N N 125 
BLB C51   H512   sing N N 126 
BLB C52   C53    sing N N 127 
BLB C52   H521   sing N N 128 
BLB C52   H522   sing N N 129 
BLB C53   NR     sing N N 130 
BLB C53   H531   sing N N 131 
BLB C53   H532   sing N N 132 
BLB C54   NR     sing N N 133 
BLB C54   NS     doub N N 134 
BLB C54   NT     sing N N 135 
BLB NR    HNR    sing N N 136 
BLB NS    HNS1   sing N N 137 
BLB NS    HNS2   sing N N 138 
BLB NT    HNT1   sing N N 139 
BLB NT    HNT2   sing N N 140 
BLB O59   C59    sing N N 141 
BLB O59   HO59   sing N N 142 
BLB O58   C58    sing N N 143 
BLB O58   HO58   sing N N 144 
BLB C61   O61    sing N N 145 
BLB C61   C60    sing N N 146 
BLB C61   H611   sing N N 147 
BLB C61   H612   sing N N 148 
BLB O61   HO61   sing N N 149 
BLB O56   C57    sing N N 150 
BLB O56   C64    sing N N 151 
BLB C60   O62    sing N N 152 
BLB C60   C59    sing N N 153 
BLB C60   H60    sing N N 154 
BLB O62   C63    sing N N 155 
BLB C63   C57    sing N N 156 
BLB C63   H63    sing N N 157 
BLB C57   C58    sing N N 158 
BLB C57   H57    sing N N 159 
BLB C58   C59    sing N N 160 
BLB C58   H58    sing N N 161 
BLB C59   H59    sing N N 162 
BLB C69   C68    sing N N 163 
BLB C69   C64    sing N N 164 
BLB C69   O69    sing N N 165 
BLB C69   H69    sing N N 166 
BLB C68   C67    sing N N 167 
BLB C68   O68    sing N N 168 
BLB C68   H68    sing N N 169 
BLB C67   C65    sing N N 170 
BLB C67   O67    sing N N 171 
BLB C67   H67    sing N N 172 
BLB C65   O64    sing N N 173 
BLB C65   C66    sing N N 174 
BLB C65   H65    sing N N 175 
BLB O64   C64    sing N N 176 
BLB C64   H64    sing N N 177 
BLB O68   C70    sing N N 178 
BLB O67   HO67   sing N N 179 
BLB O69   HO69   sing N N 180 
BLB NQ    C70    sing N N 181 
BLB NQ    HNQ1   sing N N 182 
BLB NQ    HNQ2   sing N N 183 
BLB C70   O70    doub N N 184 
BLB O66   C66    sing N N 185 
BLB O66   HO66   sing N N 186 
BLB C66   H661   sing N N 187 
BLB C66   H662   sing N N 188 
DA  OP3   P      sing N N 189 
DA  OP3   HOP3   sing N N 190 
DA  P     OP1    doub N N 191 
DA  P     OP2    sing N N 192 
DA  P     "O5'"  sing N N 193 
DA  OP2   HOP2   sing N N 194 
DA  "O5'" "C5'"  sing N N 195 
DA  "C5'" "C4'"  sing N N 196 
DA  "C5'" "H5'"  sing N N 197 
DA  "C5'" "H5''" sing N N 198 
DA  "C4'" "O4'"  sing N N 199 
DA  "C4'" "C3'"  sing N N 200 
DA  "C4'" "H4'"  sing N N 201 
DA  "O4'" "C1'"  sing N N 202 
DA  "C3'" "O3'"  sing N N 203 
DA  "C3'" "C2'"  sing N N 204 
DA  "C3'" "H3'"  sing N N 205 
DA  "O3'" "HO3'" sing N N 206 
DA  "C2'" "C1'"  sing N N 207 
DA  "C2'" "H2'"  sing N N 208 
DA  "C2'" "H2''" sing N N 209 
DA  "C1'" N9     sing N N 210 
DA  "C1'" "H1'"  sing N N 211 
DA  N9    C8     sing Y N 212 
DA  N9    C4     sing Y N 213 
DA  C8    N7     doub Y N 214 
DA  C8    H8     sing N N 215 
DA  N7    C5     sing Y N 216 
DA  C5    C6     sing Y N 217 
DA  C5    C4     doub Y N 218 
DA  C6    N6     sing N N 219 
DA  C6    N1     doub Y N 220 
DA  N6    H61    sing N N 221 
DA  N6    H62    sing N N 222 
DA  N1    C2     sing Y N 223 
DA  C2    N3     doub Y N 224 
DA  C2    H2     sing N N 225 
DA  N3    C4     sing Y N 226 
DC  OP3   P      sing N N 227 
DC  OP3   HOP3   sing N N 228 
DC  P     OP1    doub N N 229 
DC  P     OP2    sing N N 230 
DC  P     "O5'"  sing N N 231 
DC  OP2   HOP2   sing N N 232 
DC  "O5'" "C5'"  sing N N 233 
DC  "C5'" "C4'"  sing N N 234 
DC  "C5'" "H5'"  sing N N 235 
DC  "C5'" "H5''" sing N N 236 
DC  "C4'" "O4'"  sing N N 237 
DC  "C4'" "C3'"  sing N N 238 
DC  "C4'" "H4'"  sing N N 239 
DC  "O4'" "C1'"  sing N N 240 
DC  "C3'" "O3'"  sing N N 241 
DC  "C3'" "C2'"  sing N N 242 
DC  "C3'" "H3'"  sing N N 243 
DC  "O3'" "HO3'" sing N N 244 
DC  "C2'" "C1'"  sing N N 245 
DC  "C2'" "H2'"  sing N N 246 
DC  "C2'" "H2''" sing N N 247 
DC  "C1'" N1     sing N N 248 
DC  "C1'" "H1'"  sing N N 249 
DC  N1    C2     sing N N 250 
DC  N1    C6     sing N N 251 
DC  C2    O2     doub N N 252 
DC  C2    N3     sing N N 253 
DC  N3    C4     doub N N 254 
DC  C4    N4     sing N N 255 
DC  C4    C5     sing N N 256 
DC  N4    H41    sing N N 257 
DC  N4    H42    sing N N 258 
DC  C5    C6     doub N N 259 
DC  C5    H5     sing N N 260 
DC  C6    H6     sing N N 261 
DG  OP3   P      sing N N 262 
DG  OP3   HOP3   sing N N 263 
DG  P     OP1    doub N N 264 
DG  P     OP2    sing N N 265 
DG  P     "O5'"  sing N N 266 
DG  OP2   HOP2   sing N N 267 
DG  "O5'" "C5'"  sing N N 268 
DG  "C5'" "C4'"  sing N N 269 
DG  "C5'" "H5'"  sing N N 270 
DG  "C5'" "H5''" sing N N 271 
DG  "C4'" "O4'"  sing N N 272 
DG  "C4'" "C3'"  sing N N 273 
DG  "C4'" "H4'"  sing N N 274 
DG  "O4'" "C1'"  sing N N 275 
DG  "C3'" "O3'"  sing N N 276 
DG  "C3'" "C2'"  sing N N 277 
DG  "C3'" "H3'"  sing N N 278 
DG  "O3'" "HO3'" sing N N 279 
DG  "C2'" "C1'"  sing N N 280 
DG  "C2'" "H2'"  sing N N 281 
DG  "C2'" "H2''" sing N N 282 
DG  "C1'" N9     sing N N 283 
DG  "C1'" "H1'"  sing N N 284 
DG  N9    C8     sing Y N 285 
DG  N9    C4     sing Y N 286 
DG  C8    N7     doub Y N 287 
DG  C8    H8     sing N N 288 
DG  N7    C5     sing Y N 289 
DG  C5    C6     sing N N 290 
DG  C5    C4     doub Y N 291 
DG  C6    O6     doub N N 292 
DG  C6    N1     sing N N 293 
DG  N1    C2     sing N N 294 
DG  N1    H1     sing N N 295 
DG  C2    N2     sing N N 296 
DG  C2    N3     doub N N 297 
DG  N2    H21    sing N N 298 
DG  N2    H22    sing N N 299 
DG  N3    C4     sing N N 300 
DT  OP3   P      sing N N 301 
DT  OP3   HOP3   sing N N 302 
DT  P     OP1    doub N N 303 
DT  P     OP2    sing N N 304 
DT  P     "O5'"  sing N N 305 
DT  OP2   HOP2   sing N N 306 
DT  "O5'" "C5'"  sing N N 307 
DT  "C5'" "C4'"  sing N N 308 
DT  "C5'" "H5'"  sing N N 309 
DT  "C5'" "H5''" sing N N 310 
DT  "C4'" "O4'"  sing N N 311 
DT  "C4'" "C3'"  sing N N 312 
DT  "C4'" "H4'"  sing N N 313 
DT  "O4'" "C1'"  sing N N 314 
DT  "C3'" "O3'"  sing N N 315 
DT  "C3'" "C2'"  sing N N 316 
DT  "C3'" "H3'"  sing N N 317 
DT  "O3'" "HO3'" sing N N 318 
DT  "C2'" "C1'"  sing N N 319 
DT  "C2'" "H2'"  sing N N 320 
DT  "C2'" "H2''" sing N N 321 
DT  "C1'" N1     sing N N 322 
DT  "C1'" "H1'"  sing N N 323 
DT  N1    C2     sing N N 324 
DT  N1    C6     sing N N 325 
DT  C2    O2     doub N N 326 
DT  C2    N3     sing N N 327 
DT  N3    C4     sing N N 328 
DT  N3    H3     sing N N 329 
DT  C4    O4     doub N N 330 
DT  C4    C5     sing N N 331 
DT  C5    C7     sing N N 332 
DT  C5    C6     doub N N 333 
DT  C7    H71    sing N N 334 
DT  C7    H72    sing N N 335 
DT  C7    H73    sing N N 336 
DT  C6    H6     sing N N 337 
PEO O1    O2     sing N N 338 
PEO O1    HO1    sing N N 339 
PEO O2    HO2    sing N N 340 
PGA P     O1P    sing N N 341 
PGA P     O2P    doub N N 342 
PGA P     O3P    sing N N 343 
PGA P     O4P    sing N N 344 
PGA O1P   C2     sing N N 345 
PGA O3P   HOP3   sing N N 346 
PGA O4P   HOP4   sing N N 347 
PGA C2    C1     sing N N 348 
PGA C2    H21    sing N N 349 
PGA C2    H22    sing N N 350 
PGA C1    O1     doub N N 351 
PGA C1    O2     sing N N 352 
PGA O2    HO2    sing N N 353 
# 
loop_
_ndb_struct_conf_na.entry_id 
_ndb_struct_conf_na.feature 
1GJ2 'double helix'        
1GJ2 'b-form double helix' 
# 
loop_
_ndb_struct_na_base_pair.model_number 
_ndb_struct_na_base_pair.i_label_asym_id 
_ndb_struct_na_base_pair.i_label_comp_id 
_ndb_struct_na_base_pair.i_label_seq_id 
_ndb_struct_na_base_pair.i_symmetry 
_ndb_struct_na_base_pair.j_label_asym_id 
_ndb_struct_na_base_pair.j_label_comp_id 
_ndb_struct_na_base_pair.j_label_seq_id 
_ndb_struct_na_base_pair.j_symmetry 
_ndb_struct_na_base_pair.shear 
_ndb_struct_na_base_pair.stretch 
_ndb_struct_na_base_pair.stagger 
_ndb_struct_na_base_pair.buckle 
_ndb_struct_na_base_pair.propeller 
_ndb_struct_na_base_pair.opening 
_ndb_struct_na_base_pair.pair_number 
_ndb_struct_na_base_pair.pair_name 
_ndb_struct_na_base_pair.i_auth_asym_id 
_ndb_struct_na_base_pair.i_auth_seq_id 
_ndb_struct_na_base_pair.i_PDB_ins_code 
_ndb_struct_na_base_pair.j_auth_asym_id 
_ndb_struct_na_base_pair.j_auth_seq_id 
_ndb_struct_na_base_pair.j_PDB_ins_code 
_ndb_struct_na_base_pair.hbond_type_28 
_ndb_struct_na_base_pair.hbond_type_12 
1 A DC 1 1_555 C DG 13 1_555 0.393  -0.239 -0.260 20.382 -23.335 -3.249  1  A_DC1:DG26_C  A 1  ? C 26 ? 19 1 
1 A DC 2 1_555 C DG 12 1_555 0.575  -0.381 -0.005 3.758  -9.799  -5.198  2  A_DC2:DG25_C  A 2  ? C 25 ? 19 1 
1 A DA 3 1_555 C DT 11 1_555 -0.309 -0.289 0.522  2.825  7.265   7.227   3  A_DA3:DT24_C  A 3  ? C 24 ? 20 1 
1 A DA 4 1_555 C DT 10 1_555 0.009  -0.299 0.468  -2.675 3.099   0.058   4  A_DA4:DT23_C  A 4  ? C 23 ? 20 1 
1 A DA 5 1_555 C DT 9  1_555 -0.305 -0.304 0.380  4.559  0.743   -0.471  5  A_DA5:DT22_C  A 5  ? C 22 ? 20 1 
1 A DG 6 1_555 C DC 8  1_555 -0.487 -0.367 0.650  9.925  4.080   -4.746  6  A_DG6:DC21_C  A 6  ? C 21 ? 19 1 
1 B DA 1 1_555 C DT 6  1_555 0.224  -0.189 0.035  -1.203 0.030   -10.046 7  B_DA8:DT19_C  B 8  ? C 19 ? 20 1 
1 B DC 2 1_555 C DG 5  1_555 -0.176 -0.229 0.379  -2.980 -2.660  -5.376  8  B_DC9:DG18_C  B 9  ? C 18 ? 19 1 
1 B DT 3 1_555 C DA 4  1_555 -0.139 -0.147 -0.163 5.779  2.411   -13.627 9  B_DT10:DA17_C B 10 ? C 17 ? 20 1 
1 B DG 4 1_555 C DC 3  1_555 -0.558 -0.309 -0.033 17.067 18.817  -5.551  10 B_DG11:DC16_C B 11 ? C 16 ? 19 1 
1 B DG 5 1_555 C DC 2  1_555 -0.275 -0.275 -0.111 -1.782 -1.418  -5.798  11 B_DG12:DC15_C B 12 ? C 15 ? 19 1 
1 B DG 6 1_555 C DC 1  1_555 -0.618 -0.332 0.176  9.411  -5.196  -4.405  12 B_DG13:DC14_C B 13 ? C 14 ? 19 1 
# 
loop_
_ndb_struct_na_base_pair_step.model_number 
_ndb_struct_na_base_pair_step.i_label_asym_id_1 
_ndb_struct_na_base_pair_step.i_label_comp_id_1 
_ndb_struct_na_base_pair_step.i_label_seq_id_1 
_ndb_struct_na_base_pair_step.i_symmetry_1 
_ndb_struct_na_base_pair_step.j_label_asym_id_1 
_ndb_struct_na_base_pair_step.j_label_comp_id_1 
_ndb_struct_na_base_pair_step.j_label_seq_id_1 
_ndb_struct_na_base_pair_step.j_symmetry_1 
_ndb_struct_na_base_pair_step.i_label_asym_id_2 
_ndb_struct_na_base_pair_step.i_label_comp_id_2 
_ndb_struct_na_base_pair_step.i_label_seq_id_2 
_ndb_struct_na_base_pair_step.i_symmetry_2 
_ndb_struct_na_base_pair_step.j_label_asym_id_2 
_ndb_struct_na_base_pair_step.j_label_comp_id_2 
_ndb_struct_na_base_pair_step.j_label_seq_id_2 
_ndb_struct_na_base_pair_step.j_symmetry_2 
_ndb_struct_na_base_pair_step.shift 
_ndb_struct_na_base_pair_step.slide 
_ndb_struct_na_base_pair_step.rise 
_ndb_struct_na_base_pair_step.tilt 
_ndb_struct_na_base_pair_step.roll 
_ndb_struct_na_base_pair_step.twist 
_ndb_struct_na_base_pair_step.x_displacement 
_ndb_struct_na_base_pair_step.y_displacement 
_ndb_struct_na_base_pair_step.helical_rise 
_ndb_struct_na_base_pair_step.inclination 
_ndb_struct_na_base_pair_step.tip 
_ndb_struct_na_base_pair_step.helical_twist 
_ndb_struct_na_base_pair_step.step_number 
_ndb_struct_na_base_pair_step.step_name 
_ndb_struct_na_base_pair_step.i_auth_asym_id_1 
_ndb_struct_na_base_pair_step.i_auth_seq_id_1 
_ndb_struct_na_base_pair_step.i_PDB_ins_code_1 
_ndb_struct_na_base_pair_step.j_auth_asym_id_1 
_ndb_struct_na_base_pair_step.j_auth_seq_id_1 
_ndb_struct_na_base_pair_step.j_PDB_ins_code_1 
_ndb_struct_na_base_pair_step.i_auth_asym_id_2 
_ndb_struct_na_base_pair_step.i_auth_seq_id_2 
_ndb_struct_na_base_pair_step.i_PDB_ins_code_2 
_ndb_struct_na_base_pair_step.j_auth_asym_id_2 
_ndb_struct_na_base_pair_step.j_auth_seq_id_2 
_ndb_struct_na_base_pair_step.j_PDB_ins_code_2 
1 A DC 1 1_555 C DG 13 1_555 A DC 2 1_555 C DG 12 1_555 0.159  -0.521 3.720 2.739  9.477   42.924 -1.701 0.078  3.536 12.750  
-3.685 43.991 1  AA_DC1DC2:DG25DG26_CC   A 1  ? C 26 ? A 2  ? C 25 ? 
1 A DC 2 1_555 C DG 12 1_555 A DA 3 1_555 C DT 11 1_555 0.312  -1.048 3.337 -7.480 -5.988  31.862 -0.791 -1.847 3.319 -10.611 
13.256 33.236 2  AA_DC2DA3:DT24DG25_CC   A 2  ? C 25 ? A 3  ? C 24 ? 
1 A DA 3 1_555 C DT 11 1_555 A DA 4 1_555 C DT 10 1_555 -0.508 -0.849 3.573 -0.423 -5.878  38.805 -0.484 0.701  3.663 -8.785  
0.632  39.233 3  AA_DA3DA4:DT23DT24_CC   A 3  ? C 24 ? A 4  ? C 23 ? 
1 A DA 4 1_555 C DT 10 1_555 A DA 5 1_555 C DT 9  1_555 -0.132 -0.615 3.146 1.358  -5.780  31.989 -0.110 0.467  3.197 -10.376 
-2.438 32.522 4  AA_DA4DA5:DT22DT23_CC   A 4  ? C 23 ? A 5  ? C 22 ? 
1 A DA 5 1_555 C DT 9  1_555 A DG 6 1_555 C DC 8  1_555 -0.142 -0.915 3.044 -3.213 -5.912  38.704 -0.689 -0.153 3.146 -8.839  
4.803  39.262 5  AA_DA5DG6:DC21DT22_CC   A 5  ? C 22 ? A 6  ? C 21 ? 
1 B DA 1 1_555 C DT 6  1_555 B DC 2 1_555 C DG 5  1_555 -0.180 -0.604 3.205 -2.883 -1.055  33.538 -0.873 -0.151 3.225 -1.823  
4.984  33.674 6  BB_DA8DC9:DG18DT19_CC   B 8  ? C 19 ? B 9  ? C 18 ? 
1 B DC 2 1_555 C DG 5  1_555 B DT 3 1_555 C DA 4  1_555 0.076  -0.423 3.018 4.976  -3.457  33.100 -0.205 0.625  3.025 -6.005  
-8.644 33.635 7  BB_DC9DT10:DA17DG18_CC  B 9  ? C 18 ? B 10 ? C 17 ? 
1 B DT 3 1_555 C DA 4  1_555 B DG 4 1_555 C DC 3  1_555 0.536  -0.938 3.376 -2.952 -9.496  33.240 -0.019 -1.384 3.447 -16.156 
5.022  34.656 8  BB_DT10DG11:DC16DA17_CC B 10 ? C 17 ? B 11 ? C 16 ? 
1 B DG 4 1_555 C DC 3  1_555 B DG 5 1_555 C DC 2  1_555 0.123  -0.905 4.166 4.408  -11.707 44.235 0.171  0.344  4.254 -15.189 
-5.720 45.884 9  BB_DG11DG12:DC15DC16_CC B 11 ? C 16 ? B 12 ? C 15 ? 
1 B DG 5 1_555 C DC 2  1_555 B DG 6 1_555 C DC 1  1_555 -0.413 0.098  3.098 -4.191 6.456   28.289 -1.145 -0.053 3.073 12.909  
8.380  29.297 10 BB_DG12DG13:DC14DC15_CC B 12 ? C 15 ? B 13 ? C 14 ? 
# 
loop_
_pdbx_nmr_spectrometer.spectrometer_id 
_pdbx_nmr_spectrometer.model 
_pdbx_nmr_spectrometer.manufacturer 
_pdbx_nmr_spectrometer.field_strength 
_pdbx_nmr_spectrometer.type 
1 home-built Home-built 750 ? 
2 home-built Home-built 600 ? 
# 
_atom_sites.entry_id                    1GJ2 
_atom_sites.fract_transf_matrix[1][1]   1.000000 
_atom_sites.fract_transf_matrix[1][2]   0.000000 
_atom_sites.fract_transf_matrix[1][3]   0.000000 
_atom_sites.fract_transf_matrix[2][1]   0.000000 
_atom_sites.fract_transf_matrix[2][2]   1.000000 
_atom_sites.fract_transf_matrix[2][3]   0.000000 
_atom_sites.fract_transf_matrix[3][1]   0.000000 
_atom_sites.fract_transf_matrix[3][2]   0.000000 
_atom_sites.fract_transf_matrix[3][3]   1.000000 
_atom_sites.fract_transf_vector[1]      0.00000 
_atom_sites.fract_transf_vector[2]      0.00000 
_atom_sites.fract_transf_vector[3]      0.00000 
# 
loop_
_atom_type.symbol 
C  
CO 
H  
N  
O  
P  
S  
# 
loop_
_atom_site.group_PDB 
_atom_site.id 
_atom_site.type_symbol 
_atom_site.label_atom_id 
_atom_site.label_alt_id 
_atom_site.label_comp_id 
_atom_site.label_asym_id 
_atom_site.label_entity_id 
_atom_site.label_seq_id 
_atom_site.pdbx_PDB_ins_code 
_atom_site.Cartn_x 
_atom_site.Cartn_y 
_atom_site.Cartn_z 
_atom_site.occupancy 
_atom_site.B_iso_or_equiv 
_atom_site.pdbx_formal_charge 
_atom_site.auth_seq_id 
_atom_site.auth_comp_id 
_atom_site.auth_asym_id 
_atom_site.auth_atom_id 
_atom_site.pdbx_PDB_model_num 
ATOM   1   O  "O5'"  . DC  A 1 1  ? -19.114 -23.609 17.950 1.00 10.00 ? 1  DC  A "O5'"  1 
ATOM   2   C  "C5'"  . DC  A 1 1  ? -20.509 -23.499 18.204 1.00 10.00 ? 1  DC  A "C5'"  1 
ATOM   3   C  "C4'"  . DC  A 1 1  ? -20.854 -22.110 18.716 1.00 10.00 ? 1  DC  A "C4'"  1 
ATOM   4   O  "O4'"  . DC  A 1 1  ? -19.999 -21.742 19.829 1.00 10.00 ? 1  DC  A "O4'"  1 
ATOM   5   C  "C3'"  . DC  A 1 1  ? -20.570 -21.054 17.659 1.00 10.00 ? 1  DC  A "C3'"  1 
ATOM   6   O  "O3'"  . DC  A 1 1  ? -21.741 -20.773 16.889 1.00 10.00 ? 1  DC  A "O3'"  1 
ATOM   7   C  "C2'"  . DC  A 1 1  ? -20.058 -19.869 18.497 1.00 10.00 ? 1  DC  A "C2'"  1 
ATOM   8   C  "C1'"  . DC  A 1 1  ? -20.114 -20.342 19.947 1.00 10.00 ? 1  DC  A "C1'"  1 
ATOM   9   N  N1     . DC  A 1 1  ? -19.048 -19.744 20.784 1.00 10.00 ? 1  DC  A N1     1 
ATOM   10  C  C2     . DC  A 1 1  ? -19.427 -18.714 21.668 1.00 10.00 ? 1  DC  A C2     1 
ATOM   11  O  O2     . DC  A 1 1  ? -20.606 -18.333 21.767 1.00 10.00 ? 1  DC  A O2     1 
ATOM   12  N  N3     . DC  A 1 1  ? -18.469 -18.122 22.438 1.00 10.00 ? 1  DC  A N3     1 
ATOM   13  C  C4     . DC  A 1 1  ? -17.185 -18.506 22.364 1.00 10.00 ? 1  DC  A C4     1 
ATOM   14  N  N4     . DC  A 1 1  ? -16.257 -17.901 23.154 1.00 10.00 ? 1  DC  A N4     1 
ATOM   15  C  C5     . DC  A 1 1  ? -16.786 -19.539 21.465 1.00 10.00 ? 1  DC  A C5     1 
ATOM   16  C  C6     . DC  A 1 1  ? -17.728 -20.115 20.706 1.00 10.00 ? 1  DC  A C6     1 
ATOM   17  H  "H5'"  . DC  A 1 1  ? -20.792 -24.258 18.967 1.00 10.00 ? 1  DC  A "H5'"  1 
ATOM   18  H  "H5''" . DC  A 1 1  ? -21.076 -23.701 17.267 1.00 10.00 ? 1  DC  A "H5''" 1 
ATOM   19  H  "H4'"  . DC  A 1 1  ? -21.914 -22.064 19.046 1.00 10.00 ? 1  DC  A "H4'"  1 
ATOM   20  H  "H3'"  . DC  A 1 1  ? -19.762 -21.452 17.008 1.00 10.00 ? 1  DC  A "H3'"  1 
ATOM   21  H  "H2'"  . DC  A 1 1  ? -19.012 -19.671 18.185 1.00 10.00 ? 1  DC  A "H2'"  1 
ATOM   22  H  "H2''" . DC  A 1 1  ? -20.657 -18.941 18.376 1.00 10.00 ? 1  DC  A "H2''" 1 
ATOM   23  H  "H1'"  . DC  A 1 1  ? -21.108 -20.164 20.407 1.00 10.00 ? 1  DC  A "H1'"  1 
ATOM   24  H  H41    . DC  A 1 1  ? -16.568 -17.172 23.772 1.00 10.00 ? 1  DC  A H41    1 
ATOM   25  H  H42    . DC  A 1 1  ? -15.290 -18.143 23.131 1.00 10.00 ? 1  DC  A H42    1 
ATOM   26  H  H5     . DC  A 1 1  ? -15.738 -19.834 21.419 1.00 10.00 ? 1  DC  A H5     1 
ATOM   27  H  H6     . DC  A 1 1  ? -17.506 -20.912 19.995 1.00 10.00 ? 1  DC  A H6     1 
ATOM   28  H  "HO5'" . DC  A 1 1  ? -18.739 -22.892 18.472 1.00 10.00 ? 1  DC  A "HO5'" 1 
ATOM   29  P  P      . DC  A 1 2  ? -21.572 -19.735 15.685 1.00 10.00 ? 2  DC  A P      1 
ATOM   30  O  OP1    . DC  A 1 2  ? -22.738 -19.858 14.788 1.00 10.00 ? 2  DC  A OP1    1 
ATOM   31  O  OP2    . DC  A 1 2  ? -20.223 -19.902 15.092 1.00 10.00 ? 2  DC  A OP2    1 
ATOM   32  O  "O5'"  . DC  A 1 2  ? -21.653 -18.314 16.394 1.00 10.00 ? 2  DC  A "O5'"  1 
ATOM   33  C  "C5'"  . DC  A 1 2  ? -22.891 -17.818 16.903 1.00 10.00 ? 2  DC  A "C5'"  1 
ATOM   34  C  "C4'"  . DC  A 1 2  ? -22.823 -16.337 17.248 1.00 10.00 ? 2  DC  A "C4'"  1 
ATOM   35  O  "O4'"  . DC  A 1 2  ? -21.799 -16.109 18.249 1.00 10.00 ? 2  DC  A "O4'"  1 
ATOM   36  C  "C3'"  . DC  A 1 2  ? -22.474 -15.438 16.072 1.00 10.00 ? 2  DC  A "C3'"  1 
ATOM   37  O  "O3'"  . DC  A 1 2  ? -23.173 -14.204 16.226 1.00 10.00 ? 2  DC  A "O3'"  1 
ATOM   38  C  "C2'"  . DC  A 1 2  ? -20.946 -15.312 16.186 1.00 10.00 ? 2  DC  A "C2'"  1 
ATOM   39  C  "C1'"  . DC  A 1 2  ? -20.775 -15.298 17.708 1.00 10.00 ? 2  DC  A "C1'"  1 
ATOM   40  N  N1     . DC  A 1 2  ? -19.479 -15.676 18.304 1.00 10.00 ? 2  DC  A N1     1 
ATOM   41  C  C2     . DC  A 1 2  ? -18.936 -14.879 19.338 1.00 10.00 ? 2  DC  A C2     1 
ATOM   42  O  O2     . DC  A 1 2  ? -19.496 -13.856 19.770 1.00 10.00 ? 2  DC  A O2     1 
ATOM   43  N  N3     . DC  A 1 2  ? -17.743 -15.239 19.891 1.00 10.00 ? 2  DC  A N3     1 
ATOM   44  C  C4     . DC  A 1 2  ? -17.090 -16.326 19.463 1.00 10.00 ? 2  DC  A C4     1 
ATOM   45  N  N4     . DC  A 1 2  ? -15.901 -16.665 20.020 1.00 10.00 ? 2  DC  A N4     1 
ATOM   46  C  C5     . DC  A 1 2  ? -17.642 -17.127 18.428 1.00 10.00 ? 2  DC  A C5     1 
ATOM   47  C  C6     . DC  A 1 2  ? -18.803 -16.785 17.887 1.00 10.00 ? 2  DC  A C6     1 
ATOM   48  H  "H5'"  . DC  A 1 2  ? -23.164 -18.382 17.823 1.00 10.00 ? 2  DC  A "H5'"  1 
ATOM   49  H  "H5''" . DC  A 1 2  ? -23.707 -17.961 16.159 1.00 10.00 ? 2  DC  A "H5''" 1 
ATOM   50  H  "H4'"  . DC  A 1 2  ? -23.789 -16.027 17.702 1.00 10.00 ? 2  DC  A "H4'"  1 
ATOM   51  H  "H3'"  . DC  A 1 2  ? -22.760 -15.916 15.110 1.00 10.00 ? 2  DC  A "H3'"  1 
ATOM   52  H  "H2'"  . DC  A 1 2  ? -20.501 -16.165 15.637 1.00 10.00 ? 2  DC  A "H2'"  1 
ATOM   53  H  "H2''" . DC  A 1 2  ? -20.539 -14.414 15.679 1.00 10.00 ? 2  DC  A "H2''" 1 
ATOM   54  H  "H1'"  . DC  A 1 2  ? -20.912 -14.270 18.082 1.00 10.00 ? 2  DC  A "H1'"  1 
ATOM   55  H  H41    . DC  A 1 2  ? -15.580 -16.051 20.748 1.00 10.00 ? 2  DC  A H41    1 
ATOM   56  H  H42    . DC  A 1 2  ? -15.387 -17.471 19.731 1.00 10.00 ? 2  DC  A H42    1 
ATOM   57  H  H5     . DC  A 1 2  ? -17.194 -18.019 18.025 1.00 10.00 ? 2  DC  A H5     1 
ATOM   58  H  H6     . DC  A 1 2  ? -19.191 -17.432 17.104 1.00 10.00 ? 2  DC  A H6     1 
ATOM   59  P  P      . DA  A 1 3  ? -22.820 -12.886 15.404 1.00 10.00 ? 3  DA  A P      1 
ATOM   60  O  OP1    . DA  A 1 3  ? -24.063 -12.111 15.195 1.00 10.00 ? 3  DA  A OP1    1 
ATOM   61  O  OP2    . DA  A 1 3  ? -22.004 -13.215 14.212 1.00 10.00 ? 3  DA  A OP2    1 
ATOM   62  O  "O5'"  . DA  A 1 3  ? -21.889 -12.117 16.447 1.00 10.00 ? 3  DA  A "O5'"  1 
ATOM   63  C  "C5'"  . DA  A 1 3  ? -22.461 -11.519 17.614 1.00 10.00 ? 3  DA  A "C5'"  1 
ATOM   64  C  "C4'"  . DA  A 1 3  ? -21.699 -10.302 18.126 1.00 10.00 ? 3  DA  A "C4'"  1 
ATOM   65  O  "O4'"  . DA  A 1 3  ? -20.427 -10.704 18.696 1.00 10.00 ? 3  DA  A "O4'"  1 
ATOM   66  C  "C3'"  . DA  A 1 3  ? -21.397 -9.267  17.051 1.00 10.00 ? 3  DA  A "C3'"  1 
ATOM   67  O  "O3'"  . DA  A 1 3  ? -21.565 -7.952  17.580 1.00 10.00 ? 3  DA  A "O3'"  1 
ATOM   68  C  "C2'"  . DA  A 1 3  ? -19.961 -9.649  16.652 1.00 10.00 ? 3  DA  A "C2'"  1 
ATOM   69  C  "C1'"  . DA  A 1 3  ? -19.355 -10.126 17.975 1.00 10.00 ? 3  DA  A "C1'"  1 
ATOM   70  N  N9     . DA  A 1 3  ? -18.294 -11.161 17.897 1.00 10.00 ? 3  DA  A N9     1 
ATOM   71  C  C8     . DA  A 1 3  ? -18.300 -12.332 17.197 1.00 10.00 ? 3  DA  A C8     1 
ATOM   72  N  N7     . DA  A 1 3  ? -17.221 -13.068 17.320 1.00 10.00 ? 3  DA  A N7     1 
ATOM   73  C  C5     . DA  A 1 3  ? -16.439 -12.343 18.177 1.00 10.00 ? 3  DA  A C5     1 
ATOM   74  C  C6     . DA  A 1 3  ? -15.181 -12.607 18.680 1.00 10.00 ? 3  DA  A C6     1 
ATOM   75  N  N6     . DA  A 1 3  ? -14.482 -13.740 18.377 1.00 10.00 ? 3  DA  A N6     1 
ATOM   76  N  N1     . DA  A 1 3  ? -14.669 -11.683 19.514 1.00 10.00 ? 3  DA  A N1     1 
ATOM   77  C  C2     . DA  A 1 3  ? -15.353 -10.593 19.816 1.00 10.00 ? 3  DA  A C2     1 
ATOM   78  N  N3     . DA  A 1 3  ? -16.549 -10.244 19.396 1.00 10.00 ? 3  DA  A N3     1 
ATOM   79  C  C4     . DA  A 1 3  ? -17.054 -11.169 18.560 1.00 10.00 ? 3  DA  A C4     1 
ATOM   80  H  "H5'"  . DA  A 1 3  ? -22.484 -12.276 18.430 1.00 10.00 ? 3  DA  A "H5'"  1 
ATOM   81  H  "H5''" . DA  A 1 3  ? -23.511 -11.197 17.431 1.00 10.00 ? 3  DA  A "H5''" 1 
ATOM   82  H  "H4'"  . DA  A 1 3  ? -22.276 -9.839  18.955 1.00 10.00 ? 3  DA  A "H4'"  1 
ATOM   83  H  "H3'"  . DA  A 1 3  ? -22.083 -9.395  16.186 1.00 10.00 ? 3  DA  A "H3'"  1 
ATOM   84  H  "H2'"  . DA  A 1 3  ? -20.015 -10.434 15.872 1.00 10.00 ? 3  DA  A "H2'"  1 
ATOM   85  H  "H2''" . DA  A 1 3  ? -19.436 -8.798  16.176 1.00 10.00 ? 3  DA  A "H2''" 1 
ATOM   86  H  "H1'"  . DA  A 1 3  ? -18.978 -9.261  18.562 1.00 10.00 ? 3  DA  A "H1'"  1 
ATOM   87  H  H8     . DA  A 1 3  ? -19.176 -12.567 16.599 1.00 10.00 ? 3  DA  A H8     1 
ATOM   88  H  H61    . DA  A 1 3  ? -14.881 -14.411 17.755 1.00 10.00 ? 3  DA  A H61    1 
ATOM   89  H  H62    . DA  A 1 3  ? -13.569 -13.858 18.783 1.00 10.00 ? 3  DA  A H62    1 
ATOM   90  H  H2     . DA  A 1 3  ? -14.877 -9.882  20.496 1.00 10.00 ? 3  DA  A H2     1 
ATOM   91  P  P      . DA  A 1 4  ? -20.909 -6.608  17.027 1.00 10.00 ? 4  DA  A P      1 
ATOM   92  O  OP1    . DA  A 1 4  ? -21.725 -5.448  17.448 1.00 10.00 ? 4  DA  A OP1    1 
ATOM   93  O  OP2    . DA  A 1 4  ? -20.610 -6.727  15.580 1.00 10.00 ? 4  DA  A OP2    1 
ATOM   94  O  "O5'"  . DA  A 1 4  ? -19.528 -6.600  17.827 1.00 10.00 ? 4  DA  A "O5'"  1 
ATOM   95  C  "C5'"  . DA  A 1 4  ? -19.506 -6.293  19.224 1.00 10.00 ? 4  DA  A "C5'"  1 
ATOM   96  C  "C4'"  . DA  A 1 4  ? -18.184 -5.698  19.695 1.00 10.00 ? 4  DA  A "C4'"  1 
ATOM   97  O  "O4'"  . DA  A 1 4  ? -17.111 -6.672  19.601 1.00 10.00 ? 4  DA  A "O4'"  1 
ATOM   98  C  "C3'"  . DA  A 1 4  ? -17.764 -4.491  18.875 1.00 10.00 ? 4  DA  A "C3'"  1 
ATOM   99  O  "O3'"  . DA  A 1 4  ? -17.253 -3.488  19.751 1.00 10.00 ? 4  DA  A "O3'"  1 
ATOM   100 C  "C2'"  . DA  A 1 4  ? -16.721 -5.096  17.926 1.00 10.00 ? 4  DA  A "C2'"  1 
ATOM   101 C  "C1'"  . DA  A 1 4  ? -16.077 -6.208  18.754 1.00 10.00 ? 4  DA  A "C1'"  1 
ATOM   102 N  N9     . DA  A 1 4  ? -15.585 -7.378  17.985 1.00 10.00 ? 4  DA  A N9     1 
ATOM   103 C  C8     . DA  A 1 4  ? -16.264 -8.124  17.065 1.00 10.00 ? 4  DA  A C8     1 
ATOM   104 N  N7     . DA  A 1 4  ? -15.595 -9.118  16.536 1.00 10.00 ? 4  DA  A N7     1 
ATOM   105 C  C5     . DA  A 1 4  ? -14.383 -9.047  17.164 1.00 10.00 ? 4  DA  A C5     1 
ATOM   106 C  C6     . DA  A 1 4  ? -13.266 -9.839  17.023 1.00 10.00 ? 4  DA  A C6     1 
ATOM   107 N  N6     . DA  A 1 4  ? -13.271 -10.885 16.149 1.00 10.00 ? 4  DA  A N6     1 
ATOM   108 N  N1     . DA  A 1 4  ? -12.197 -9.523  17.779 1.00 10.00 ? 4  DA  A N1     1 
ATOM   109 C  C2     . DA  A 1 4  ? -12.253 -8.496  18.607 1.00 10.00 ? 4  DA  A C2     1 
ATOM   110 N  N3     . DA  A 1 4  ? -13.263 -7.676  18.818 1.00 10.00 ? 4  DA  A N3     1 
ATOM   111 C  C4     . DA  A 1 4  ? -14.322 -7.999  18.057 1.00 10.00 ? 4  DA  A C4     1 
ATOM   112 H  "H5'"  . DA  A 1 4  ? -19.690 -7.221  19.808 1.00 10.00 ? 4  DA  A "H5'"  1 
ATOM   113 H  "H5''" . DA  A 1 4  ? -20.306 -5.568  19.493 1.00 10.00 ? 4  DA  A "H5''" 1 
ATOM   114 H  "H4'"  . DA  A 1 4  ? -18.270 -5.425  20.769 1.00 10.00 ? 4  DA  A "H4'"  1 
ATOM   115 H  "H3'"  . DA  A 1 4  ? -18.605 -4.072  18.281 1.00 10.00 ? 4  DA  A "H3'"  1 
ATOM   116 H  "H2'"  . DA  A 1 4  ? -17.242 -5.459  17.016 1.00 10.00 ? 4  DA  A "H2'"  1 
ATOM   117 H  "H2''" . DA  A 1 4  ? -16.030 -4.307  17.582 1.00 10.00 ? 4  DA  A "H2''" 1 
ATOM   118 H  "H1'"  . DA  A 1 4  ? -15.275 -5.802  19.408 1.00 10.00 ? 4  DA  A "H1'"  1 
ATOM   119 H  H8     . DA  A 1 4  ? -17.293 -7.866  16.830 1.00 10.00 ? 4  DA  A H8     1 
ATOM   120 H  H61    . DA  A 1 4  ? -14.104 -11.065 15.623 1.00 10.00 ? 4  DA  A H61    1 
ATOM   121 H  H62    . DA  A 1 4  ? -12.444 -11.448 16.073 1.00 10.00 ? 4  DA  A H62    1 
ATOM   122 H  H2     . DA  A 1 4  ? -11.352 -8.286  19.189 1.00 10.00 ? 4  DA  A H2     1 
ATOM   123 P  P      . DA  A 1 5  ? -16.572 -2.140  19.252 1.00 10.00 ? 5  DA  A P      1 
ATOM   124 O  OP1    . DA  A 1 5  ? -16.719 -1.129  20.323 1.00 10.00 ? 5  DA  A OP1    1 
ATOM   125 O  OP2    . DA  A 1 5  ? -17.067 -1.782  17.902 1.00 10.00 ? 5  DA  A OP2    1 
ATOM   126 O  "O5'"  . DA  A 1 5  ? -15.043 -2.606  19.195 1.00 10.00 ? 5  DA  A "O5'"  1 
ATOM   127 C  "C5'"  . DA  A 1 5  ? -14.420 -2.853  20.464 1.00 10.00 ? 5  DA  A "C5'"  1 
ATOM   128 C  "C4'"  . DA  A 1 5  ? -12.903 -2.983  20.412 1.00 10.00 ? 5  DA  A "C4'"  1 
ATOM   129 O  "O4'"  . DA  A 1 5  ? -12.549 -4.185  19.686 1.00 10.00 ? 5  DA  A "O4'"  1 
ATOM   130 C  "C3'"  . DA  A 1 5  ? -12.186 -1.829  19.729 1.00 10.00 ? 5  DA  A "C3'"  1 
ATOM   131 O  "O3'"  . DA  A 1 5  ? -11.025 -1.498  20.494 1.00 10.00 ? 5  DA  A "O3'"  1 
ATOM   132 C  "C2'"  . DA  A 1 5  ? -11.855 -2.410  18.341 1.00 10.00 ? 5  DA  A "C2'"  1 
ATOM   133 C  "C1'"  . DA  A 1 5  ? -11.624 -3.888  18.664 1.00 10.00 ? 5  DA  A "C1'"  1 
ATOM   134 N  N9     . DA  A 1 5  ? -11.877 -4.855  17.567 1.00 10.00 ? 5  DA  A N9     1 
ATOM   135 C  C8     . DA  A 1 5  ? -12.962 -4.954  16.746 1.00 10.00 ? 5  DA  A C8     1 
ATOM   136 N  N7     . DA  A 1 5  ? -12.918 -5.925  15.869 1.00 10.00 ? 5  DA  A N7     1 
ATOM   137 C  C5     . DA  A 1 5  ? -11.716 -6.524  16.125 1.00 10.00 ? 5  DA  A C5     1 
ATOM   138 C  C6     . DA  A 1 5  ? -11.120 -7.606  15.519 1.00 10.00 ? 5  DA  A C6     1 
ATOM   139 N  N6     . DA  A 1 5  ? -11.742 -8.247  14.491 1.00 10.00 ? 5  DA  A N6     1 
ATOM   140 N  N1     . DA  A 1 5  ? -9.919  -7.989  15.993 1.00 10.00 ? 5  DA  A N1     1 
ATOM   141 C  C2     . DA  A 1 5  ? -9.377  -7.329  17.000 1.00 10.00 ? 5  DA  A C2     1 
ATOM   142 N  N3     . DA  A 1 5  ? -9.852  -6.289  17.659 1.00 10.00 ? 5  DA  A N3     1 
ATOM   143 C  C4     . DA  A 1 5  ? -11.044 -5.915  17.161 1.00 10.00 ? 5  DA  A C4     1 
ATOM   144 H  "H5'"  . DA  A 1 5  ? -14.831 -3.785  20.910 1.00 10.00 ? 5  DA  A "H5'"  1 
ATOM   145 H  "H5''" . DA  A 1 5  ? -14.631 -2.027  21.180 1.00 10.00 ? 5  DA  A "H5''" 1 
ATOM   146 H  "H4'"  . DA  A 1 5  ? -12.516 -3.118  21.447 1.00 10.00 ? 5  DA  A "H4'"  1 
ATOM   147 H  "H3'"  . DA  A 1 5  ? -12.853 -0.940  19.683 1.00 10.00 ? 5  DA  A "H3'"  1 
ATOM   148 H  "H2'"  . DA  A 1 5  ? -12.681 -2.239  17.622 1.00 10.00 ? 5  DA  A "H2'"  1 
ATOM   149 H  "H2''" . DA  A 1 5  ? -10.967 -1.898  17.920 1.00 10.00 ? 5  DA  A "H2''" 1 
ATOM   150 H  "H1'"  . DA  A 1 5  ? -10.598 -4.048  19.064 1.00 10.00 ? 5  DA  A "H1'"  1 
ATOM   151 H  H8     . DA  A 1 5  ? -13.775 -4.240  16.845 1.00 10.00 ? 5  DA  A H8     1 
ATOM   152 H  H61    . DA  A 1 5  ? -12.637 -7.906  14.202 1.00 10.00 ? 5  DA  A H61    1 
ATOM   153 H  H62    . DA  A 1 5  ? -11.297 -9.036  14.059 1.00 10.00 ? 5  DA  A H62    1 
ATOM   154 H  H2     . DA  A 1 5  ? -8.402  -7.689  17.332 1.00 10.00 ? 5  DA  A H2     1 
ATOM   155 P  P      . DG  A 1 6  ? -9.986  -0.376  20.047 1.00 10.00 ? 6  DG  A P      1 
ATOM   156 O  OP1    . DG  A 1 6  ? -9.465  0.300   21.258 1.00 10.00 ? 6  DG  A OP1    1 
ATOM   157 O  OP2    . DG  A 1 6  ? -10.598 0.467   18.995 1.00 10.00 ? 6  DG  A OP2    1 
ATOM   158 O  "O5'"  . DG  A 1 6  ? -8.879  -1.339  19.417 1.00 10.00 ? 6  DG  A "O5'"  1 
ATOM   159 C  "C5'"  . DG  A 1 6  ? -7.869  -1.851  20.293 1.00 10.00 ? 6  DG  A "C5'"  1 
ATOM   160 C  "C4'"  . DG  A 1 6  ? -6.708  -2.485  19.541 1.00 10.00 ? 6  DG  A "C4'"  1 
ATOM   161 O  "O4'"  . DG  A 1 6  ? -7.178  -3.672  18.858 1.00 10.00 ? 6  DG  A "O4'"  1 
ATOM   162 C  "C3'"  . DG  A 1 6  ? -6.165  -1.581  18.452 1.00 10.00 ? 6  DG  A "C3'"  1 
ATOM   163 O  "O3'"  . DG  A 1 6  ? -5.039  -0.829  18.903 1.00 10.00 ? 6  DG  A "O3'"  1 
ATOM   164 C  "C2'"  . DG  A 1 6  ? -5.710  -2.587  17.385 1.00 10.00 ? 6  DG  A "C2'"  1 
ATOM   165 C  "C1'"  . DG  A 1 6  ? -6.426  -3.902  17.687 1.00 10.00 ? 6  DG  A "C1'"  1 
ATOM   166 N  N9     . DG  A 1 6  ? -7.386  -4.249  16.618 1.00 10.00 ? 6  DG  A N9     1 
ATOM   167 C  C8     . DG  A 1 6  ? -8.570  -3.646  16.321 1.00 10.00 ? 6  DG  A C8     1 
ATOM   168 N  N7     . DG  A 1 6  ? -9.196  -4.169  15.297 1.00 10.00 ? 6  DG  A N7     1 
ATOM   169 C  C5     . DG  A 1 6  ? -8.381  -5.189  14.885 1.00 10.00 ? 6  DG  A C5     1 
ATOM   170 C  C6     . DG  A 1 6  ? -8.571  -6.071  13.848 1.00 10.00 ? 6  DG  A C6     1 
ATOM   171 O  O6     . DG  A 1 6  ? -9.547  -6.093  13.091 1.00 10.00 ? 6  DG  A O6     1 
ATOM   172 N  N1     . DG  A 1 6  ? -7.506  -6.985  13.724 1.00 10.00 ? 6  DG  A N1     1 
ATOM   173 C  C2     . DG  A 1 6  ? -6.375  -7.024  14.536 1.00 10.00 ? 6  DG  A C2     1 
ATOM   174 N  N2     . DG  A 1 6  ? -5.517  -8.014  14.186 1.00 10.00 ? 6  DG  A N2     1 
ATOM   175 N  N3     . DG  A 1 6  ? -6.225  -6.144  15.541 1.00 10.00 ? 6  DG  A N3     1 
ATOM   176 C  C4     . DG  A 1 6  ? -7.244  -5.272  15.667 1.00 10.00 ? 6  DG  A C4     1 
ATOM   177 H  "H5'"  . DG  A 1 6  ? -8.309  -2.594  20.991 1.00 10.00 ? 6  DG  A "H5'"  1 
ATOM   178 H  "H5''" . DG  A 1 6  ? -7.444  -1.035  20.916 1.00 10.00 ? 6  DG  A "H5''" 1 
ATOM   179 H  "H4'"  . DG  A 1 6  ? -5.907  -2.813  20.235 1.00 10.00 ? 6  DG  A "H4'"  1 
ATOM   180 H  "H3'"  . DG  A 1 6  ? -6.979  -0.905  18.114 1.00 10.00 ? 6  DG  A "H3'"  1 
ATOM   181 H  "H2'"  . DG  A 1 6  ? -5.969  -2.212  16.371 1.00 10.00 ? 6  DG  A "H2'"  1 
ATOM   182 H  "H2''" . DG  A 1 6  ? -4.604  -2.702  17.416 1.00 10.00 ? 6  DG  A "H2''" 1 
ATOM   183 H  "H1'"  . DG  A 1 6  ? -5.770  -4.766  17.924 1.00 10.00 ? 6  DG  A "H1'"  1 
ATOM   184 H  H8     . DG  A 1 6  ? -8.909  -2.809  16.931 1.00 10.00 ? 6  DG  A H8     1 
ATOM   185 H  H1     . DG  A 1 6  ? -7.596  -7.661  12.977 1.00 10.00 ? 6  DG  A H1     1 
ATOM   186 H  H21    . DG  A 1 6  ? -5.738  -8.622  13.419 1.00 10.00 ? 6  DG  A H21    1 
ATOM   187 H  H22    . DG  A 1 6  ? -4.680  -8.120  14.718 1.00 10.00 ? 6  DG  A H22    1 
ATOM   188 P  P      . DA  B 2 1  ? 3.542   -4.215  17.932 1.00 10.00 ? 8  DA  B P      1 
ATOM   189 O  OP1    . DA  B 2 1  ? 4.434   -5.109  18.705 1.00 10.00 ? 8  DA  B OP1    1 
ATOM   190 O  OP2    . DA  B 2 1  ? 4.178   -2.940  17.524 1.00 10.00 ? 8  DA  B OP2    1 
ATOM   191 O  "O5'"  . DA  B 2 1  ? 3.291   -4.947  16.540 1.00 10.00 ? 8  DA  B "O5'"  1 
ATOM   192 C  "C5'"  . DA  B 2 1  ? 2.798   -6.287  16.501 1.00 10.00 ? 8  DA  B "C5'"  1 
ATOM   193 C  "C4'"  . DA  B 2 1  ? 3.122   -6.983  15.187 1.00 10.00 ? 8  DA  B "C4'"  1 
ATOM   194 O  "O4'"  . DA  B 2 1  ? 2.271   -6.449  14.141 1.00 10.00 ? 8  DA  B "O4'"  1 
ATOM   195 C  "C3'"  . DA  B 2 1  ? 4.555   -6.765  14.729 1.00 10.00 ? 8  DA  B "C3'"  1 
ATOM   196 O  "O3'"  . DA  B 2 1  ? 5.024   -7.967  14.114 1.00 10.00 ? 8  DA  B "O3'"  1 
ATOM   197 C  "C2'"  . DA  B 2 1  ? 4.417   -5.558  13.796 1.00 10.00 ? 8  DA  B "C2'"  1 
ATOM   198 C  "C1'"  . DA  B 2 1  ? 3.033   -5.754  13.179 1.00 10.00 ? 8  DA  B "C1'"  1 
ATOM   199 N  N9     . DA  B 2 1  ? 2.231   -4.538  12.935 1.00 10.00 ? 8  DA  B N9     1 
ATOM   200 C  C8     . DA  B 2 1  ? 1.958   -3.501  13.776 1.00 10.00 ? 8  DA  B C8     1 
ATOM   201 N  N7     . DA  B 2 1  ? 1.177   -2.583  13.269 1.00 10.00 ? 8  DA  B N7     1 
ATOM   202 C  C5     . DA  B 2 1  ? 0.887   -3.058  12.022 1.00 10.00 ? 8  DA  B C5     1 
ATOM   203 C  C6     . DA  B 2 1  ? 0.107   -2.517  11.029 1.00 10.00 ? 8  DA  B C6     1 
ATOM   204 N  N6     . DA  B 2 1  ? -0.521  -1.327  11.225 1.00 10.00 ? 8  DA  B N6     1 
ATOM   205 N  N1     . DA  B 2 1  ? 0.016   -3.208  9.875  1.00 10.00 ? 8  DA  B N1     1 
ATOM   206 C  C2     . DA  B 2 1  ? 0.648   -4.361  9.758  1.00 10.00 ? 8  DA  B C2     1 
ATOM   207 N  N3     . DA  B 2 1  ? 1.430   -4.964  10.632 1.00 10.00 ? 8  DA  B N3     1 
ATOM   208 C  C4     . DA  B 2 1  ? 1.506   -4.256  11.769 1.00 10.00 ? 8  DA  B C4     1 
ATOM   209 H  "H5'"  . DA  B 2 1  ? 1.690   -6.251  16.584 1.00 10.00 ? 8  DA  B "H5'"  1 
ATOM   210 H  "H5''" . DA  B 2 1  ? 3.193   -6.900  17.342 1.00 10.00 ? 8  DA  B "H5''" 1 
ATOM   211 H  "H4'"  . DA  B 2 1  ? 2.888   -8.066  15.273 1.00 10.00 ? 8  DA  B "H4'"  1 
ATOM   212 H  "H3'"  . DA  B 2 1  ? 5.173   -6.479  15.607 1.00 10.00 ? 8  DA  B "H3'"  1 
ATOM   213 H  "H2'"  . DA  B 2 1  ? 4.512   -4.629  14.393 1.00 10.00 ? 8  DA  B "H2'"  1 
ATOM   214 H  "H2''" . DA  B 2 1  ? 5.280   -5.556  13.111 1.00 10.00 ? 8  DA  B "H2''" 1 
ATOM   215 H  "H1'"  . DA  B 2 1  ? 3.070   -6.421  12.291 1.00 10.00 ? 8  DA  B "H1'"  1 
ATOM   216 H  H8     . DA  B 2 1  ? 2.402   -3.489  14.768 1.00 10.00 ? 8  DA  B H8     1 
ATOM   217 H  H61    . DA  B 2 1  ? -0.404  -0.875  12.108 1.00 10.00 ? 8  DA  B H61    1 
ATOM   218 H  H62    . DA  B 2 1  ? -1.085  -1.007  10.453 1.00 10.00 ? 8  DA  B H62    1 
ATOM   219 H  H2     . DA  B 2 1  ? 0.522   -4.880  8.807  1.00 10.00 ? 8  DA  B H2     1 
ATOM   220 P  P      . DC  B 2 2  ? 6.520   -8.135  13.588 1.00 10.00 ? 9  DC  B P      1 
ATOM   221 O  OP1    . DC  B 2 2  ? 7.108   -9.302  14.279 1.00 10.00 ? 9  DC  B OP1    1 
ATOM   222 O  OP2    . DC  B 2 2  ? 7.256   -6.855  13.688 1.00 10.00 ? 9  DC  B OP2    1 
ATOM   223 O  "O5'"  . DC  B 2 2  ? 6.398   -8.488  12.033 1.00 10.00 ? 9  DC  B "O5'"  1 
ATOM   224 C  "C5'"  . DC  B 2 2  ? 5.862   -7.465  11.192 1.00 10.00 ? 9  DC  B "C5'"  1 
ATOM   225 C  "C4'"  . DC  B 2 2  ? 5.486   -7.924  9.792  1.00 10.00 ? 9  DC  B "C4'"  1 
ATOM   226 O  "O4'"  . DC  B 2 2  ? 4.371   -7.135  9.294  1.00 10.00 ? 9  DC  B "O4'"  1 
ATOM   227 C  "C3'"  . DC  B 2 2  ? 6.630   -7.686  8.819  1.00 10.00 ? 9  DC  B "C3'"  1 
ATOM   228 O  "O3'"  . DC  B 2 2  ? 6.512   -8.557  7.689  1.00 10.00 ? 9  DC  B "O3'"  1 
ATOM   229 C  "C2'"  . DC  B 2 2  ? 6.377   -6.198  8.521  1.00 10.00 ? 9  DC  B "C2'"  1 
ATOM   230 C  "C1'"  . DC  B 2 2  ? 4.850   -6.088  8.475  1.00 10.00 ? 9  DC  B "C1'"  1 
ATOM   231 N  N1     . DC  B 2 2  ? 4.342   -4.778  8.925  1.00 10.00 ? 9  DC  B N1     1 
ATOM   232 C  C2     . DC  B 2 2  ? 3.563   -3.922  8.115  1.00 10.00 ? 9  DC  B C2     1 
ATOM   233 O  O2     . DC  B 2 2  ? 3.213   -4.235  6.962  1.00 10.00 ? 9  DC  B O2     1 
ATOM   234 N  N3     . DC  B 2 2  ? 3.179   -2.712  8.634  1.00 10.00 ? 9  DC  B N3     1 
ATOM   235 C  C4     . DC  B 2 2  ? 3.525   -2.337  9.882  1.00 10.00 ? 9  DC  B C4     1 
ATOM   236 N  N4     . DC  B 2 2  ? 3.151   -1.141  10.412 1.00 10.00 ? 9  DC  B N4     1 
ATOM   237 C  C5     . DC  B 2 2  ? 4.316   -3.214  10.677 1.00 10.00 ? 9  DC  B C5     1 
ATOM   238 C  C6     . DC  B 2 2  ? 4.682   -4.374  10.176 1.00 10.00 ? 9  DC  B C6     1 
ATOM   239 H  "H5'"  . DC  B 2 2  ? 6.563   -6.604  11.155 1.00 10.00 ? 9  DC  B "H5'"  1 
ATOM   240 H  "H5''" . DC  B 2 2  ? 4.907   -7.102  11.627 1.00 10.00 ? 9  DC  B "H5''" 1 
ATOM   241 H  "H4'"  . DC  B 2 2  ? 5.190   -8.989  9.796  1.00 10.00 ? 9  DC  B "H4'"  1 
ATOM   242 H  "H3'"  . DC  B 2 2  ? 7.581   -7.903  9.357  1.00 10.00 ? 9  DC  B "H3'"  1 
ATOM   243 H  "H2'"  . DC  B 2 2  ? 6.873   -5.584  9.298  1.00 10.00 ? 9  DC  B "H2'"  1 
ATOM   244 H  "H2''" . DC  B 2 2  ? 6.828   -5.772  7.611  1.00 10.00 ? 9  DC  B "H2''" 1 
ATOM   245 H  "H1'"  . DC  B 2 2  ? 4.436   -6.248  7.465  1.00 10.00 ? 9  DC  B "H1'"  1 
ATOM   246 H  H41    . DC  B 2 2  ? 2.585   -0.514  9.869  1.00 10.00 ? 9  DC  B H41    1 
ATOM   247 H  H42    . DC  B 2 2  ? 3.425   -0.905  11.343 1.00 10.00 ? 9  DC  B H42    1 
ATOM   248 H  H5     . DC  B 2 2  ? 4.739   -3.204  11.671 1.00 10.00 ? 9  DC  B H5     1 
ATOM   249 H  H6     . DC  B 2 2  ? 5.257   -4.998  10.843 1.00 10.00 ? 9  DC  B H6     1 
ATOM   250 P  P      . DT  B 2 3  ? 7.668   -8.518  6.587  1.00 10.00 ? 10 DT  B P      1 
ATOM   251 O  OP1    . DT  B 2 3  ? 7.559   -9.730  5.742  1.00 10.00 ? 10 DT  B OP1    1 
ATOM   252 O  OP2    . DT  B 2 3  ? 8.965   -8.203  7.228  1.00 10.00 ? 10 DT  B OP2    1 
ATOM   253 O  "O5'"  . DT  B 2 3  ? 7.171   -7.269  5.729  1.00 10.00 ? 10 DT  B "O5'"  1 
ATOM   254 C  "C5'"  . DT  B 2 3  ? 6.295   -7.521  4.628  1.00 10.00 ? 10 DT  B "C5'"  1 
ATOM   255 C  "C4'"  . DT  B 2 3  ? 6.081   -6.301  3.742  1.00 10.00 ? 10 DT  B "C4'"  1 
ATOM   256 O  "O4'"  . DT  B 2 3  ? 5.493   -5.263  4.571  1.00 10.00 ? 10 DT  B "O4'"  1 
ATOM   257 C  "C3'"  . DT  B 2 3  ? 7.323   -5.711  3.082  1.00 10.00 ? 10 DT  B "C3'"  1 
ATOM   258 O  "O3'"  . DT  B 2 3  ? 7.025   -5.302  1.750  1.00 10.00 ? 10 DT  B "O3'"  1 
ATOM   259 C  "C2'"  . DT  B 2 3  ? 7.581   -4.491  3.981  1.00 10.00 ? 10 DT  B "C2'"  1 
ATOM   260 C  "C1'"  . DT  B 2 3  ? 6.157   -4.048  4.328  1.00 10.00 ? 10 DT  B "C1'"  1 
ATOM   261 N  N1     . DT  B 2 3  ? 6.023   -3.099  5.465  1.00 10.00 ? 10 DT  B N1     1 
ATOM   262 C  C2     . DT  B 2 3  ? 5.152   -1.994  5.353  1.00 10.00 ? 10 DT  B C2     1 
ATOM   263 O  O2     . DT  B 2 3  ? 4.447   -1.750  4.371  1.00 10.00 ? 10 DT  B O2     1 
ATOM   264 N  N3     . DT  B 2 3  ? 5.138   -1.155  6.489  1.00 10.00 ? 10 DT  B N3     1 
ATOM   265 C  C4     . DT  B 2 3  ? 5.885   -1.322  7.675  1.00 10.00 ? 10 DT  B C4     1 
ATOM   266 O  O4     . DT  B 2 3  ? 5.791   -0.525  8.611  1.00 10.00 ? 10 DT  B O4     1 
ATOM   267 C  C5     . DT  B 2 3  ? 6.738   -2.470  7.674  1.00 10.00 ? 10 DT  B C5     1 
ATOM   268 C  C7     . DT  B 2 3  ? 7.596   -2.817  8.830  1.00 10.00 ? 10 DT  B C7     1 
ATOM   269 C  C6     . DT  B 2 3  ? 6.761   -3.268  6.608  1.00 10.00 ? 10 DT  B C6     1 
ATOM   270 H  "H5'"  . DT  B 2 3  ? 5.308   -7.869  5.009  1.00 10.00 ? 10 DT  B "H5'"  1 
ATOM   271 H  "H5''" . DT  B 2 3  ? 6.714   -8.323  3.983  1.00 10.00 ? 10 DT  B "H5''" 1 
ATOM   272 H  "H4'"  . DT  B 2 3  ? 5.343   -6.594  2.964  1.00 10.00 ? 10 DT  B "H4'"  1 
ATOM   273 H  "H3'"  . DT  B 2 3  ? 8.098   -6.510  3.057  1.00 10.00 ? 10 DT  B "H3'"  1 
ATOM   274 H  "H2'"  . DT  B 2 3  ? 8.228   -4.878  4.792  1.00 10.00 ? 10 DT  B "H2'"  1 
ATOM   275 H  "H2''" . DT  B 2 3  ? 8.134   -3.623  3.575  1.00 10.00 ? 10 DT  B "H2''" 1 
ATOM   276 H  "H1'"  . DT  B 2 3  ? 5.623   -3.692  3.424  1.00 10.00 ? 10 DT  B "H1'"  1 
ATOM   277 H  H3     . DT  B 2 3  ? 4.519   -0.358  6.443  1.00 10.00 ? 10 DT  B H3     1 
ATOM   278 H  H71    . DT  B 2 3  ? 7.778   -3.915  8.832  1.00 10.00 ? 10 DT  B H71    1 
ATOM   279 H  H72    . DT  B 2 3  ? 8.597   -2.346  8.751  1.00 10.00 ? 10 DT  B H72    1 
ATOM   280 H  H73    . DT  B 2 3  ? 7.109   -2.576  9.795  1.00 10.00 ? 10 DT  B H73    1 
ATOM   281 H  H6     . DT  B 2 3  ? 7.439   -4.102  6.737  1.00 10.00 ? 10 DT  B H6     1 
ATOM   282 P  P      . DG  B 2 4  ? 8.182   -4.750  0.802  1.00 10.00 ? 11 DG  B P      1 
ATOM   283 O  OP1    . DG  B 2 4  ? 8.700   -5.881  -0.002 1.00 10.00 ? 11 DG  B OP1    1 
ATOM   284 O  OP2    . DG  B 2 4  ? 9.144   -3.881  1.518  1.00 10.00 ? 11 DG  B OP2    1 
ATOM   285 O  "O5'"  . DG  B 2 4  ? 7.264   -3.872  -0.161 1.00 10.00 ? 11 DG  B "O5'"  1 
ATOM   286 C  "C5'"  . DG  B 2 4  ? 7.556   -2.493  -0.382 1.00 10.00 ? 11 DG  B "C5'"  1 
ATOM   287 C  "C4'"  . DG  B 2 4  ? 6.278   -1.684  -0.540 1.00 10.00 ? 11 DG  B "C4'"  1 
ATOM   288 O  "O4'"  . DG  B 2 4  ? 5.807   -1.235  0.756  1.00 10.00 ? 11 DG  B "O4'"  1 
ATOM   289 C  "C3'"  . DG  B 2 4  ? 6.540   -0.423  -1.338 1.00 10.00 ? 11 DG  B "C3'"  1 
ATOM   290 O  "O3'"  . DG  B 2 4  ? 5.299   -0.037  -1.925 1.00 10.00 ? 11 DG  B "O3'"  1 
ATOM   291 C  "C2'"  . DG  B 2 4  ? 7.027   0.502   -0.217 1.00 10.00 ? 11 DG  B "C2'"  1 
ATOM   292 C  "C1'"  . DG  B 2 4  ? 6.044   0.151   0.898  1.00 10.00 ? 11 DG  B "C1'"  1 
ATOM   293 N  N9     . DG  B 2 4  ? 6.548   0.388   2.269  1.00 10.00 ? 11 DG  B N9     1 
ATOM   294 C  C8     . DG  B 2 4  ? 7.429   -0.360  2.993  1.00 10.00 ? 11 DG  B C8     1 
ATOM   295 N  N7     . DG  B 2 4  ? 7.682   0.124   4.184  1.00 10.00 ? 11 DG  B N7     1 
ATOM   296 C  C5     . DG  B 2 4  ? 6.923   1.257   4.272  1.00 10.00 ? 11 DG  B C5     1 
ATOM   297 C  C6     . DG  B 2 4  ? 6.814   2.143   5.319  1.00 10.00 ? 11 DG  B C6     1 
ATOM   298 O  O6     . DG  B 2 4  ? 7.398   2.073   6.406  1.00 10.00 ? 11 DG  B O6     1 
ATOM   299 N  N1     . DG  B 2 4  ? 5.932   3.201   5.034  1.00 10.00 ? 11 DG  B N1     1 
ATOM   300 C  C2     . DG  B 2 4  ? 5.233   3.371   3.844  1.00 10.00 ? 11 DG  B C2     1 
ATOM   301 N  N2     . DG  B 2 4  ? 4.430   4.463   3.832  1.00 10.00 ? 11 DG  B N2     1 
ATOM   302 N  N3     . DG  B 2 4  ? 5.364   2.479   2.849  1.00 10.00 ? 11 DG  B N3     1 
ATOM   303 C  C4     . DG  B 2 4  ? 6.207   1.463   3.110  1.00 10.00 ? 11 DG  B C4     1 
ATOM   304 H  "H5'"  . DG  B 2 4  ? 8.150   -2.428  -1.319 1.00 10.00 ? 11 DG  B "H5'"  1 
ATOM   305 H  "H5''" . DG  B 2 4  ? 8.173   -2.044  0.429  1.00 10.00 ? 11 DG  B "H5''" 1 
ATOM   306 H  "H4'"  . DG  B 2 4  ? 5.467   -2.242  -1.050 1.00 10.00 ? 11 DG  B "H4'"  1 
ATOM   307 H  "H3'"  . DG  B 2 4  ? 7.286   -0.653  -2.128 1.00 10.00 ? 11 DG  B "H3'"  1 
ATOM   308 H  "H2'"  . DG  B 2 4  ? 8.070   0.254   0.069  1.00 10.00 ? 11 DG  B "H2'"  1 
ATOM   309 H  "H2''" . DG  B 2 4  ? 6.971   1.567   -0.511 1.00 10.00 ? 11 DG  B "H2''" 1 
ATOM   310 H  "H1'"  . DG  B 2 4  ? 5.073   0.664   0.726  1.00 10.00 ? 11 DG  B "H1'"  1 
ATOM   311 H  H8     . DG  B 2 4  ? 7.859   -1.266  2.566  1.00 10.00 ? 11 DG  B H8     1 
ATOM   312 H  H1     . DG  B 2 4  ? 5.818   3.885   5.770  1.00 10.00 ? 11 DG  B H1     1 
ATOM   313 H  H21    . DG  B 2 4  ? 4.401   5.087   4.618  1.00 10.00 ? 11 DG  B H21    1 
ATOM   314 H  H22    . DG  B 2 4  ? 3.920   4.625   2.987  1.00 10.00 ? 11 DG  B H22    1 
ATOM   315 P  P      . DG  B 2 5  ? 5.283   1.201   -2.921 1.00 10.00 ? 12 DG  B P      1 
ATOM   316 O  OP1    . DG  B 2 5  ? 4.162   0.994   -3.868 1.00 10.00 ? 12 DG  B OP1    1 
ATOM   317 O  OP2    . DG  B 2 5  ? 6.629   1.374   -3.507 1.00 10.00 ? 12 DG  B OP2    1 
ATOM   318 O  "O5'"  . DG  B 2 5  ? 4.981   2.430   -1.948 1.00 10.00 ? 12 DG  B "O5'"  1 
ATOM   319 C  "C5'"  . DG  B 2 5  ? 3.649   2.628   -1.463 1.00 10.00 ? 12 DG  B "C5'"  1 
ATOM   320 C  "C4'"  . DG  B 2 5  ? 3.417   4.057   -0.994 1.00 10.00 ? 12 DG  B "C4'"  1 
ATOM   321 O  "O4'"  . DG  B 2 5  ? 4.184   4.282   0.217  1.00 10.00 ? 12 DG  B "O4'"  1 
ATOM   322 C  "C3'"  . DG  B 2 5  ? 3.870   5.074   -2.030 1.00 10.00 ? 12 DG  B "C3'"  1 
ATOM   323 O  "O3'"  . DG  B 2 5  ? 2.845   6.037   -2.278 1.00 10.00 ? 12 DG  B "O3'"  1 
ATOM   324 C  "C2'"  . DG  B 2 5  ? 5.129   5.690   -1.394 1.00 10.00 ? 12 DG  B "C2'"  1 
ATOM   325 C  "C1'"  . DG  B 2 5  ? 4.989   5.436   0.108  1.00 10.00 ? 12 DG  B "C1'"  1 
ATOM   326 N  N9     . DG  B 2 5  ? 6.252   5.082   0.800  1.00 10.00 ? 12 DG  B N9     1 
ATOM   327 C  C8     . DG  B 2 5  ? 7.108   4.078   0.466  1.00 10.00 ? 12 DG  B C8     1 
ATOM   328 N  N7     . DG  B 2 5  ? 8.154   3.965   1.244  1.00 10.00 ? 12 DG  B N7     1 
ATOM   329 C  C5     . DG  B 2 5  ? 7.987   4.948   2.176  1.00 10.00 ? 12 DG  B C5     1 
ATOM   330 C  C6     . DG  B 2 5  ? 8.804   5.264   3.236  1.00 10.00 ? 12 DG  B C6     1 
ATOM   331 O  O6     . DG  B 2 5  ? 9.860   4.701   3.546  1.00 10.00 ? 12 DG  B O6     1 
ATOM   332 N  N1     . DG  B 2 5  ? 8.310   6.346   3.988  1.00 10.00 ? 12 DG  B N1     1 
ATOM   333 C  C2     . DG  B 2 5  ? 7.132   7.034   3.715  1.00 10.00 ? 12 DG  B C2     1 
ATOM   334 N  N2     . DG  B 2 5  ? 6.881   8.032   4.596  1.00 10.00 ? 12 DG  B N2     1 
ATOM   335 N  N3     . DG  B 2 5  ? 6.361   6.697   2.669  1.00 10.00 ? 12 DG  B N3     1 
ATOM   336 C  C4     . DG  B 2 5  ? 6.829   5.664   1.944  1.00 10.00 ? 12 DG  B C4     1 
ATOM   337 H  "H5'"  . DG  B 2 5  ? 3.461   1.946   -0.605 1.00 10.00 ? 12 DG  B "H5'"  1 
ATOM   338 H  "H5''" . DG  B 2 5  ? 2.894   2.399   -2.247 1.00 10.00 ? 12 DG  B "H5''" 1 
ATOM   339 H  "H4'"  . DG  B 2 5  ? 2.346   4.204   -0.733 1.00 10.00 ? 12 DG  B "H4'"  1 
ATOM   340 H  "H3'"  . DG  B 2 5  ? 4.067   4.541   -2.987 1.00 10.00 ? 12 DG  B "H3'"  1 
ATOM   341 H  "H2'"  . DG  B 2 5  ? 6.056   5.251   -1.816 1.00 10.00 ? 12 DG  B "H2'"  1 
ATOM   342 H  "H2''" . DG  B 2 5  ? 5.196   6.770   -1.624 1.00 10.00 ? 12 DG  B "H2''" 1 
ATOM   343 H  "H1'"  . DG  B 2 5  ? 4.447   6.250   0.638  1.00 10.00 ? 12 DG  B "H1'"  1 
ATOM   344 H  H8     . DG  B 2 5  ? 6.866   3.470   -0.401 1.00 10.00 ? 12 DG  B H8     1 
ATOM   345 H  H1     . DG  B 2 5  ? 8.866   6.628   4.787  1.00 10.00 ? 12 DG  B H1     1 
ATOM   346 H  H21    . DG  B 2 5  ? 7.505   8.234   5.361  1.00 10.00 ? 12 DG  B H21    1 
ATOM   347 H  H22    . DG  B 2 5  ? 6.048   8.565   4.462  1.00 10.00 ? 12 DG  B H22    1 
ATOM   348 P  P      . DG  B 2 6  ? 2.994   7.211   -3.344 1.00 10.00 ? 13 DG  B P      1 
ATOM   349 O  OP1    . DG  B 2 6  ? 1.632   7.626   -3.748 1.00 10.00 ? 13 DG  B OP1    1 
ATOM   350 O  OP2    . DG  B 2 6  ? 3.913   6.794   -4.429 1.00 10.00 ? 13 DG  B OP2    1 
ATOM   351 O  "O5'"  . DG  B 2 6  ? 3.662   8.363   -2.455 1.00 10.00 ? 13 DG  B "O5'"  1 
ATOM   352 C  "C5'"  . DG  B 2 6  ? 2.930   8.805   -1.305 1.00 10.00 ? 13 DG  B "C5'"  1 
ATOM   353 C  "C4'"  . DG  B 2 6  ? 3.432   10.092  -0.663 1.00 10.00 ? 13 DG  B "C4'"  1 
ATOM   354 O  "O4'"  . DG  B 2 6  ? 4.585   9.800   0.166  1.00 10.00 ? 13 DG  B "O4'"  1 
ATOM   355 C  "C3'"  . DG  B 2 6  ? 3.881   11.156  -1.646 1.00 10.00 ? 13 DG  B "C3'"  1 
ATOM   356 O  "O3'"  . DG  B 2 6  ? 3.655   12.467  -1.142 1.00 10.00 ? 13 DG  B "O3'"  1 
ATOM   357 C  "C2'"  . DG  B 2 6  ? 5.392   10.909  -1.744 1.00 10.00 ? 13 DG  B "C2'"  1 
ATOM   358 C  "C1'"  . DG  B 2 6  ? 5.749   10.420  -0.339 1.00 10.00 ? 13 DG  B "C1'"  1 
ATOM   359 N  N9     . DG  B 2 6  ? 6.859   9.446   -0.205 1.00 10.00 ? 13 DG  B N9     1 
ATOM   360 C  C8     . DG  B 2 6  ? 7.169   8.348   -0.953 1.00 10.00 ? 13 DG  B C8     1 
ATOM   361 N  N7     . DG  B 2 6  ? 8.223   7.688   -0.544 1.00 10.00 ? 13 DG  B N7     1 
ATOM   362 C  C5     . DG  B 2 6  ? 8.650   8.370   0.559  1.00 10.00 ? 13 DG  B C5     1 
ATOM   363 C  C6     . DG  B 2 6  ? 9.724   8.094   1.376  1.00 10.00 ? 13 DG  B C6     1 
ATOM   364 O  O6     . DG  B 2 6  ? 10.526  7.162   1.247  1.00 10.00 ? 13 DG  B O6     1 
ATOM   365 N  N1     . DG  B 2 6  ? 9.843   9.031   2.419  1.00 10.00 ? 13 DG  B N1     1 
ATOM   366 C  C2     . DG  B 2 6  ? 8.990   10.110  2.619  1.00 10.00 ? 13 DG  B C2     1 
ATOM   367 N  N2     . DG  B 2 6  ? 9.338   10.851  3.698  1.00 10.00 ? 13 DG  B N2     1 
ATOM   368 N  N3     . DG  B 2 6  ? 7.955   10.350  1.802  1.00 10.00 ? 13 DG  B N3     1 
ATOM   369 C  C4     . DG  B 2 6  ? 7.835   9.459   0.806  1.00 10.00 ? 13 DG  B C4     1 
ATOM   370 H  "H5'"  . DG  B 2 6  ? 2.976   8.023   -0.516 1.00 10.00 ? 13 DG  B "H5'"  1 
ATOM   371 H  "H5''" . DG  B 2 6  ? 1.861   8.970   -1.565 1.00 10.00 ? 13 DG  B "H5''" 1 
ATOM   372 H  "H4'"  . DG  B 2 6  ? 2.648   10.488  0.018  1.00 10.00 ? 13 DG  B "H4'"  1 
ATOM   373 H  "H3'"  . DG  B 2 6  ? 3.372   11.041  -2.627 1.00 10.00 ? 13 DG  B "H3'"  1 
ATOM   374 H  "HO3'" . DG  B 2 6  ? 4.108   12.483  -0.297 1.00 10.00 ? 13 DG  B "HO3'" 1 
ATOM   375 H  "H2'"  . DG  B 2 6  ? 5.558   10.157  -2.541 1.00 10.00 ? 13 DG  B "H2'"  1 
ATOM   376 H  "H2''" . DG  B 2 6  ? 5.944   11.831  -2.007 1.00 10.00 ? 13 DG  B "H2''" 1 
ATOM   377 H  "H1'"  . DG  B 2 6  ? 5.935   11.297  0.319  1.00 10.00 ? 13 DG  B "H1'"  1 
ATOM   378 H  H8     . DG  B 2 6  ? 6.572   8.085   -1.822 1.00 10.00 ? 13 DG  B H8     1 
ATOM   379 H  H1     . DG  B 2 6  ? 10.620  8.887   3.052  1.00 10.00 ? 13 DG  B H1     1 
ATOM   380 H  H21    . DG  B 2 6  ? 10.145  10.592  4.238  1.00 10.00 ? 13 DG  B H21    1 
ATOM   381 H  H22    . DG  B 2 6  ? 8.783   11.646  3.932  1.00 10.00 ? 13 DG  B H22    1 
ATOM   382 O  "O5'"  . DC  C 3 1  ? 17.558  12.758  7.756  1.00 10.00 ? 14 DC  C "O5'"  1 
ATOM   383 C  "C5'"  . DC  C 3 1  ? 17.299  11.370  7.597  1.00 10.00 ? 14 DC  C "C5'"  1 
ATOM   384 C  "C4'"  . DC  C 3 1  ? 15.800  11.132  7.589  1.00 10.00 ? 14 DC  C "C4'"  1 
ATOM   385 O  "O4'"  . DC  C 3 1  ? 15.375  10.700  6.276  1.00 10.00 ? 14 DC  C "O4'"  1 
ATOM   386 C  "C3'"  . DC  C 3 1  ? 15.406  9.983   8.499  1.00 10.00 ? 14 DC  C "C3'"  1 
ATOM   387 O  "O3'"  . DC  C 3 1  ? 15.274  10.395  9.863  1.00 10.00 ? 14 DC  C "O3'"  1 
ATOM   388 C  "C2'"  . DC  C 3 1  ? 14.141  9.462   7.790  1.00 10.00 ? 14 DC  C "C2'"  1 
ATOM   389 C  "C1'"  . DC  C 3 1  ? 14.077  10.182  6.445  1.00 10.00 ? 14 DC  C "C1'"  1 
ATOM   390 N  N1     . DC  C 3 1  ? 13.741  9.179   5.423  1.00 10.00 ? 14 DC  C N1     1 
ATOM   391 C  C2     . DC  C 3 1  ? 12.540  9.282   4.693  1.00 10.00 ? 14 DC  C C2     1 
ATOM   392 O  O2     . DC  C 3 1  ? 11.767  10.247  4.825  1.00 10.00 ? 14 DC  C O2     1 
ATOM   393 N  N3     . DC  C 3 1  ? 12.236  8.293   3.804  1.00 10.00 ? 14 DC  C N3     1 
ATOM   394 C  C4     . DC  C 3 1  ? 13.048  7.238   3.641  1.00 10.00 ? 14 DC  C C4     1 
ATOM   395 N  N4     . DC  C 3 1  ? 12.703  6.282   2.743  1.00 10.00 ? 14 DC  C N4     1 
ATOM   396 C  C5     . DC  C 3 1  ? 14.245  7.126   4.408  1.00 10.00 ? 14 DC  C C5     1 
ATOM   397 C  C6     . DC  C 3 1  ? 14.549  8.090   5.263  1.00 10.00 ? 14 DC  C C6     1 
ATOM   398 H  "H5'"  . DC  C 3 1  ? 17.760  10.840  8.459  1.00 10.00 ? 14 DC  C "H5'"  1 
ATOM   399 H  "H5''" . DC  C 3 1  ? 17.774  11.019  6.654  1.00 10.00 ? 14 DC  C "H5''" 1 
ATOM   400 H  "H4'"  . DC  C 3 1  ? 15.219  12.043  7.846  1.00 10.00 ? 14 DC  C "H4'"  1 
ATOM   401 H  "H3'"  . DC  C 3 1  ? 16.191  9.197   8.410  1.00 10.00 ? 14 DC  C "H3'"  1 
ATOM   402 H  "H2'"  . DC  C 3 1  ? 14.251  8.358   7.787  1.00 10.00 ? 14 DC  C "H2'"  1 
ATOM   403 H  "H2''" . DC  C 3 1  ? 13.131  9.545   8.234  1.00 10.00 ? 14 DC  C "H2''" 1 
ATOM   404 H  "H1'"  . DC  C 3 1  ? 13.353  11.025  6.429  1.00 10.00 ? 14 DC  C "H1'"  1 
ATOM   405 H  H41    . DC  C 3 1  ? 11.840  6.454   2.256  1.00 10.00 ? 14 DC  C H41    1 
ATOM   406 H  H42    . DC  C 3 1  ? 13.251  5.465   2.570  1.00 10.00 ? 14 DC  C H42    1 
ATOM   407 H  H5     . DC  C 3 1  ? 14.994  6.350   4.433  1.00 10.00 ? 14 DC  C H5     1 
ATOM   408 H  H6     . DC  C 3 1  ? 15.480  8.004   5.827  1.00 10.00 ? 14 DC  C H6     1 
ATOM   409 H  "HO5'" . DC  C 3 1  ? 16.968  13.020  8.468  1.00 10.00 ? 14 DC  C "HO5'" 1 
ATOM   410 P  P      . DC  C 3 2  ? 14.288  9.628   10.862 1.00 10.00 ? 15 DC  C P      1 
ATOM   411 O  OP1    . DC  C 3 2  ? 14.525  10.039  12.263 1.00 10.00 ? 15 DC  C OP1    1 
ATOM   412 O  OP2    . DC  C 3 2  ? 14.269  8.183   10.539 1.00 10.00 ? 15 DC  C OP2    1 
ATOM   413 O  "O5'"  . DC  C 3 2  ? 12.922  10.243  10.359 1.00 10.00 ? 15 DC  C "O5'"  1 
ATOM   414 C  "C5'"  . DC  C 3 2  ? 12.173  11.391  10.715 1.00 10.00 ? 15 DC  C "C5'"  1 
ATOM   415 C  "C4'"  . DC  C 3 2  ? 10.797  11.347  10.059 1.00 10.00 ? 15 DC  C "C4'"  1 
ATOM   416 O  "O4'"  . DC  C 3 2  ? 10.811  10.610  8.803  1.00 10.00 ? 15 DC  C "O4'"  1 
ATOM   417 C  "C3'"  . DC  C 3 2  ? 9.706   10.723  10.909 1.00 10.00 ? 15 DC  C "C3'"  1 
ATOM   418 O  "O3'"  . DC  C 3 2  ? 8.523   11.494  10.701 1.00 10.00 ? 15 DC  C "O3'"  1 
ATOM   419 C  "C2'"  . DC  C 3 2  ? 9.593   9.303   10.340 1.00 10.00 ? 15 DC  C "C2'"  1 
ATOM   420 C  "C1'"  . DC  C 3 2  ? 9.898   9.533   8.859  1.00 10.00 ? 15 DC  C "C1'"  1 
ATOM   421 N  N1     . DC  C 3 2  ? 10.424  8.380   8.070  1.00 10.00 ? 15 DC  C N1     1 
ATOM   422 C  C2     . DC  C 3 2  ? 9.660   8.034   6.930  1.00 10.00 ? 15 DC  C C2     1 
ATOM   423 O  O2     . DC  C 3 2  ? 8.622   8.636   6.613  1.00 10.00 ? 15 DC  C O2     1 
ATOM   424 N  N3     . DC  C 3 2  ? 10.042  6.989   6.141  1.00 10.00 ? 15 DC  C N3     1 
ATOM   425 C  C4     . DC  C 3 2  ? 11.154  6.299   6.422  1.00 10.00 ? 15 DC  C C4     1 
ATOM   426 N  N4     . DC  C 3 2  ? 11.553  5.267   5.635  1.00 10.00 ? 15 DC  C N4     1 
ATOM   427 C  C5     . DC  C 3 2  ? 11.946  6.630   7.554  1.00 10.00 ? 15 DC  C C5     1 
ATOM   428 C  C6     . DC  C 3 2  ? 11.561  7.637   8.341  1.00 10.00 ? 15 DC  C C6     1 
ATOM   429 H  "H5'"  . DC  C 3 2  ? 12.713  12.302  10.376 1.00 10.00 ? 15 DC  C "H5'"  1 
ATOM   430 H  "H5''" . DC  C 3 2  ? 12.065  11.441  11.822 1.00 10.00 ? 15 DC  C "H5''" 1 
ATOM   431 H  "H4'"  . DC  C 3 2  ? 10.517  12.385  9.784  1.00 10.00 ? 15 DC  C "H4'"  1 
ATOM   432 H  "H3'"  . DC  C 3 2  ? 9.965   10.679  11.987 1.00 10.00 ? 15 DC  C "H3'"  1 
ATOM   433 H  "H2'"  . DC  C 3 2  ? 10.311  8.586   10.788 1.00 10.00 ? 15 DC  C "H2'"  1 
ATOM   434 H  "H2''" . DC  C 3 2  ? 8.562   8.962   10.582 1.00 10.00 ? 15 DC  C "H2''" 1 
ATOM   435 H  "H1'"  . DC  C 3 2  ? 8.980   9.944   8.386  1.00 10.00 ? 15 DC  C "H1'"  1 
ATOM   436 H  H41    . DC  C 3 2  ? 10.980  5.045   4.838  1.00 10.00 ? 15 DC  C H41    1 
ATOM   437 H  H42    . DC  C 3 2  ? 12.379  4.743   5.838  1.00 10.00 ? 15 DC  C H42    1 
ATOM   438 H  H5     . DC  C 3 2  ? 12.867  6.102   7.787  1.00 10.00 ? 15 DC  C H5     1 
ATOM   439 H  H6     . DC  C 3 2  ? 12.295  7.727   9.151  1.00 10.00 ? 15 DC  C H6     1 
ATOM   440 P  P      . DC  C 3 3  ? 7.094   11.132  11.299 1.00 10.00 ? 16 DC  C P      1 
ATOM   441 O  OP1    . DC  C 3 3  ? 6.433   12.393  11.695 1.00 10.00 ? 16 DC  C OP1    1 
ATOM   442 O  OP2    . DC  C 3 3  ? 7.225   10.064  12.317 1.00 10.00 ? 16 DC  C OP2    1 
ATOM   443 O  "O5'"  . DC  C 3 3  ? 6.366   10.538  10.013 1.00 10.00 ? 16 DC  C "O5'"  1 
ATOM   444 C  "C5'"  . DC  C 3 3  ? 6.008   11.424  8.947  1.00 10.00 ? 16 DC  C "C5'"  1 
ATOM   445 C  "C4'"  . DC  C 3 3  ? 4.941   10.842  8.027  1.00 10.00 ? 16 DC  C "C4'"  1 
ATOM   446 O  "O4'"  . DC  C 3 3  ? 5.484   9.726   7.272  1.00 10.00 ? 16 DC  C "O4'"  1 
ATOM   447 C  "C3'"  . DC  C 3 3  ? 3.722   10.331  8.780  1.00 10.00 ? 16 DC  C "C3'"  1 
ATOM   448 O  "O3'"  . DC  C 3 3  ? 2.534   10.713  8.086  1.00 10.00 ? 16 DC  C "O3'"  1 
ATOM   449 C  "C2'"  . DC  C 3 3  ? 3.969   8.816   8.832  1.00 10.00 ? 16 DC  C "C2'"  1 
ATOM   450 C  "C1'"  . DC  C 3 3  ? 4.767   8.540   7.559  1.00 10.00 ? 16 DC  C "C1'"  1 
ATOM   451 N  N1     . DC  C 3 3  ? 5.685   7.389   7.640  1.00 10.00 ? 16 DC  C N1     1 
ATOM   452 C  C2     . DC  C 3 3  ? 5.487   6.222   6.873  1.00 10.00 ? 16 DC  C C2     1 
ATOM   453 O  O2     . DC  C 3 3  ? 4.537   6.090   6.084  1.00 10.00 ? 16 DC  C O2     1 
ATOM   454 N  N3     . DC  C 3 3  ? 6.385   5.202   7.008  1.00 10.00 ? 16 DC  C N3     1 
ATOM   455 C  C4     . DC  C 3 3  ? 7.432   5.300   7.840  1.00 10.00 ? 16 DC  C C4     1 
ATOM   456 N  N4     . DC  C 3 3  ? 8.300   4.260   7.938  1.00 10.00 ? 16 DC  C N4     1 
ATOM   457 C  C5     . DC  C 3 3  ? 7.617   6.480   8.613  1.00 10.00 ? 16 DC  C C5     1 
ATOM   458 C  C6     . DC  C 3 3  ? 6.746   7.469   8.484  1.00 10.00 ? 16 DC  C C6     1 
ATOM   459 H  "H5'"  . DC  C 3 3  ? 6.910   11.652  8.338  1.00 10.00 ? 16 DC  C "H5'"  1 
ATOM   460 H  "H5''" . DC  C 3 3  ? 5.617   12.387  9.347  1.00 10.00 ? 16 DC  C "H5''" 1 
ATOM   461 H  "H4'"  . DC  C 3 3  ? 4.641   11.610  7.282  1.00 10.00 ? 16 DC  C "H4'"  1 
ATOM   462 H  "H3'"  . DC  C 3 3  ? 3.698   10.754  9.808  1.00 10.00 ? 16 DC  C "H3'"  1 
ATOM   463 H  "H2'"  . DC  C 3 3  ? 4.543   8.591   9.755  1.00 10.00 ? 16 DC  C "H2'"  1 
ATOM   464 H  "H2''" . DC  C 3 3  ? 3.042   8.217   8.902  1.00 10.00 ? 16 DC  C "H2''" 1 
ATOM   465 H  "H1'"  . DC  C 3 3  ? 4.139   8.346   6.678  1.00 10.00 ? 16 DC  C "H1'"  1 
ATOM   466 H  H41    . DC  C 3 3  ? 8.091   3.460   7.369  1.00 10.00 ? 16 DC  C H41    1 
ATOM   467 H  H42    . DC  C 3 3  ? 9.089   4.286   8.547  1.00 10.00 ? 16 DC  C H42    1 
ATOM   468 H  H5     . DC  C 3 3  ? 8.411   6.703   9.309  1.00 10.00 ? 16 DC  C H5     1 
ATOM   469 H  H6     . DC  C 3 3  ? 6.838   8.411   9.015  1.00 10.00 ? 16 DC  C H6     1 
ATOM   470 P  P      . DA  C 3 4  ? 1.091   10.122  8.419  1.00 10.00 ? 17 DA  C P      1 
ATOM   471 O  OP1    . DA  C 3 4  ? 0.043   11.073  7.991  1.00 10.00 ? 17 DA  C OP1    1 
ATOM   472 O  OP2    . DA  C 3 4  ? 1.039   9.619   9.810  1.00 10.00 ? 17 DA  C OP2    1 
ATOM   473 O  "O5'"  . DA  C 3 4  ? 1.076   8.862   7.442  1.00 10.00 ? 17 DA  C "O5'"  1 
ATOM   474 C  "C5'"  . DA  C 3 4  ? 1.187   9.063   6.028  1.00 10.00 ? 17 DA  C "C5'"  1 
ATOM   475 C  "C4'"  . DA  C 3 4  ? 0.646   7.885   5.229  1.00 10.00 ? 17 DA  C "C4'"  1 
ATOM   476 O  "O4'"  . DA  C 3 4  ? 1.487   6.717   5.415  1.00 10.00 ? 17 DA  C "O4'"  1 
ATOM   477 C  "C3'"  . DA  C 3 4  ? -0.748  7.492   5.685  1.00 10.00 ? 17 DA  C "C3'"  1 
ATOM   478 O  "O3'"  . DA  C 3 4  ? -1.522  7.154   4.538  1.00 10.00 ? 17 DA  C "O3'"  1 
ATOM   479 C  "C2'"  . DA  C 3 4  ? -0.457  6.315   6.635  1.00 10.00 ? 17 DA  C "C2'"  1 
ATOM   480 C  "C1'"  . DA  C 3 4  ? 0.732   5.644   5.943  1.00 10.00 ? 17 DA  C "C1'"  1 
ATOM   481 N  N9     . DA  C 3 4  ? 1.658   4.840   6.774  1.00 10.00 ? 17 DA  C N9     1 
ATOM   482 C  C8     . DA  C 3 4  ? 2.186   5.158   7.990  1.00 10.00 ? 17 DA  C C8     1 
ATOM   483 N  N7     . DA  C 3 4  ? 2.994   4.266   8.501  1.00 10.00 ? 17 DA  C N7     1 
ATOM   484 C  C5     . DA  C 3 4  ? 3.027   3.287   7.546  1.00 10.00 ? 17 DA  C C5     1 
ATOM   485 C  C6     . DA  C 3 4  ? 3.720   2.099   7.530  1.00 10.00 ? 17 DA  C C6     1 
ATOM   486 N  N6     . DA  C 3 4  ? 4.510   1.803   8.598  1.00 10.00 ? 17 DA  C N6     1 
ATOM   487 N  N1     . DA  C 3 4  ? 3.563   1.304   6.449  1.00 10.00 ? 17 DA  C N1     1 
ATOM   488 C  C2     . DA  C 3 4  ? 2.765   1.701   5.472  1.00 10.00 ? 17 DA  C C2     1 
ATOM   489 N  N3     . DA  C 3 4  ? 2.061   2.813   5.378  1.00 10.00 ? 17 DA  C N3     1 
ATOM   490 C  C4     . DA  C 3 4  ? 2.229   3.587   6.467  1.00 10.00 ? 17 DA  C C4     1 
ATOM   491 H  "H5'"  . DA  C 3 4  ? 2.254   9.207   5.750  1.00 10.00 ? 17 DA  C "H5'"  1 
ATOM   492 H  "H5''" . DA  C 3 4  ? 0.634   9.975   5.706  1.00 10.00 ? 17 DA  C "H5''" 1 
ATOM   493 H  "H4'"  . DA  C 3 4  ? 0.660   8.125   4.143  1.00 10.00 ? 17 DA  C "H4'"  1 
ATOM   494 H  "H3'"  . DA  C 3 4  ? -1.244  8.349   6.193  1.00 10.00 ? 17 DA  C "H3'"  1 
ATOM   495 H  "H2'"  . DA  C 3 4  ? -0.254  6.676   7.663  1.00 10.00 ? 17 DA  C "H2'"  1 
ATOM   496 H  "H2''" . DA  C 3 4  ? -1.362  5.685   6.723  1.00 10.00 ? 17 DA  C "H2''" 1 
ATOM   497 H  "H1'"  . DA  C 3 4  ? 0.386   4.995   5.111  1.00 10.00 ? 17 DA  C "H1'"  1 
ATOM   498 H  H8     . DA  C 3 4  ? 1.907   6.094   8.467  1.00 10.00 ? 17 DA  C H8     1 
ATOM   499 H  H61    . DA  C 3 4  ? 4.557   2.452   9.356  1.00 10.00 ? 17 DA  C H61    1 
ATOM   500 H  H62    . DA  C 3 4  ? 5.021   0.933   8.623  1.00 10.00 ? 17 DA  C H62    1 
ATOM   501 H  H2     . DA  C 3 4  ? 2.686   1.019   4.624  1.00 10.00 ? 17 DA  C H2     1 
ATOM   502 P  P      . DG  C 3 5  ? -2.874  6.313   4.501  1.00 10.00 ? 18 DG  C P      1 
ATOM   503 O  OP1    . DG  C 3 5  ? -3.687  6.751   3.345  1.00 10.00 ? 18 DG  C OP1    1 
ATOM   504 O  OP2    . DG  C 3 5  ? -3.532  6.274   5.828  1.00 10.00 ? 18 DG  C OP2    1 
ATOM   505 O  "O5'"  . DG  C 3 5  ? -2.251  4.876   4.193  1.00 10.00 ? 18 DG  C "O5'"  1 
ATOM   506 C  "C5'"  . DG  C 3 5  ? -1.686  4.663   2.894  1.00 10.00 ? 18 DG  C "C5'"  1 
ATOM   507 C  "C4'"  . DG  C 3 5  ? -1.614  3.211   2.449  1.00 10.00 ? 18 DG  C "C4'"  1 
ATOM   508 O  "O4'"  . DG  C 3 5  ? -0.790  2.406   3.325  1.00 10.00 ? 18 DG  C "O4'"  1 
ATOM   509 C  "C3'"  . DG  C 3 5  ? -2.965  2.537   2.357  1.00 10.00 ? 18 DG  C "C3'"  1 
ATOM   510 O  "O3'"  . DG  C 3 5  ? -2.887  1.523   1.354  1.00 10.00 ? 18 DG  C "O3'"  1 
ATOM   511 C  "C2'"  . DG  C 3 5  ? -3.057  1.961   3.777  1.00 10.00 ? 18 DG  C "C2'"  1 
ATOM   512 C  "C1'"  . DG  C 3 5  ? -1.614  1.524   4.055  1.00 10.00 ? 18 DG  C "C1'"  1 
ATOM   513 N  N9     . DG  C 3 5  ? -1.058  1.560   5.429  1.00 10.00 ? 18 DG  C N9     1 
ATOM   514 C  C8     . DG  C 3 5  ? -1.155  2.486   6.424  1.00 10.00 ? 18 DG  C C8     1 
ATOM   515 N  N7     . DG  C 3 5  ? -0.517  2.176   7.530  1.00 10.00 ? 18 DG  C N7     1 
ATOM   516 C  C5     . DG  C 3 5  ? 0.081   0.977   7.254  1.00 10.00 ? 18 DG  C C5     1 
ATOM   517 C  C6     . DG  C 3 5  ? 0.888   0.196   8.058  1.00 10.00 ? 18 DG  C C6     1 
ATOM   518 O  O6     . DG  C 3 5  ? 1.224   0.466   9.219  1.00 10.00 ? 18 DG  C O6     1 
ATOM   519 N  N1     . DG  C 3 5  ? 1.311   -0.977  7.396  1.00 10.00 ? 18 DG  C N1     1 
ATOM   520 C  C2     . DG  C 3 5  ? 0.963   -1.323  6.092  1.00 10.00 ? 18 DG  C C2     1 
ATOM   521 N  N2     . DG  C 3 5  ? 1.467   -2.479  5.617  1.00 10.00 ? 18 DG  C N2     1 
ATOM   522 N  N3     . DG  C 3 5  ? 0.183   -0.540  5.348  1.00 10.00 ? 18 DG  C N3     1 
ATOM   523 C  C4     . DG  C 3 5  ? -0.224  0.572   5.969  1.00 10.00 ? 18 DG  C C4     1 
ATOM   524 H  "H5'"  . DG  C 3 5  ? -0.633  5.016   2.862  1.00 10.00 ? 18 DG  C "H5'"  1 
ATOM   525 H  "H5''" . DG  C 3 5  ? -2.271  5.196   2.113  1.00 10.00 ? 18 DG  C "H5''" 1 
ATOM   526 H  "H4'"  . DG  C 3 5  ? -1.127  3.139   1.461  1.00 10.00 ? 18 DG  C "H4'"  1 
ATOM   527 H  "H3'"  . DG  C 3 5  ? -3.765  3.274   2.122  1.00 10.00 ? 18 DG  C "H3'"  1 
ATOM   528 H  "H2'"  . DG  C 3 5  ? -3.396  2.732   4.499  1.00 10.00 ? 18 DG  C "H2'"  1 
ATOM   529 H  "H2''" . DG  C 3 5  ? -3.832  1.171   3.733  1.00 10.00 ? 18 DG  C "H2''" 1 
ATOM   530 H  "H1'"  . DG  C 3 5  ? -1.462  0.520   3.603  1.00 10.00 ? 18 DG  C "H1'"  1 
ATOM   531 H  H8     . DG  C 3 5  ? -1.759  3.371   6.242  1.00 10.00 ? 18 DG  C H8     1 
ATOM   532 H  H1     . DG  C 3 5  ? 1.916   -1.603  7.915  1.00 10.00 ? 18 DG  C H1     1 
ATOM   533 H  H21    . DG  C 3 5  ? 2.052   -3.064  6.183  1.00 10.00 ? 18 DG  C H21    1 
ATOM   534 H  H22    . DG  C 3 5  ? 1.222   -2.736  4.679  1.00 10.00 ? 18 DG  C H22    1 
ATOM   535 P  P      . DT  C 3 6  ? -4.186  0.811   0.771  1.00 10.00 ? 19 DT  C P      1 
ATOM   536 O  OP1    . DT  C 3 6  ? -3.953  0.558   -0.670 1.00 10.00 ? 19 DT  C OP1    1 
ATOM   537 O  OP2    . DT  C 3 6  ? -5.391  1.572   1.164  1.00 10.00 ? 19 DT  C OP2    1 
ATOM   538 O  "O5'"  . DT  C 3 6  ? -4.114  -0.558  1.592  1.00 10.00 ? 19 DT  C "O5'"  1 
ATOM   539 C  "C5'"  . DT  C 3 6  ? -3.059  -1.423  1.151  1.00 10.00 ? 19 DT  C "C5'"  1 
ATOM   540 C  "C4'"  . DT  C 3 6  ? -2.840  -2.612  2.069  1.00 10.00 ? 19 DT  C "C4'"  1 
ATOM   541 O  "O4'"  . DT  C 3 6  ? -2.343  -2.106  3.331  1.00 10.00 ? 19 DT  C "O4'"  1 
ATOM   542 C  "C3'"  . DT  C 3 6  ? -4.120  -3.386  2.338  1.00 10.00 ? 19 DT  C "C3'"  1 
ATOM   543 O  "O3'"  . DT  C 3 6  ? -3.975  -4.796  2.135  1.00 10.00 ? 19 DT  C "O3'"  1 
ATOM   544 C  "C2'"  . DT  C 3 6  ? -4.344  -3.042  3.817  1.00 10.00 ? 19 DT  C "C2'"  1 
ATOM   545 C  "C1'"  . DT  C 3 6  ? -2.907  -2.913  4.327  1.00 10.00 ? 19 DT  C "C1'"  1 
ATOM   546 N  N1     . DT  C 3 6  ? -2.651  -2.292  5.648  1.00 10.00 ? 19 DT  C N1     1 
ATOM   547 C  C2     . DT  C 3 6  ? -1.801  -2.925  6.581  1.00 10.00 ? 19 DT  C C2     1 
ATOM   548 O  O2     . DT  C 3 6  ? -1.194  -3.981  6.382  1.00 10.00 ? 19 DT  C O2     1 
ATOM   549 N  N3     . DT  C 3 6  ? -1.660  -2.214  7.792  1.00 10.00 ? 19 DT  C N3     1 
ATOM   550 C  C4     . DT  C 3 6  ? -2.270  -0.985  8.130  1.00 10.00 ? 19 DT  C C4     1 
ATOM   551 O  O4     . DT  C 3 6  ? -2.063  -0.450  9.223  1.00 10.00 ? 19 DT  C O4     1 
ATOM   552 C  C5     . DT  C 3 6  ? -3.111  -0.438  7.104  1.00 10.00 ? 19 DT  C C5     1 
ATOM   553 C  C7     . DT  C 3 6  ? -3.823  0.854   7.221  1.00 10.00 ? 19 DT  C C7     1 
ATOM   554 C  C6     . DT  C 3 6  ? -3.246  -1.103  5.960  1.00 10.00 ? 19 DT  C C6     1 
ATOM   555 H  "H5'"  . DT  C 3 6  ? -2.093  -0.880  1.115  1.00 10.00 ? 19 DT  C "H5'"  1 
ATOM   556 H  "H5''" . DT  C 3 6  ? -3.285  -1.805  0.132  1.00 10.00 ? 19 DT  C "H5''" 1 
ATOM   557 H  "H4'"  . DT  C 3 6  ? -2.022  -3.292  1.763  1.00 10.00 ? 19 DT  C "H4'"  1 
ATOM   558 H  "H3'"  . DT  C 3 6  ? -4.940  -2.959  1.717  1.00 10.00 ? 19 DT  C "H3'"  1 
ATOM   559 H  "H2'"  . DT  C 3 6  ? -4.911  -2.092  3.730  1.00 10.00 ? 19 DT  C "H2'"  1 
ATOM   560 H  "H2''" . DT  C 3 6  ? -4.947  -3.801  4.351  1.00 10.00 ? 19 DT  C "H2''" 1 
ATOM   561 H  "H1'"  . DT  C 3 6  ? -2.390  -3.883  4.206  1.00 10.00 ? 19 DT  C "H1'"  1 
ATOM   562 H  H3     . DT  C 3 6  ? -1.064  -2.649  8.491  1.00 10.00 ? 19 DT  C H3     1 
ATOM   563 H  H71    . DT  C 3 6  ? -4.900  0.760   6.969  1.00 10.00 ? 19 DT  C H71    1 
ATOM   564 H  H72    . DT  C 3 6  ? -3.666  1.369   8.189  1.00 10.00 ? 19 DT  C H72    1 
ATOM   565 H  H73    . DT  C 3 6  ? -3.433  1.535   6.431  1.00 10.00 ? 19 DT  C H73    1 
ATOM   566 H  H6     . DT  C 3 6  ? -3.892  -0.637  5.230  1.00 10.00 ? 19 DT  C H6     1 
ATOM   567 P  P      . DA  C 3 7  ? -5.334  -5.626  1.999  1.00 10.00 ? 20 DA  C P      1 
ATOM   568 O  OP1    . DA  C 3 7  ? -5.795  -5.597  0.595  1.00 10.00 ? 20 DA  C OP1    1 
ATOM   569 O  OP2    . DA  C 3 7  ? -6.308  -5.170  3.011  1.00 10.00 ? 20 DA  C OP2    1 
ATOM   570 O  "O5'"  . DA  C 3 7  ? -4.845  -7.100  2.366  1.00 10.00 ? 20 DA  C "O5'"  1 
ATOM   571 C  "C5'"  . DA  C 3 7  ? -5.769  -8.190  2.416  1.00 10.00 ? 20 DA  C "C5'"  1 
ATOM   572 C  "C4'"  . DA  C 3 7  ? -5.734  -8.819  3.800  1.00 10.00 ? 20 DA  C "C4'"  1 
ATOM   573 O  "O4'"  . DA  C 3 7  ? -6.272  -7.892  4.769  1.00 10.00 ? 20 DA  C "O4'"  1 
ATOM   574 C  "C3'"  . DA  C 3 7  ? -6.564  -10.081 3.970  1.00 10.00 ? 20 DA  C "C3'"  1 
ATOM   575 O  "O3'"  . DA  C 3 7  ? -5.626  -11.147 4.121  1.00 10.00 ? 20 DA  C "O3'"  1 
ATOM   576 C  "C2'"  . DA  C 3 7  ? -7.471  -9.762  5.180  1.00 10.00 ? 20 DA  C "C2'"  1 
ATOM   577 C  "C1'"  . DA  C 3 7  ? -6.717  -8.633  5.878  1.00 10.00 ? 20 DA  C "C1'"  1 
ATOM   578 N  N9     . DA  C 3 7  ? -7.462  -7.627  6.672  1.00 10.00 ? 20 DA  C N9     1 
ATOM   579 C  C8     . DA  C 3 7  ? -8.514  -6.853  6.281  1.00 10.00 ? 20 DA  C C8     1 
ATOM   580 N  N7     . DA  C 3 7  ? -8.947  -6.008  7.186  1.00 10.00 ? 20 DA  C N7     1 
ATOM   581 C  C5     . DA  C 3 7  ? -8.104  -6.207  8.245  1.00 10.00 ? 20 DA  C C5     1 
ATOM   582 C  C6     . DA  C 3 7  ? -8.060  -5.610  9.488  1.00 10.00 ? 20 DA  C C6     1 
ATOM   583 N  N6     . DA  C 3 7  ? -8.927  -4.644  9.880  1.00 10.00 ? 20 DA  C N6     1 
ATOM   584 N  N1     . DA  C 3 7  ? -7.111  -6.020  10.350 1.00 10.00 ? 20 DA  C N1     1 
ATOM   585 C  C2     . DA  C 3 7  ? -6.273  -6.967  9.972  1.00 10.00 ? 20 DA  C C2     1 
ATOM   586 N  N3     . DA  C 3 7  ? -6.232  -7.623  8.825  1.00 10.00 ? 20 DA  C N3     1 
ATOM   587 C  C4     . DA  C 3 7  ? -7.178  -7.188  7.978  1.00 10.00 ? 20 DA  C C4     1 
ATOM   588 H  "H5'"  . DA  C 3 7  ? -5.449  -8.957  1.679  1.00 10.00 ? 20 DA  C "H5'"  1 
ATOM   589 H  "H5''" . DA  C 3 7  ? -6.801  -7.911  2.123  1.00 10.00 ? 20 DA  C "H5''" 1 
ATOM   590 H  "H4'"  . DA  C 3 7  ? -4.684  -9.004  4.108  1.00 10.00 ? 20 DA  C "H4'"  1 
ATOM   591 H  "H3'"  . DA  C 3 7  ? -7.193  -10.255 3.069  1.00 10.00 ? 20 DA  C "H3'"  1 
ATOM   592 H  "H2'"  . DA  C 3 7  ? -8.451  -9.399  4.804  1.00 10.00 ? 20 DA  C "H2'"  1 
ATOM   593 H  "H2''" . DA  C 3 7  ? -7.664  -10.618 5.856  1.00 10.00 ? 20 DA  C "H2''" 1 
ATOM   594 H  "H1'"  . DA  C 3 7  ? -5.825  -9.023  6.412  1.00 10.00 ? 20 DA  C "H1'"  1 
ATOM   595 H  H8     . DA  C 3 7  ? -8.913  -6.994  5.276  1.00 10.00 ? 20 DA  C H8     1 
ATOM   596 H  H61    . DA  C 3 7  ? -9.640  -4.313  9.265  1.00 10.00 ? 20 DA  C H61    1 
ATOM   597 H  H62    . DA  C 3 7  ? -8.772  -4.316  10.807 1.00 10.00 ? 20 DA  C H62    1 
ATOM   598 H  H2     . DA  C 3 7  ? -5.521  -7.262  10.707 1.00 10.00 ? 20 DA  C H2     1 
ATOM   599 P  P      . DC  C 3 8  ? -5.995  -12.586 4.690  1.00 10.00 ? 21 DC  C P      1 
ATOM   600 O  OP1    . DC  C 3 8  ? -5.003  -13.584 4.228  1.00 10.00 ? 21 DC  C OP1    1 
ATOM   601 O  OP2    . DC  C 3 8  ? -7.422  -12.866 4.412  1.00 10.00 ? 21 DC  C OP2    1 
ATOM   602 O  "O5'"  . DC  C 3 8  ? -5.812  -12.299 6.244  1.00 10.00 ? 21 DC  C "O5'"  1 
ATOM   603 C  "C5'"  . DC  C 3 8  ? -4.562  -12.408 6.927  1.00 10.00 ? 21 DC  C "C5'"  1 
ATOM   604 C  "C4'"  . DC  C 3 8  ? -4.774  -12.308 8.428  1.00 10.00 ? 21 DC  C "C4'"  1 
ATOM   605 O  "O4'"  . DC  C 3 8  ? -5.707  -11.240 8.695  1.00 10.00 ? 21 DC  C "O4'"  1 
ATOM   606 C  "C3'"  . DC  C 3 8  ? -5.244  -13.541 9.180  1.00 10.00 ? 21 DC  C "C3'"  1 
ATOM   607 O  "O3'"  . DC  C 3 8  ? -4.081  -14.130 9.769  1.00 10.00 ? 21 DC  C "O3'"  1 
ATOM   608 C  "C2'"  . DC  C 3 8  ? -6.295  -12.910 10.119 1.00 10.00 ? 21 DC  C "C2'"  1 
ATOM   609 C  "C1'"  . DC  C 3 8  ? -6.082  -11.400 10.032 1.00 10.00 ? 21 DC  C "C1'"  1 
ATOM   610 N  N1     . DC  C 3 8  ? -7.209  -10.484 10.294 1.00 10.00 ? 21 DC  C N1     1 
ATOM   611 C  C2     . DC  C 3 8  ? -7.198  -9.715  11.477 1.00 10.00 ? 21 DC  C C2     1 
ATOM   612 O  O2     . DC  C 3 8  ? -6.284  -9.802  12.313 1.00 10.00 ? 21 DC  C O2     1 
ATOM   613 N  N3     . DC  C 3 8  ? -8.227  -8.852  11.713 1.00 10.00 ? 21 DC  C N3     1 
ATOM   614 C  C4     . DC  C 3 8  ? -9.221  -8.714  10.823 1.00 10.00 ? 21 DC  C C4     1 
ATOM   615 N  N4     . DC  C 3 8  ? -10.236 -7.847  11.076 1.00 10.00 ? 21 DC  C N4     1 
ATOM   616 C  C5     . DC  C 3 8  ? -9.215  -9.477  9.619  1.00 10.00 ? 21 DC  C C5     1 
ATOM   617 C  C6     . DC  C 3 8  ? -8.219  -10.327 9.393  1.00 10.00 ? 21 DC  C C6     1 
ATOM   618 H  "H5'"  . DC  C 3 8  ? -3.889  -11.585 6.602  1.00 10.00 ? 21 DC  C "H5'"  1 
ATOM   619 H  "H5''" . DC  C 3 8  ? -4.069  -13.378 6.700  1.00 10.00 ? 21 DC  C "H5''" 1 
ATOM   620 H  "H4'"  . DC  C 3 8  ? -3.924  -11.928 9.024  1.00 10.00 ? 21 DC  C "H4'"  1 
ATOM   621 H  "H3'"  . DC  C 3 8  ? -5.709  -14.302 8.523  1.00 10.00 ? 21 DC  C "H3'"  1 
ATOM   622 H  "H2'"  . DC  C 3 8  ? -7.343  -13.127 9.818  1.00 10.00 ? 21 DC  C "H2'"  1 
ATOM   623 H  "H2''" . DC  C 3 8  ? -6.118  -13.299 11.136 1.00 10.00 ? 21 DC  C "H2''" 1 
ATOM   624 H  "H1'"  . DC  C 3 8  ? -5.255  -11.008 10.644 1.00 10.00 ? 21 DC  C "H1'"  1 
ATOM   625 H  H41    . DC  C 3 8  ? -10.175 -7.319  11.927 1.00 10.00 ? 21 DC  C H41    1 
ATOM   626 H  H42    . DC  C 3 8  ? -10.989 -7.710  10.438 1.00 10.00 ? 21 DC  C H42    1 
ATOM   627 H  H5     . DC  C 3 8  ? -9.957  -9.440  8.839  1.00 10.00 ? 21 DC  C H5     1 
ATOM   628 H  H6     . DC  C 3 8  ? -8.162  -10.933 8.488  1.00 10.00 ? 21 DC  C H6     1 
ATOM   629 P  P      . DT  C 3 9  ? -3.909  -14.851 11.180 1.00 10.00 ? 22 DT  C P      1 
ATOM   630 O  OP1    . DT  C 3 9  ? -2.560  -15.448 11.275 1.00 10.00 ? 22 DT  C OP1    1 
ATOM   631 O  OP2    . DT  C 3 9  ? -5.075  -15.736 11.411 1.00 10.00 ? 22 DT  C OP2    1 
ATOM   632 O  "O5'"  . DT  C 3 9  ? -4.002  -13.636 12.203 1.00 10.00 ? 22 DT  C "O5'"  1 
ATOM   633 C  "C5'"  . DT  C 3 9  ? -2.974  -13.172 13.079 1.00 10.00 ? 22 DT  C "C5'"  1 
ATOM   634 C  "C4'"  . DT  C 3 9  ? -3.582  -12.772 14.414 1.00 10.00 ? 22 DT  C "C4'"  1 
ATOM   635 O  "O4'"  . DT  C 3 9  ? -4.663  -11.837 14.207 1.00 10.00 ? 22 DT  C "O4'"  1 
ATOM   636 C  "C3'"  . DT  C 3 9  ? -4.089  -13.962 15.208 1.00 10.00 ? 22 DT  C "C3'"  1 
ATOM   637 O  "O3'"  . DT  C 3 9  ? -3.185  -14.212 16.277 1.00 10.00 ? 22 DT  C "O3'"  1 
ATOM   638 C  "C2'"  . DT  C 3 9  ? -5.485  -13.493 15.616 1.00 10.00 ? 22 DT  C "C2'"  1 
ATOM   639 C  "C1'"  . DT  C 3 9  ? -5.566  -12.005 15.270 1.00 10.00 ? 22 DT  C "C1'"  1 
ATOM   640 N  N1     . DT  C 3 9  ? -6.890  -11.535 14.846 1.00 10.00 ? 22 DT  C N1     1 
ATOM   641 C  C2     . DT  C 3 9  ? -7.620  -10.510 15.467 1.00 10.00 ? 22 DT  C C2     1 
ATOM   642 O  O2     . DT  C 3 9  ? -7.247  -9.855  16.441 1.00 10.00 ? 22 DT  C O2     1 
ATOM   643 N  N3     . DT  C 3 9  ? -8.878  -10.288 14.875 1.00 10.00 ? 22 DT  C N3     1 
ATOM   644 C  C4     . DT  C 3 9  ? -9.432  -10.959 13.765 1.00 10.00 ? 22 DT  C C4     1 
ATOM   645 O  O4     . DT  C 3 9  ? -10.551 -10.654 13.340 1.00 10.00 ? 22 DT  C O4     1 
ATOM   646 C  C5     . DT  C 3 9  ? -8.572  -11.981 13.240 1.00 10.00 ? 22 DT  C C5     1 
ATOM   647 C  C7     . DT  C 3 9  ? -8.797  -12.906 12.120 1.00 10.00 ? 22 DT  C C7     1 
ATOM   648 C  C6     . DT  C 3 9  ? -7.386  -12.194 13.778 1.00 10.00 ? 22 DT  C C6     1 
ATOM   649 H  "H5'"  . DT  C 3 9  ? -2.493  -12.280 12.622 1.00 10.00 ? 22 DT  C "H5'"  1 
ATOM   650 H  "H5''" . DT  C 3 9  ? -2.189  -13.943 13.238 1.00 10.00 ? 22 DT  C "H5''" 1 
ATOM   651 H  "H4'"  . DT  C 3 9  ? -2.996  -12.204 15.154 1.00 10.00 ? 22 DT  C "H4'"  1 
ATOM   652 H  "H3'"  . DT  C 3 9  ? -4.203  -14.847 14.542 1.00 10.00 ? 22 DT  C "H3'"  1 
ATOM   653 H  "H2'"  . DT  C 3 9  ? -6.129  -14.236 15.106 1.00 10.00 ? 22 DT  C "H2'"  1 
ATOM   654 H  "H2''" . DT  C 3 9  ? -5.777  -13.622 16.668 1.00 10.00 ? 22 DT  C "H2''" 1 
ATOM   655 H  "H1'"  . DT  C 3 9  ? -5.260  -11.361 16.104 1.00 10.00 ? 22 DT  C "H1'"  1 
ATOM   656 H  H3     . DT  C 3 9  ? -9.404  -9.535  15.309 1.00 10.00 ? 22 DT  C H3     1 
ATOM   657 H  H71    . DT  C 3 9  ? -7.927  -13.607 12.062 1.00 10.00 ? 22 DT  C H71    1 
ATOM   658 H  H72    . DT  C 3 9  ? -9.653  -13.566 12.353 1.00 10.00 ? 22 DT  C H72    1 
ATOM   659 H  H73    . DT  C 3 9  ? -8.796  -12.340 11.168 1.00 10.00 ? 22 DT  C H73    1 
ATOM   660 H  H6     . DT  C 3 9  ? -6.744  -12.953 13.345 1.00 10.00 ? 22 DT  C H6     1 
ATOM   661 P  P      . DT  C 3 10 ? -3.424  -14.692 17.775 1.00 10.00 ? 23 DT  C P      1 
ATOM   662 O  OP1    . DT  C 3 10 ? -2.098  -14.795 18.421 1.00 10.00 ? 23 DT  C OP1    1 
ATOM   663 O  OP2    . DT  C 3 10 ? -4.280  -15.900 17.789 1.00 10.00 ? 23 DT  C OP2    1 
ATOM   664 O  "O5'"  . DT  C 3 10 ? -4.221  -13.487 18.454 1.00 10.00 ? 23 DT  C "O5'"  1 
ATOM   665 C  "C5'"  . DT  C 3 10 ? -3.600  -12.273 18.881 1.00 10.00 ? 23 DT  C "C5'"  1 
ATOM   666 C  "C4'"  . DT  C 3 10 ? -4.516  -11.430 19.758 1.00 10.00 ? 23 DT  C "C4'"  1 
ATOM   667 O  "O4'"  . DT  C 3 10 ? -5.732  -11.107 19.044 1.00 10.00 ? 23 DT  C "O4'"  1 
ATOM   668 C  "C3'"  . DT  C 3 10 ? -4.867  -11.924 21.152 1.00 10.00 ? 23 DT  C "C3'"  1 
ATOM   669 O  "O3'"  . DT  C 3 10 ? -4.787  -10.851 22.097 1.00 10.00 ? 23 DT  C "O3'"  1 
ATOM   670 C  "C2'"  . DT  C 3 10 ? -6.312  -12.361 20.898 1.00 10.00 ? 23 DT  C "C2'"  1 
ATOM   671 C  "C1'"  . DT  C 3 10 ? -6.833  -11.338 19.888 1.00 10.00 ? 23 DT  C "C1'"  1 
ATOM   672 N  N1     . DT  C 3 10 ? -7.981  -11.637 19.012 1.00 10.00 ? 23 DT  C N1     1 
ATOM   673 C  C2     . DT  C 3 10 ? -9.155  -10.860 19.020 1.00 10.00 ? 23 DT  C C2     1 
ATOM   674 O  O2     . DT  C 3 10 ? -9.386  -9.900  19.755 1.00 10.00 ? 23 DT  C O2     1 
ATOM   675 N  N3     . DT  C 3 10 ? -10.120 -11.286 18.092 1.00 10.00 ? 23 DT  C N3     1 
ATOM   676 C  C4     . DT  C 3 10 ? -10.025 -12.352 17.184 1.00 10.00 ? 23 DT  C C4     1 
ATOM   677 O  O4     . DT  C 3 10 ? -10.960 -12.600 16.416 1.00 10.00 ? 23 DT  C O4     1 
ATOM   678 C  C5     . DT  C 3 10 ? -8.779  -13.051 17.275 1.00 10.00 ? 23 DT  C C5     1 
ATOM   679 C  C7     . DT  C 3 10 ? -8.426  -14.189 16.415 1.00 10.00 ? 23 DT  C C7     1 
ATOM   680 C  C6     . DT  C 3 10 ? -7.845  -12.668 18.140 1.00 10.00 ? 23 DT  C C6     1 
ATOM   681 H  "H5'"  . DT  C 3 10 ? -3.331  -11.675 17.984 1.00 10.00 ? 23 DT  C "H5'"  1 
ATOM   682 H  "H5''" . DT  C 3 10 ? -2.661  -12.478 19.441 1.00 10.00 ? 23 DT  C "H5''" 1 
ATOM   683 H  "H4'"  . DT  C 3 10 ? -4.181  -10.401 19.934 1.00 10.00 ? 23 DT  C "H4'"  1 
ATOM   684 H  "H3'"  . DT  C 3 10 ? -4.204  -12.754 21.473 1.00 10.00 ? 23 DT  C "H3'"  1 
ATOM   685 H  "H2'"  . DT  C 3 10 ? -6.353  -13.409 20.536 1.00 10.00 ? 23 DT  C "H2'"  1 
ATOM   686 H  "H2''" . DT  C 3 10 ? -6.848  -12.321 21.861 1.00 10.00 ? 23 DT  C "H2''" 1 
ATOM   687 H  "H1'"  . DT  C 3 10 ? -7.134  -10.387 20.337 1.00 10.00 ? 23 DT  C "H1'"  1 
ATOM   688 H  H3     . DT  C 3 10 ? -10.975 -10.741 18.070 1.00 10.00 ? 23 DT  C H3     1 
ATOM   689 H  H71    . DT  C 3 10 ? -7.522  -14.676 16.851 1.00 10.00 ? 23 DT  C H71    1 
ATOM   690 H  H72    . DT  C 3 10 ? -9.265  -14.898 16.320 1.00 10.00 ? 23 DT  C H72    1 
ATOM   691 H  H73    . DT  C 3 10 ? -8.115  -13.739 15.449 1.00 10.00 ? 23 DT  C H73    1 
ATOM   692 H  H6     . DT  C 3 10 ? -6.892  -13.185 18.207 1.00 10.00 ? 23 DT  C H6     1 
ATOM   693 P  P      . DT  C 3 11 ? -5.165  -11.039 23.638 1.00 10.00 ? 24 DT  C P      1 
ATOM   694 O  OP1    . DT  C 3 11 ? -4.403  -10.064 24.451 1.00 10.00 ? 24 DT  C OP1    1 
ATOM   695 O  OP2    . DT  C 3 11 ? -5.025  -12.469 24.000 1.00 10.00 ? 24 DT  C OP2    1 
ATOM   696 O  "O5'"  . DT  C 3 11 ? -6.713  -10.641 23.644 1.00 10.00 ? 24 DT  C "O5'"  1 
ATOM   697 C  "C5'"  . DT  C 3 11 ? -7.098  -9.272  23.799 1.00 10.00 ? 24 DT  C "C5'"  1 
ATOM   698 C  "C4'"  . DT  C 3 11 ? -8.579  -9.093  24.113 1.00 10.00 ? 24 DT  C "C4'"  1 
ATOM   699 O  "O4'"  . DT  C 3 11 ? -9.377  -9.504  22.977 1.00 10.00 ? 24 DT  C "O4'"  1 
ATOM   700 C  "C3'"  . DT  C 3 11 ? -9.048  -9.915  25.305 1.00 10.00 ? 24 DT  C "C3'"  1 
ATOM   701 O  "O3'"  . DT  C 3 11 ? -9.539  -9.014  26.299 1.00 10.00 ? 24 DT  C "O3'"  1 
ATOM   702 C  "C2'"  . DT  C 3 11 ? -10.120 -10.861 24.742 1.00 10.00 ? 24 DT  C "C2'"  1 
ATOM   703 C  "C1'"  . DT  C 3 11 ? -10.527 -10.181 23.434 1.00 10.00 ? 24 DT  C "C1'"  1 
ATOM   704 N  N1     . DT  C 3 11 ? -10.966 -11.155 22.427 1.00 10.00 ? 24 DT  C N1     1 
ATOM   705 C  C2     . DT  C 3 11 ? -12.242 -11.186 21.846 1.00 10.00 ? 24 DT  C C2     1 
ATOM   706 O  O2     . DT  C 3 11 ? -13.148 -10.380 22.056 1.00 10.00 ? 24 DT  C O2     1 
ATOM   707 N  N3     . DT  C 3 11 ? -12.410 -12.254 20.947 1.00 10.00 ? 24 DT  C N3     1 
ATOM   708 C  C4     . DT  C 3 11 ? -11.475 -13.243 20.589 1.00 10.00 ? 24 DT  C C4     1 
ATOM   709 O  O4     . DT  C 3 11 ? -11.793 -14.102 19.758 1.00 10.00 ? 24 DT  C O4     1 
ATOM   710 C  C5     . DT  C 3 11 ? -10.221 -13.087 21.278 1.00 10.00 ? 24 DT  C C5     1 
ATOM   711 C  C7     . DT  C 3 11 ? -8.994  -13.897 21.217 1.00 10.00 ? 24 DT  C C7     1 
ATOM   712 C  C6     . DT  C 3 11 ? -10.043 -12.088 22.121 1.00 10.00 ? 24 DT  C C6     1 
ATOM   713 H  "H5'"  . DT  C 3 11 ? -6.870  -8.711  22.865 1.00 10.00 ? 24 DT  C "H5'"  1 
ATOM   714 H  "H5''" . DT  C 3 11 ? -6.525  -8.802  24.631 1.00 10.00 ? 24 DT  C "H5''" 1 
ATOM   715 H  "H4'"  . DT  C 3 11 ? -8.814  -8.016  24.247 1.00 10.00 ? 24 DT  C "H4'"  1 
ATOM   716 H  "H3'"  . DT  C 3 11 ? -8.175  -10.505 25.665 1.00 10.00 ? 24 DT  C "H3'"  1 
ATOM   717 H  "H2'"  . DT  C 3 11 ? -9.814  -11.928 24.728 1.00 10.00 ? 24 DT  C "H2'"  1 
ATOM   718 H  "H2''" . DT  C 3 11 ? -10.993 -11.013 25.390 1.00 10.00 ? 24 DT  C "H2''" 1 
ATOM   719 H  "H1'"  . DT  C 3 11 ? -11.327 -9.438  23.533 1.00 10.00 ? 24 DT  C "H1'"  1 
ATOM   720 H  H3     . DT  C 3 11 ? -13.320 -12.259 20.502 1.00 10.00 ? 24 DT  C H3     1 
ATOM   721 H  H71    . DT  C 3 11 ? -8.315  -13.576 22.048 1.00 10.00 ? 24 DT  C H71    1 
ATOM   722 H  H72    . DT  C 3 11 ? -9.164  -14.966 21.422 1.00 10.00 ? 24 DT  C H72    1 
ATOM   723 H  H73    . DT  C 3 11 ? -8.434  -13.631 20.301 1.00 10.00 ? 24 DT  C H73    1 
ATOM   724 H  H6     . DT  C 3 11 ? -9.074  -11.966 22.596 1.00 10.00 ? 24 DT  C H6     1 
ATOM   725 P  P      . DG  C 3 12 ? -10.698 -9.262  27.365 1.00 10.00 ? 25 DG  C P      1 
ATOM   726 O  OP1    . DG  C 3 12 ? -10.664 -8.167  28.357 1.00 10.00 ? 25 DG  C OP1    1 
ATOM   727 O  OP2    . DG  C 3 12 ? -10.602 -10.646 27.887 1.00 10.00 ? 25 DG  C OP2    1 
ATOM   728 O  "O5'"  . DG  C 3 12 ? -12.059 -9.140  26.539 1.00 10.00 ? 25 DG  C "O5'"  1 
ATOM   729 C  "C5'"  . DG  C 3 12 ? -12.564 -7.855  26.162 1.00 10.00 ? 25 DG  C "C5'"  1 
ATOM   730 C  "C4'"  . DG  C 3 12 ? -14.021 -7.870  25.709 1.00 10.00 ? 25 DG  C "C4'"  1 
ATOM   731 O  "O4'"  . DG  C 3 12 ? -14.197 -8.855  24.657 1.00 10.00 ? 25 DG  C "O4'"  1 
ATOM   732 C  "C3'"  . DG  C 3 12 ? -15.028 -8.218  26.799 1.00 10.00 ? 25 DG  C "C3'"  1 
ATOM   733 O  "O3'"  . DG  C 3 12 ? -16.208 -7.423  26.660 1.00 10.00 ? 25 DG  C "O3'"  1 
ATOM   734 C  "C2'"  . DG  C 3 12 ? -15.264 -9.712  26.531 1.00 10.00 ? 25 DG  C "C2'"  1 
ATOM   735 C  "C1'"  . DG  C 3 12 ? -15.252 -9.722  25.007 1.00 10.00 ? 25 DG  C "C1'"  1 
ATOM   736 N  N9     . DG  C 3 12 ? -15.010 -11.063 24.435 1.00 10.00 ? 25 DG  C N9     1 
ATOM   737 C  C8     . DG  C 3 12 ? -14.023 -11.960 24.704 1.00 10.00 ? 25 DG  C C8     1 
ATOM   738 N  N7     . DG  C 3 12 ? -14.109 -13.083 24.035 1.00 10.00 ? 25 DG  C N7     1 
ATOM   739 C  C5     . DG  C 3 12 ? -15.224 -12.926 23.260 1.00 10.00 ? 25 DG  C C5     1 
ATOM   740 C  C6     . DG  C 3 12 ? -15.776 -13.807 22.358 1.00 10.00 ? 25 DG  C C6     1 
ATOM   741 O  O6     . DG  C 3 12 ? -15.347 -14.929 22.067 1.00 10.00 ? 25 DG  C O6     1 
ATOM   742 N  N1     . DG  C 3 12 ? -16.937 -13.282 21.757 1.00 10.00 ? 25 DG  C N1     1 
ATOM   743 C  C2     . DG  C 3 12 ? -17.484 -12.027 22.019 1.00 10.00 ? 25 DG  C C2     1 
ATOM   744 N  N2     . DG  C 3 12 ? -18.603 -11.745 21.310 1.00 10.00 ? 25 DG  C N2     1 
ATOM   745 N  N3     . DG  C 3 12 ? -16.916 -11.196 22.898 1.00 10.00 ? 25 DG  C N3     1 
ATOM   746 C  C4     . DG  C 3 12 ? -15.812 -11.695 23.477 1.00 10.00 ? 25 DG  C C4     1 
ATOM   747 H  "H5'"  . DG  C 3 12 ? -11.954 -7.472  25.315 1.00 10.00 ? 25 DG  C "H5'"  1 
ATOM   748 H  "H5''" . DG  C 3 12 ? -12.467 -7.127  26.998 1.00 10.00 ? 25 DG  C "H5''" 1 
ATOM   749 H  "H4'"  . DG  C 3 12 ? -14.270 -6.882  25.264 1.00 10.00 ? 25 DG  C "H4'"  1 
ATOM   750 H  "H3'"  . DG  C 3 12 ? -14.586 -8.061  27.806 1.00 10.00 ? 25 DG  C "H3'"  1 
ATOM   751 H  "H2'"  . DG  C 3 12 ? -14.410 -10.289 26.944 1.00 10.00 ? 25 DG  C "H2'"  1 
ATOM   752 H  "H2''" . DG  C 3 12 ? -16.207 -10.115 26.951 1.00 10.00 ? 25 DG  C "H2''" 1 
ATOM   753 H  "H1'"  . DG  C 3 12 ? -16.177 -9.268  24.595 1.00 10.00 ? 25 DG  C "H1'"  1 
ATOM   754 H  H8     . DG  C 3 12 ? -13.269 -11.687 25.440 1.00 10.00 ? 25 DG  C H8     1 
ATOM   755 H  H1     . DG  C 3 12 ? -17.385 -13.880 21.075 1.00 10.00 ? 25 DG  C H1     1 
ATOM   756 H  H21    . DG  C 3 12 ? -18.975 -12.415 20.662 1.00 10.00 ? 25 DG  C H21    1 
ATOM   757 H  H22    . DG  C 3 12 ? -19.036 -10.857 21.459 1.00 10.00 ? 25 DG  C H22    1 
ATOM   758 P  P      . DG  C 3 13 ? -17.578 -7.682  27.435 1.00 10.00 ? 26 DG  C P      1 
ATOM   759 O  OP1    . DG  C 3 13 ? -18.238 -6.391  27.735 1.00 10.00 ? 26 DG  C OP1    1 
ATOM   760 O  OP2    . DG  C 3 13 ? -17.352 -8.591  28.580 1.00 10.00 ? 26 DG  C OP2    1 
ATOM   761 O  "O5'"  . DG  C 3 13 ? -18.437 -8.460  26.335 1.00 10.00 ? 26 DG  C "O5'"  1 
ATOM   762 C  "C5'"  . DG  C 3 13 ? -19.055 -7.723  25.275 1.00 10.00 ? 26 DG  C "C5'"  1 
ATOM   763 C  "C4'"  . DG  C 3 13 ? -20.242 -8.452  24.657 1.00 10.00 ? 26 DG  C "C4'"  1 
ATOM   764 O  "O4'"  . DG  C 3 13 ? -19.834 -9.723  24.087 1.00 10.00 ? 26 DG  C "O4'"  1 
ATOM   765 C  "C3'"  . DG  C 3 13 ? -21.308 -8.766  25.694 1.00 10.00 ? 26 DG  C "C3'"  1 
ATOM   766 O  "O3'"  . DG  C 3 13 ? -22.624 -8.602  25.178 1.00 10.00 ? 26 DG  C "O3'"  1 
ATOM   767 C  "C2'"  . DG  C 3 13 ? -21.072 -10.246 26.011 1.00 10.00 ? 26 DG  C "C2'"  1 
ATOM   768 C  "C1'"  . DG  C 3 13 ? -20.526 -10.795 24.693 1.00 10.00 ? 26 DG  C "C1'"  1 
ATOM   769 N  N9     . DG  C 3 13 ? -19.569 -11.906 24.889 1.00 10.00 ? 26 DG  C N9     1 
ATOM   770 C  C8     . DG  C 3 13 ? -18.458 -11.918 25.679 1.00 10.00 ? 26 DG  C C8     1 
ATOM   771 N  N7     . DG  C 3 13 ? -17.808 -13.056 25.676 1.00 10.00 ? 26 DG  C N7     1 
ATOM   772 C  C5     . DG  C 3 13 ? -18.515 -13.856 24.819 1.00 10.00 ? 26 DG  C C5     1 
ATOM   773 C  C6     . DG  C 3 13 ? -18.259 -15.159 24.448 1.00 10.00 ? 26 DG  C C6     1 
ATOM   774 O  O6     . DG  C 3 13 ? -17.312 -15.861 24.818 1.00 10.00 ? 26 DG  C O6     1 
ATOM   775 N  N1     . DG  C 3 13 ? -19.227 -15.647 23.550 1.00 10.00 ? 26 DG  C N1     1 
ATOM   776 C  C2     . DG  C 3 13 ? -20.314 -14.929 23.064 1.00 10.00 ? 26 DG  C C2     1 
ATOM   777 N  N2     . DG  C 3 13 ? -21.086 -15.637 22.209 1.00 10.00 ? 26 DG  C N2     1 
ATOM   778 N  N3     . DG  C 3 13 ? -20.531 -13.664 23.449 1.00 10.00 ? 26 DG  C N3     1 
ATOM   779 C  C4     . DG  C 3 13 ? -19.615 -13.188 24.312 1.00 10.00 ? 26 DG  C C4     1 
ATOM   780 H  "H5'"  . DG  C 3 13 ? -18.307 -7.513  24.479 1.00 10.00 ? 26 DG  C "H5'"  1 
ATOM   781 H  "H5''" . DG  C 3 13 ? -19.431 -6.737  25.632 1.00 10.00 ? 26 DG  C "H5''" 1 
ATOM   782 H  "H4'"  . DG  C 3 13 ? -20.660 -7.834  23.833 1.00 10.00 ? 26 DG  C "H4'"  1 
ATOM   783 H  "H3'"  . DG  C 3 13 ? -21.182 -8.135  26.601 1.00 10.00 ? 26 DG  C "H3'"  1 
ATOM   784 H  "HO3'" . DG  C 3 13 ? -22.652 -9.184  24.415 1.00 10.00 ? 26 DG  C "HO3'" 1 
ATOM   785 H  "H2'"  . DG  C 3 13 ? -20.315 -10.316 26.822 1.00 10.00 ? 26 DG  C "H2'"  1 
ATOM   786 H  "H2''" . DG  C 3 13 ? -21.996 -10.767 26.335 1.00 10.00 ? 26 DG  C "H2''" 1 
ATOM   787 H  "H1'"  . DG  C 3 13 ? -21.350 -11.086 24.007 1.00 10.00 ? 26 DG  C "H1'"  1 
ATOM   788 H  H8     . DG  C 3 13 ? -18.215 -11.012 26.237 1.00 10.00 ? 26 DG  C H8     1 
ATOM   789 H  H1     . DG  C 3 13 ? -19.091 -16.595 23.221 1.00 10.00 ? 26 DG  C H1     1 
ATOM   790 H  H21    . DG  C 3 13 ? -20.855 -16.586 21.974 1.00 10.00 ? 26 DG  C H21    1 
ATOM   791 H  H22    . DG  C 3 13 ? -21.888 -15.192 21.816 1.00 10.00 ? 26 DG  C H22    1 
HETATM 792 P  P      . PGA D 4 .  ? -4.450  0.195   17.824 1.00 10.00 ? 7  PGA A P      1 
HETATM 793 O  O1P    . PGA D 4 .  ? -4.041  1.386   18.803 1.00 10.00 ? 7  PGA A O1P    1 
HETATM 794 O  O2P    . PGA D 4 .  ? -3.257  -0.395  17.167 1.00 10.00 ? 7  PGA A O2P    1 
HETATM 795 O  O3P    . PGA D 4 .  ? -5.536  0.678   16.937 1.00 10.00 ? 7  PGA A O3P    1 
HETATM 796 C  C2     . PGA D 4 .  ? -2.924  1.359   19.699 1.00 10.00 ? 7  PGA A C2     1 
HETATM 797 C  C1     . PGA D 4 .  ? -1.722  2.187   19.241 1.00 10.00 ? 7  PGA A C1     1 
HETATM 798 O  O1     . PGA D 4 .  ? -1.916  3.323   18.728 1.00 10.00 ? 7  PGA A O1     1 
HETATM 799 O  O2     . PGA D 4 .  ? -0.570  1.725   19.465 1.00 10.00 ? 7  PGA A O2     1 
HETATM 800 H  H21    . PGA D 4 .  ? -3.258  1.789   20.669 1.00 10.00 ? 7  PGA A H21    1 
HETATM 801 H  H22    . PGA D 4 .  ? -2.554  0.325   19.870 1.00 10.00 ? 7  PGA A H22    1 
HETATM 802 CO CO     . 3CO E 5 .  ? 1.244   -5.140  -0.603 1.00 10.00 ? 14 3CO B CO     1 
HETATM 803 O  O      . O   F 6 .  ? 2.197   -4.063  18.531 1.00 10.00 ? 15 O   B O      1 
HETATM 804 N  NA     . BLB G 7 .  ? 5.799   -6.803  -0.984 1.00 10.00 ? 1  BLB C NA     1 
HETATM 805 C  C2     . BLB G 7 .  ? 4.092   -5.139  -0.597 1.00 10.00 ? 1  BLB C C2     1 
HETATM 806 C  C1     . BLB G 7 .  ? 4.486   -6.550  -1.062 1.00 10.00 ? 1  BLB C C1     1 
HETATM 807 O  O1     . BLB G 7 .  ? 3.652   -7.441  -1.010 1.00 10.00 ? 1  BLB C O1     1 
HETATM 808 N  NC     . BLB G 7 .  ? 2.290   -5.565  1.048  1.00 10.00 ? 1  BLB C NC     1 
HETATM 809 C  C3     . BLB G 7 .  ? 3.671   -5.116  0.875  1.00 10.00 ? 1  BLB C C3     1 
HETATM 810 N  NB     . BLB G 7 .  ? 2.961   -4.546  -1.312 1.00 10.00 ? 1  BLB C NB     1 
HETATM 811 N  ND     . BLB G 7 .  ? 2.348   -6.549  5.466  1.00 10.00 ? 1  BLB C ND     1 
HETATM 812 C  C5     . BLB G 7 .  ? 2.282   -5.067  3.570  1.00 10.00 ? 1  BLB C C5     1 
HETATM 813 C  C4     . BLB G 7 .  ? 2.343   -6.493  4.128  1.00 10.00 ? 1  BLB C C4     1 
HETATM 814 O  O4     . BLB G 7 .  ? 2.407   -7.471  3.393  1.00 10.00 ? 1  BLB C O4     1 
HETATM 815 C  C8     . BLB G 7 .  ? 0.789   -1.404  1.930  1.00 10.00 ? 1  BLB C C8     1 
HETATM 816 C  C9     . BLB G 7 .  ? 0.464   -1.311  0.587  1.00 10.00 ? 1  BLB C C9     1 
HETATM 817 C  C10    . BLB G 7 .  ? 0.576   -2.493  -0.135 1.00 10.00 ? 1  BLB C C10    1 
HETATM 818 N  NG     . BLB G 7 .  ? 1.009   -3.612  0.420  1.00 10.00 ? 1  BLB C NG     1 
HETATM 819 C  C7     . BLB G 7 .  ? 1.255   -3.589  1.721  1.00 10.00 ? 1  BLB C C7     1 
HETATM 820 N  NE     . BLB G 7 .  ? 1.175   -2.531  2.520  1.00 10.00 ? 1  BLB C NE     1 
HETATM 821 C  C6     . BLB G 7 .  ? 1.612   -4.964  2.194  1.00 10.00 ? 1  BLB C C6     1 
HETATM 822 N  NF     . BLB G 7 .  ? 0.757   -0.277  2.667  1.00 10.00 ? 1  BLB C NF     1 
HETATM 823 C  CA     . BLB G 7 .  ? 0.000   0.000   0.000  1.00 10.00 ? 1  BLB C CA     1 
HETATM 824 C  C12    . BLB G 7 .  ? 0.262   -2.674  -1.544 1.00 10.00 ? 1  BLB C C12    1 
HETATM 825 O  O12    . BLB G 7 .  ? -0.134  -1.834  -2.344 1.00 10.00 ? 1  BLB C O12    1 
HETATM 826 N  NH     . BLB G 7 .  ? 0.425   -3.968  -1.894 1.00 10.00 ? 1  BLB C NH     1 
HETATM 827 C  C13    . BLB G 7 .  ? -0.013  -4.284  -3.258 1.00 10.00 ? 1  BLB C C13    1 
HETATM 828 C  C30    . BLB G 7 .  ? -1.434  -4.757  -3.513 1.00 10.00 ? 1  BLB C C30    1 
HETATM 829 O  O30    . BLB G 7 .  ? -1.977  -4.681  -4.606 1.00 10.00 ? 1  BLB C O30    1 
HETATM 830 C  C14    . BLB G 7 .  ? 0.932   -5.217  -3.973 1.00 10.00 ? 1  BLB C C14    1 
HETATM 831 C  C27    . BLB G 7 .  ? 0.990   -6.474  -3.175 1.00 10.00 ? 1  BLB C C27    1 
HETATM 832 O  OH1    . BLB G 7 .  ? 2.102   -4.463  -4.094 1.00 10.00 ? 1  BLB C OH1    1 
HETATM 833 N  NJ     . BLB G 7 .  ? 1.101   -6.591  -1.850 1.00 10.00 ? 1  BLB C NJ     1 
HETATM 834 C  C28    . BLB G 7 .  ? 0.701   -7.708  -3.735 1.00 10.00 ? 1  BLB C C28    1 
HETATM 835 C  C29    . BLB G 7 .  ? 0.945   -7.901  -1.588 1.00 10.00 ? 1  BLB C C29    1 
HETATM 836 N  NI     . BLB G 7 .  ? 0.717   -8.608  -2.723 1.00 10.00 ? 1  BLB C NI     1 
HETATM 837 N  NK     . BLB G 7 .  ? -1.962  -5.211  -2.382 1.00 10.00 ? 1  BLB C NK     1 
HETATM 838 C  C34    . BLB G 7 .  ? -2.832  -7.641  -1.533 1.00 10.00 ? 1  BLB C C34    1 
HETATM 839 C  C36    . BLB G 7 .  ? -3.109  -8.515  -0.318 1.00 10.00 ? 1  BLB C C36    1 
HETATM 840 O  O36    . BLB G 7 .  ? -3.911  -9.436  -0.296 1.00 10.00 ? 1  BLB C O36    1 
HETATM 841 O  OH2    . BLB G 7 .  ? -5.159  -6.703  -1.502 1.00 10.00 ? 1  BLB C OH2    1 
HETATM 842 C  C31    . BLB G 7 .  ? -3.388  -5.377  -2.314 1.00 10.00 ? 1  BLB C C31    1 
HETATM 843 C  CB     . BLB G 7 .  ? -3.751  -4.012  -1.754 1.00 10.00 ? 1  BLB C CB     1 
HETATM 844 C  C33    . BLB G 7 .  ? -3.784  -6.463  -1.337 1.00 10.00 ? 1  BLB C C33    1 
HETATM 845 C  CC     . BLB G 7 .  ? -2.879  -8.257  -2.932 1.00 10.00 ? 1  BLB C CC     1 
HETATM 846 N  NL     . BLB G 7 .  ? -2.259  -8.143  0.665  1.00 10.00 ? 1  BLB C NL     1 
HETATM 847 C  C37    . BLB G 7 .  ? -2.018  -8.901  1.881  1.00 10.00 ? 1  BLB C C37    1 
HETATM 848 C  C40    . BLB G 7 .  ? -1.616  -7.986  3.050  1.00 10.00 ? 1  BLB C C40    1 
HETATM 849 O  O40    . BLB G 7 .  ? -0.819  -7.078  2.886  1.00 10.00 ? 1  BLB C O40    1 
HETATM 850 C  C38    . BLB G 7 .  ? -0.954  -9.985  1.609  1.00 10.00 ? 1  BLB C C38    1 
HETATM 851 O  OH3    . BLB G 7 .  ? 0.363   -9.533  1.357  1.00 10.00 ? 1  BLB C OH3    1 
HETATM 852 C  CD     . BLB G 7 .  ? -1.290  -10.855 0.396  1.00 10.00 ? 1  BLB C CD     1 
HETATM 853 N  NM     . BLB G 7 .  ? -2.170  -8.270  4.245  1.00 10.00 ? 1  BLB C NM     1 
HETATM 854 C  C42    . BLB G 7 .  ? -3.309  -6.497  5.403  1.00 10.00 ? 1  BLB C C42    1 
HETATM 855 C  C49    . BLB G 7 .  ? -3.092  -3.975  13.387 1.00 10.00 ? 1  BLB C C49    1 
HETATM 856 O  O49    . BLB G 7 .  ? -2.562  -4.055  14.488 1.00 10.00 ? 1  BLB C O49    1 
HETATM 857 C  C43    . BLB G 7 .  ? -3.549  -5.784  6.709  1.00 10.00 ? 1  BLB C C43    1 
HETATM 858 C  C41    . BLB G 7 .  ? -2.057  -7.379  5.390  1.00 10.00 ? 1  BLB C C41    1 
HETATM 859 S  S43    . BLB G 7 .  ? -4.706  -4.537  6.887  1.00 10.00 ? 1  BLB C S43    1 
HETATM 860 C  C44    . BLB G 7 .  ? -4.308  -4.312  8.524  1.00 10.00 ? 1  BLB C C44    1 
HETATM 861 C  C45    . BLB G 7 .  ? -3.345  -5.278  8.853  1.00 10.00 ? 1  BLB C C45    1 
HETATM 862 N  NN     . BLB G 7 .  ? -2.908  -6.084  7.857  1.00 10.00 ? 1  BLB C NN     1 
HETATM 863 C  C47    . BLB G 7 .  ? -1.753  -5.774  12.249 1.00 10.00 ? 1  BLB C C47    1 
HETATM 864 C  C48    . BLB G 7 .  ? -2.710  -4.744  12.305 1.00 10.00 ? 1  BLB C C48    1 
HETATM 865 N  NO     . BLB G 7 .  ? -3.299  -4.551  11.097 1.00 10.00 ? 1  BLB C NO     1 
HETATM 866 C  C46    . BLB G 7 .  ? -2.817  -5.369  10.151 1.00 10.00 ? 1  BLB C C46    1 
HETATM 867 S  S46    . BLB G 7 .  ? -1.635  -6.469  10.691 1.00 10.00 ? 1  BLB C S46    1 
HETATM 868 N  NP     . BLB G 7 .  ? -4.107  -3.151  13.074 1.00 10.00 ? 1  BLB C NP     1 
HETATM 869 C  C50    . BLB G 7 .  ? -4.872  -2.322  13.983 1.00 10.00 ? 1  BLB C C50    1 
HETATM 870 C  C51    . BLB G 7 .  ? -4.229  -0.949  14.155 1.00 10.00 ? 1  BLB C C51    1 
HETATM 871 C  C52    . BLB G 7 .  ? -4.606  0.089   13.100 1.00 10.00 ? 1  BLB C C52    1 
HETATM 872 C  C53    . BLB G 7 .  ? -3.384  0.430   12.253 1.00 10.00 ? 1  BLB C C53    1 
HETATM 873 C  C54    . BLB G 7 .  ? -2.601  2.625   11.419 1.00 10.00 ? 1  BLB C C54    1 
HETATM 874 N  NR     . BLB G 7 .  ? -3.600  1.751   11.682 1.00 10.00 ? 1  BLB C NR     1 
HETATM 875 N  NS     . BLB G 7 .  ? -1.329  2.222   11.481 1.00 10.00 ? 1  BLB C NS     1 
HETATM 876 N  NT     . BLB G 7 .  ? -2.942  3.912   11.090 1.00 10.00 ? 1  BLB C NT     1 
HETATM 877 O  O59    . BLB G 7 .  ? 6.127   -5.687  -5.449 1.00 10.00 ? 1  BLB C O59    1 
HETATM 878 O  O58    . BLB G 7 .  ? 5.192   -2.773  -4.375 1.00 10.00 ? 1  BLB C O58    1 
HETATM 879 C  C61    . BLB G 7 .  ? 3.887   -7.540  -5.615 1.00 10.00 ? 1  BLB C C61    1 
HETATM 880 O  O61    . BLB G 7 .  ? 4.502   -7.795  -6.851 1.00 10.00 ? 1  BLB C O61    1 
HETATM 881 O  O56    . BLB G 7 .  ? 2.870   -2.011  -5.641 1.00 10.00 ? 1  BLB C O56    1 
HETATM 882 C  C60    . BLB G 7 .  ? 3.732   -6.060  -5.309 1.00 10.00 ? 1  BLB C C60    1 
HETATM 883 O  O62    . BLB G 7 .  ? 2.667   -5.529  -6.057 1.00 10.00 ? 1  BLB C O62    1 
HETATM 884 C  C63    . BLB G 7 .  ? 2.223   -4.326  -5.487 1.00 10.00 ? 1  BLB C C63    1 
HETATM 885 C  C57    . BLB G 7 .  ? 3.304   -3.337  -5.861 1.00 10.00 ? 1  BLB C C57    1 
HETATM 886 C  C58    . BLB G 7 .  ? 4.710   -3.658  -5.364 1.00 10.00 ? 1  BLB C C58    1 
HETATM 887 C  C59    . BLB G 7 .  ? 4.910   -5.133  -5.005 1.00 10.00 ? 1  BLB C C59    1 
HETATM 888 C  C69    . BLB G 7 .  ? 2.566   0.003   -6.918 1.00 10.00 ? 1  BLB C C69    1 
HETATM 889 C  C68    . BLB G 7 .  ? 1.723   0.765   -5.889 1.00 10.00 ? 1  BLB C C68    1 
HETATM 890 C  C67    . BLB G 7 .  ? 0.248   0.340   -5.957 1.00 10.00 ? 1  BLB C C67    1 
HETATM 891 C  C65    . BLB G 7 .  ? 0.077   -1.183  -5.964 1.00 10.00 ? 1  BLB C C65    1 
HETATM 892 O  O64    . BLB G 7 .  ? 0.931   -1.781  -6.915 1.00 10.00 ? 1  BLB C O64    1 
HETATM 893 C  C64    . BLB G 7 .  ? 2.309   -1.501  -6.821 1.00 10.00 ? 1  BLB C C64    1 
HETATM 894 O  O68    . BLB G 7 .  ? 1.909   2.160   -6.151 1.00 10.00 ? 1  BLB C O68    1 
HETATM 895 O  O67    . BLB G 7 .  ? -0.537  0.855   -4.904 1.00 10.00 ? 1  BLB C O67    1 
HETATM 896 O  O69    . BLB G 7 .  ? 2.375   0.461   -8.241 1.00 10.00 ? 1  BLB C O69    1 
HETATM 897 N  NQ     . BLB G 7 .  ? 2.163   4.291   -5.342 1.00 10.00 ? 1  BLB C NQ     1 
HETATM 898 C  C70    . BLB G 7 .  ? 1.769   3.029   -5.169 1.00 10.00 ? 1  BLB C C70    1 
HETATM 899 O  O70    . BLB G 7 .  ? 1.058   2.834   -4.200 1.00 10.00 ? 1  BLB C O70    1 
HETATM 900 O  O66    . BLB G 7 .  ? -1.671  -2.880  -6.577 1.00 10.00 ? 1  BLB C O66    1 
HETATM 901 C  C66    . BLB G 7 .  ? -1.390  -1.541  -6.240 1.00 10.00 ? 1  BLB C C66    1 
HETATM 902 H  HA2    . BLB G 7 .  ? 6.004   -7.749  -0.743 1.00 10.00 ? 1  BLB C HA2    1 
HETATM 903 H  HA1    . BLB G 7 .  ? 6.565   -6.157  -0.930 1.00 10.00 ? 1  BLB C HA1    1 
HETATM 904 H  H2     . BLB G 7 .  ? 4.990   -4.558  -0.784 1.00 10.00 ? 1  BLB C H2     1 
HETATM 905 H  HNC    . BLB G 7 .  ? 2.275   -6.570  1.157  1.00 10.00 ? 1  BLB C HNC    1 
HETATM 906 H  H3E    . BLB G 7 .  ? 3.734   -4.094  1.256  1.00 10.00 ? 1  BLB C H3E    1 
HETATM 907 H  H3X    . BLB G 7 .  ? 4.321   -5.697  1.527  1.00 10.00 ? 1  BLB C H3X    1 
HETATM 908 H  HB1    . BLB G 7 .  ? 2.398   -3.997  -0.664 1.00 10.00 ? 1  BLB C HB1    1 
HETATM 909 H  HB2    . BLB G 7 .  ? 2.258   -5.234  -1.585 1.00 10.00 ? 1  BLB C HB2    1 
HETATM 910 H  HD2    . BLB G 7 .  ? 2.520   -5.717  6.001  1.00 10.00 ? 1  BLB C HD2    1 
HETATM 911 H  HD1    . BLB G 7 .  ? 2.627   -7.448  5.796  1.00 10.00 ? 1  BLB C HD1    1 
HETATM 912 H  H5E    . BLB G 7 .  ? 3.263   -4.598  3.626  1.00 10.00 ? 1  BLB C H5E    1 
HETATM 913 H  H5X    . BLB G 7 .  ? 1.649   -4.532  4.274  1.00 10.00 ? 1  BLB C H5X    1 
HETATM 914 H  H6     . BLB G 7 .  ? 0.651   -5.467  2.277  1.00 10.00 ? 1  BLB C H6     1 
HETATM 915 H  HF2    . BLB G 7 .  ? 0.928   -0.389  3.649  1.00 10.00 ? 1  BLB C HF2    1 
HETATM 916 H  HF1    . BLB G 7 .  ? 0.423   0.600   2.323  1.00 10.00 ? 1  BLB C HF1    1 
HETATM 917 H  HAA    . BLB G 7 .  ? -0.591  0.566   0.723  1.00 10.00 ? 1  BLB C HAA    1 
HETATM 918 H  HAB    . BLB G 7 .  ? -0.735  -0.153  -0.793 1.00 10.00 ? 1  BLB C HAB    1 
HETATM 919 H  HAC    . BLB G 7 .  ? 0.820   0.620   -0.359 1.00 10.00 ? 1  BLB C HAC    1 
HETATM 920 H  H13    . BLB G 7 .  ? 0.061   -3.499  -3.988 1.00 10.00 ? 1  BLB C H13    1 
HETATM 921 H  H14    . BLB G 7 .  ? 0.604   -5.515  -4.970 1.00 10.00 ? 1  BLB C H14    1 
HETATM 922 H  H28    . BLB G 7 .  ? 0.567   -7.566  -4.800 1.00 10.00 ? 1  BLB C H28    1 
HETATM 923 H  H29    . BLB G 7 .  ? 0.994   -8.257  -0.574 1.00 10.00 ? 1  BLB C H29    1 
HETATM 924 H  HNI    . BLB G 7 .  ? 0.568   -9.577  -2.783 1.00 10.00 ? 1  BLB C HNI    1 
HETATM 925 H  HNK    . BLB G 7 .  ? -1.508  -5.034  -1.502 1.00 10.00 ? 1  BLB C HNK    1 
HETATM 926 H  H34    . BLB G 7 .  ? -1.779  -7.414  -1.389 1.00 10.00 ? 1  BLB C H34    1 
HETATM 927 H  HO2    . BLB G 7 .  ? -5.536  -6.291  -0.705 1.00 10.00 ? 1  BLB C HO2    1 
HETATM 928 H  H31    . BLB G 7 .  ? -3.794  -5.744  -3.257 1.00 10.00 ? 1  BLB C H31    1 
HETATM 929 H  HBA    . BLB G 7 .  ? -3.100  -3.880  -0.891 1.00 10.00 ? 1  BLB C HBA    1 
HETATM 930 H  HBB    . BLB G 7 .  ? -3.459  -3.244  -2.466 1.00 10.00 ? 1  BLB C HBB    1 
HETATM 931 H  HBC    . BLB G 7 .  ? -4.780  -4.008  -1.419 1.00 10.00 ? 1  BLB C HBC    1 
HETATM 932 H  H33    . BLB G 7 .  ? -3.660  -5.994  -0.359 1.00 10.00 ? 1  BLB C H33    1 
HETATM 933 H  HCB    . BLB G 7 .  ? -2.222  -9.119  -3.024 1.00 10.00 ? 1  BLB C HCB    1 
HETATM 934 H  HCC    . BLB G 7 .  ? -2.475  -7.531  -3.642 1.00 10.00 ? 1  BLB C HCC    1 
HETATM 935 H  HCA    . BLB G 7 .  ? -3.894  -8.472  -3.260 1.00 10.00 ? 1  BLB C HCA    1 
HETATM 936 H  HNL    . BLB G 7 .  ? -1.738  -7.293  0.523  1.00 10.00 ? 1  BLB C HNL    1 
HETATM 937 H  H37    . BLB G 7 .  ? -3.021  -9.247  2.124  1.00 10.00 ? 1  BLB C H37    1 
HETATM 938 H  H38    . BLB G 7 .  ? -0.911  -10.664 2.461  1.00 10.00 ? 1  BLB C H38    1 
HETATM 939 H  HO3    . BLB G 7 .  ? 0.673   -9.048  2.118  1.00 10.00 ? 1  BLB C HO3    1 
HETATM 940 H  HDB    . BLB G 7 .  ? -2.341  -11.150 0.416  1.00 10.00 ? 1  BLB C HDB    1 
HETATM 941 H  HDC    . BLB G 7 .  ? -0.662  -11.737 0.317  1.00 10.00 ? 1  BLB C HDC    1 
HETATM 942 H  HDA    . BLB G 7 .  ? -1.157  -10.288 -0.529 1.00 10.00 ? 1  BLB C HDA    1 
HETATM 943 H  HNM    . BLB G 7 .  ? -2.743  -9.086  4.312  1.00 10.00 ? 1  BLB C HNM    1 
HETATM 944 H  H2E    . BLB G 7 .  ? -4.175  -7.135  5.261  1.00 10.00 ? 1  BLB C H2E    1 
HETATM 945 H  H2X    . BLB G 7 .  ? -3.296  -5.782  4.581  1.00 10.00 ? 1  BLB C H2X    1 
HETATM 946 H  H1E    . BLB G 7 .  ? -1.122  -6.812  5.356  1.00 10.00 ? 1  BLB C H1E    1 
HETATM 947 H  H1X    . BLB G 7 .  ? -2.024  -8.021  6.272  1.00 10.00 ? 1  BLB C H1X    1 
HETATM 948 H  H44    . BLB G 7 .  ? -4.634  -3.459  9.105  1.00 10.00 ? 1  BLB C H44    1 
HETATM 949 H  H47    . BLB G 7 .  ? -1.127  -6.086  13.074 1.00 10.00 ? 1  BLB C H47    1 
HETATM 950 H  HNP    . BLB G 7 .  ? -4.236  -3.363  12.103 1.00 10.00 ? 1  BLB C HNP    1 
HETATM 951 H  H501   . BLB G 7 .  ? -4.867  -2.838  14.943 1.00 10.00 ? 1  BLB C H501   1 
HETATM 952 H  H502   . BLB G 7 .  ? -5.901  -2.261  13.623 1.00 10.00 ? 1  BLB C H502   1 
HETATM 953 H  H511   . BLB G 7 .  ? -3.152  -1.046  14.280 1.00 10.00 ? 1  BLB C H511   1 
HETATM 954 H  H512   . BLB G 7 .  ? -4.591  -0.535  15.092 1.00 10.00 ? 1  BLB C H512   1 
HETATM 955 H  H521   . BLB G 7 .  ? -4.910  0.983   13.646 1.00 10.00 ? 1  BLB C H521   1 
HETATM 956 H  H522   . BLB G 7 .  ? -5.463  -0.193  12.485 1.00 10.00 ? 1  BLB C H522   1 
HETATM 957 H  H531   . BLB G 7 .  ? -2.513  0.411   12.908 1.00 10.00 ? 1  BLB C H531   1 
HETATM 958 H  H532   . BLB G 7 .  ? -3.241  -0.302  11.457 1.00 10.00 ? 1  BLB C H532   1 
HETATM 959 H  HNR    . BLB G 7 .  ? -4.548  2.059   11.562 1.00 10.00 ? 1  BLB C HNR    1 
HETATM 960 H  HNS1   . BLB G 7 .  ? -0.576  2.854   11.305 1.00 10.00 ? 1  BLB C HNS1   1 
HETATM 961 H  HNS2   . BLB G 7 .  ? -1.095  1.268   11.671 1.00 10.00 ? 1  BLB C HNS2   1 
HETATM 962 H  HNT1   . BLB G 7 .  ? -2.252  4.604   10.881 1.00 10.00 ? 1  BLB C HNT1   1 
HETATM 963 H  HNT2   . BLB G 7 .  ? -3.908  4.158   10.997 1.00 10.00 ? 1  BLB C HNT2   1 
HETATM 964 H  HO59   . BLB G 7 .  ? 6.808   -5.339  -4.884 1.00 10.00 ? 1  BLB C HO59   1 
HETATM 965 H  HO58   . BLB G 7 .  ? 4.736   -1.945  -4.497 1.00 10.00 ? 1  BLB C HO58   1 
HETATM 966 H  H611   . BLB G 7 .  ? 2.824   -7.790  -5.614 1.00 10.00 ? 1  BLB C H611   1 
HETATM 967 H  H612   . BLB G 7 .  ? 4.409   -8.079  -4.825 1.00 10.00 ? 1  BLB C H612   1 
HETATM 968 H  HO61   . BLB G 7 .  ? 5.237   -7.190  -6.870 1.00 10.00 ? 1  BLB C HO61   1 
HETATM 969 H  H60    . BLB G 7 .  ? 3.342   -6.179  -4.311 1.00 10.00 ? 1  BLB C H60    1 
HETATM 970 H  H63    . BLB G 7 .  ? 1.255   -4.063  -5.928 1.00 10.00 ? 1  BLB C H63    1 
HETATM 971 H  H57    . BLB G 7 .  ? 3.384   -3.623  -6.910 1.00 10.00 ? 1  BLB C H57    1 
HETATM 972 H  H58    . BLB G 7 .  ? 5.253   -3.512  -6.289 1.00 10.00 ? 1  BLB C H58    1 
HETATM 973 H  H59    . BLB G 7 .  ? 4.874   -5.076  -3.921 1.00 10.00 ? 1  BLB C H59    1 
HETATM 974 H  H69    . BLB G 7 .  ? 3.618   0.189   -6.693 1.00 10.00 ? 1  BLB C H69    1 
HETATM 975 H  H68    . BLB G 7 .  ? 2.091   0.482   -4.900 1.00 10.00 ? 1  BLB C H68    1 
HETATM 976 H  H67    . BLB G 7 .  ? -0.172  0.731   -6.883 1.00 10.00 ? 1  BLB C H67    1 
HETATM 977 H  H65    . BLB G 7 .  ? 0.337   -1.579  -4.983 1.00 10.00 ? 1  BLB C H65    1 
HETATM 978 H  H64    . BLB G 7 .  ? 2.827   -2.085  -7.576 1.00 10.00 ? 1  BLB C H64    1 
HETATM 979 H  HO67   . BLB G 7 .  ? -0.088  1.621   -4.534 1.00 10.00 ? 1  BLB C HO67   1 
HETATM 980 H  HO69   . BLB G 7 .  ? 2.222   1.398   -8.146 1.00 10.00 ? 1  BLB C HO69   1 
HETATM 981 H  HNQ1   . BLB G 7 .  ? 3.140   4.458   -5.446 1.00 10.00 ? 1  BLB C HNQ1   1 
HETATM 982 H  HNQ2   . BLB G 7 .  ? 1.621   4.984   -4.871 1.00 10.00 ? 1  BLB C HNQ2   1 
HETATM 983 H  HO66   . BLB G 7 .  ? -1.846  -3.370  -5.778 1.00 10.00 ? 1  BLB C HO66   1 
HETATM 984 H  H661   . BLB G 7 .  ? -1.767  -0.925  -7.058 1.00 10.00 ? 1  BLB C H661   1 
HETATM 985 H  H662   . BLB G 7 .  ? -2.000  -1.286  -5.372 1.00 10.00 ? 1  BLB C H662   1 
HETATM 986 O  O1     . PEO H 8 .  ? -0.473  -5.952  0.119  1.00 10.00 ? 11 PEO C O1     1 
HETATM 987 O  O2     . PEO H 8 .  ? -1.593  -5.036  0.401  1.00 10.00 ? 11 PEO C O2     1 
HETATM 988 H  HO2    . PEO H 8 .  ? -1.904  -5.127  1.303  1.00 10.00 ? 11 PEO C HO2    1 
# 
